data_5GHA
#
_entry.id   5GHA
#
_cell.length_a   54.139
_cell.length_b   93.873
_cell.length_c   97.532
_cell.angle_alpha   109.21
_cell.angle_beta   104.57
_cell.angle_gamma   106.86
#
_symmetry.space_group_name_H-M   'P 1'
#
loop_
_entity.id
_entity.type
_entity.pdbx_description
1 polymer 'Sulfur Transferase TtuA'
2 polymer 'Sulfur Carrier TtuB'
3 non-polymer 'ZINC ION'
4 non-polymer 'SULFATE ION'
5 non-polymer 1,2-ETHANEDIOL
6 water water
#
loop_
_entity_poly.entity_id
_entity_poly.type
_entity_poly.pdbx_seq_one_letter_code
_entity_poly.pdbx_strand_id
1 'polypeptide(L)'
;MVCKVCGQKAQVEMRSRGLALCREHYLDWFVKETERAIRRHRMLLPGERVLVAVSGGKDSLALWDVLSRLGYQAVGLHIE
LGIGEYSKRSLEVTQAFARERGLELLVVDLKEAYGFGVPELARLSGRVACSACGLSKRYIINQVAVEEGFRVVATGHNLD
DEAAVLFGNLLNPQEETLSRQGPVLPEKPGLAARVKPFYRFSEREVLSYTLLRGIRYLHEECPNAKGAKSLLYKEALNLV
ERSMPGAKLRFLDGFLEKIRPRLDVGEEVALRECERCGYPTTGAVCAFCRMWDAVYRRAKKRKLLPEEVSFRPRVKPLRA
G
;
A,D,B,C
2 'polypeptide(L)'
;MGSSHHHHHHSSGLVPRGSHMRVVLRLPERKEVEVKGNRPLREVLEELGLNPETVVAVRGEELLTLEDEVREEDTLEVLS
AISGC
;
E,H,F,G
#
loop_
_chem_comp.id
_chem_comp.type
_chem_comp.name
_chem_comp.formula
EDO non-polymer 1,2-ETHANEDIOL 'C2 H6 O2'
SO4 non-polymer 'SULFATE ION' 'O4 S -2'
ZN non-polymer 'ZINC ION' 'Zn 2'
#
# COMPACT_ATOMS: atom_id res chain seq x y z
N VAL A 2 -20.72 -45.61 12.36
CA VAL A 2 -21.95 -45.63 13.15
C VAL A 2 -22.54 -44.23 13.30
N CYS A 3 -23.81 -44.10 12.96
CA CYS A 3 -24.51 -42.81 13.03
C CYS A 3 -24.67 -42.35 14.49
N LYS A 4 -24.32 -41.09 14.73
CA LYS A 4 -24.35 -40.55 16.09
C LYS A 4 -25.75 -40.18 16.58
N VAL A 5 -26.75 -40.38 15.73
CA VAL A 5 -28.12 -40.01 16.09
C VAL A 5 -29.00 -41.23 16.34
N CYS A 6 -28.84 -42.26 15.52
CA CYS A 6 -29.71 -43.44 15.62
C CYS A 6 -28.92 -44.74 15.75
N GLY A 7 -27.60 -44.66 15.64
CA GLY A 7 -26.75 -45.81 15.83
C GLY A 7 -26.65 -46.74 14.63
N GLN A 8 -27.42 -46.44 13.58
CA GLN A 8 -27.40 -47.27 12.38
C GLN A 8 -26.13 -47.03 11.58
N LYS A 9 -25.96 -47.81 10.51
CA LYS A 9 -24.74 -47.75 9.70
C LYS A 9 -24.58 -46.38 9.04
N ALA A 10 -23.46 -45.72 9.32
CA ALA A 10 -23.17 -44.42 8.76
C ALA A 10 -22.74 -44.52 7.31
N GLN A 11 -23.27 -43.63 6.47
CA GLN A 11 -22.89 -43.61 5.06
C GLN A 11 -21.86 -42.50 4.79
N VAL A 12 -21.73 -41.58 5.75
CA VAL A 12 -20.72 -40.54 5.67
C VAL A 12 -19.95 -40.44 6.98
N GLU A 13 -18.63 -40.45 6.91
CA GLU A 13 -17.79 -40.27 8.08
C GLU A 13 -16.92 -39.03 7.93
N MET A 14 -16.93 -38.17 8.95
CA MET A 14 -16.20 -36.91 8.90
C MET A 14 -15.22 -36.80 10.08
N ARG A 15 -13.99 -37.27 9.86
CA ARG A 15 -12.95 -37.23 10.87
C ARG A 15 -12.70 -35.81 11.39
N SER A 16 -12.74 -34.84 10.47
CA SER A 16 -12.47 -33.46 10.80
C SER A 16 -13.49 -32.88 11.79
N ARG A 17 -14.65 -33.51 11.87
CA ARG A 17 -15.70 -33.07 12.78
C ARG A 17 -15.95 -34.08 13.87
N GLY A 18 -15.36 -35.27 13.73
CA GLY A 18 -15.62 -36.38 14.65
C GLY A 18 -17.06 -36.81 14.55
N LEU A 19 -17.58 -36.85 13.33
CA LEU A 19 -19.01 -37.04 13.10
C LEU A 19 -19.28 -38.08 12.01
N ALA A 20 -20.13 -39.05 12.34
CA ALA A 20 -20.56 -40.06 11.38
C ALA A 20 -22.08 -40.16 11.40
N LEU A 21 -22.70 -40.22 10.21
CA LEU A 21 -24.16 -40.17 10.11
C LEU A 21 -24.71 -41.10 9.05
N CYS A 22 -25.95 -41.52 9.24
CA CYS A 22 -26.66 -42.29 8.22
C CYS A 22 -27.23 -41.33 7.17
N ARG A 23 -27.72 -41.88 6.06
CA ARG A 23 -28.23 -41.07 4.96
C ARG A 23 -29.24 -40.03 5.40
N GLU A 24 -30.29 -40.47 6.11
CA GLU A 24 -31.36 -39.59 6.55
C GLU A 24 -30.86 -38.44 7.41
N HIS A 25 -30.02 -38.74 8.39
CA HIS A 25 -29.56 -37.74 9.33
C HIS A 25 -28.40 -36.91 8.81
N TYR A 26 -27.75 -37.39 7.75
CA TYR A 26 -26.71 -36.59 7.10
C TYR A 26 -27.35 -35.48 6.28
N LEU A 27 -28.41 -35.83 5.55
CA LEU A 27 -29.18 -34.86 4.78
C LEU A 27 -29.74 -33.79 5.70
N ASP A 28 -30.19 -34.21 6.88
CA ASP A 28 -30.76 -33.30 7.86
C ASP A 28 -29.69 -32.38 8.43
N TRP A 29 -28.54 -32.96 8.78
CA TRP A 29 -27.42 -32.20 9.32
C TRP A 29 -26.88 -31.20 8.30
N PHE A 30 -26.76 -31.64 7.06
CA PHE A 30 -26.23 -30.81 5.99
C PHE A 30 -27.10 -29.58 5.77
N VAL A 31 -28.41 -29.80 5.70
CA VAL A 31 -29.38 -28.73 5.51
C VAL A 31 -29.39 -27.76 6.69
N LYS A 32 -29.31 -28.30 7.91
CA LYS A 32 -29.28 -27.47 9.11
C LYS A 32 -27.98 -26.67 9.22
N GLU A 33 -26.88 -27.27 8.79
CA GLU A 33 -25.58 -26.61 8.88
C GLU A 33 -25.46 -25.51 7.84
N THR A 34 -26.24 -25.62 6.76
CA THR A 34 -26.27 -24.58 5.75
C THR A 34 -26.96 -23.33 6.31
N GLU A 35 -28.08 -23.55 7.00
CA GLU A 35 -28.83 -22.45 7.60
C GLU A 35 -28.02 -21.77 8.70
N ARG A 36 -27.27 -22.58 9.46
CA ARG A 36 -26.41 -22.04 10.51
C ARG A 36 -25.41 -21.05 9.92
N ALA A 37 -24.77 -21.44 8.83
CA ALA A 37 -23.81 -20.59 8.15
C ALA A 37 -24.48 -19.34 7.59
N ILE A 38 -25.74 -19.48 7.16
CA ILE A 38 -26.47 -18.39 6.56
C ILE A 38 -26.82 -17.30 7.58
N ARG A 39 -27.36 -17.70 8.73
CA ARG A 39 -27.71 -16.72 9.75
C ARG A 39 -26.47 -16.16 10.47
N ARG A 40 -25.47 -17.01 10.71
CA ARG A 40 -24.27 -16.57 11.42
C ARG A 40 -23.53 -15.47 10.67
N HIS A 41 -23.68 -15.45 9.35
CA HIS A 41 -22.99 -14.46 8.54
C HIS A 41 -23.96 -13.46 7.90
N ARG A 42 -25.23 -13.56 8.27
CA ARG A 42 -26.28 -12.66 7.79
C ARG A 42 -26.27 -12.60 6.26
N MET A 43 -26.18 -13.77 5.63
CA MET A 43 -26.15 -13.86 4.18
C MET A 43 -27.51 -13.52 3.57
N LEU A 44 -28.56 -14.09 4.15
CA LEU A 44 -29.91 -13.94 3.62
C LEU A 44 -30.92 -13.67 4.71
N LEU A 45 -31.99 -12.96 4.37
CA LEU A 45 -33.15 -12.83 5.25
C LEU A 45 -34.05 -14.04 5.01
N PRO A 46 -34.67 -14.57 6.07
CA PRO A 46 -35.54 -15.74 5.96
C PRO A 46 -36.61 -15.60 4.87
N GLY A 47 -36.54 -16.45 3.85
CA GLY A 47 -37.54 -16.46 2.79
C GLY A 47 -37.30 -15.45 1.67
N GLU A 48 -36.16 -14.76 1.74
CA GLU A 48 -35.82 -13.71 0.78
C GLU A 48 -35.61 -14.28 -0.61
N ARG A 49 -35.84 -13.46 -1.63
CA ARG A 49 -35.48 -13.83 -3.01
C ARG A 49 -33.97 -13.83 -3.13
N VAL A 50 -33.43 -14.85 -3.80
CA VAL A 50 -32.00 -14.97 -3.99
C VAL A 50 -31.71 -15.60 -5.35
N LEU A 51 -30.78 -15.01 -6.09
CA LEU A 51 -30.38 -15.53 -7.38
C LEU A 51 -29.22 -16.51 -7.22
N VAL A 52 -29.43 -17.75 -7.64
CA VAL A 52 -28.43 -18.80 -7.46
C VAL A 52 -27.80 -19.20 -8.80
N ALA A 53 -26.48 -19.07 -8.88
CA ALA A 53 -25.75 -19.47 -10.07
C ALA A 53 -25.74 -20.99 -10.17
N VAL A 54 -26.24 -21.52 -11.29
CA VAL A 54 -26.31 -22.97 -11.45
C VAL A 54 -25.76 -23.40 -12.82
N SER A 55 -24.78 -24.30 -12.78
CA SER A 55 -24.13 -24.78 -13.98
C SER A 55 -24.50 -26.23 -14.25
N GLY A 56 -25.04 -26.90 -13.23
CA GLY A 56 -25.41 -28.29 -13.33
C GLY A 56 -24.48 -29.18 -12.54
N GLY A 57 -23.36 -28.61 -12.10
CA GLY A 57 -22.40 -29.32 -11.29
C GLY A 57 -22.94 -29.70 -9.93
N LYS A 58 -22.23 -30.58 -9.23
CA LYS A 58 -22.68 -31.12 -7.95
C LYS A 58 -22.90 -30.06 -6.88
N ASP A 59 -22.13 -28.97 -6.95
CA ASP A 59 -22.19 -27.94 -5.92
C ASP A 59 -23.38 -26.99 -6.08
N SER A 60 -23.55 -26.45 -7.28
CA SER A 60 -24.61 -25.48 -7.54
C SER A 60 -26.01 -26.10 -7.44
N LEU A 61 -26.13 -27.38 -7.79
CA LEU A 61 -27.42 -28.05 -7.72
C LEU A 61 -27.77 -28.42 -6.27
N ALA A 62 -26.76 -28.82 -5.51
CA ALA A 62 -26.96 -29.11 -4.10
C ALA A 62 -27.40 -27.84 -3.38
N LEU A 63 -26.76 -26.72 -3.73
CA LEU A 63 -27.07 -25.44 -3.12
C LEU A 63 -28.48 -25.00 -3.46
N TRP A 64 -28.85 -25.16 -4.73
CA TRP A 64 -30.19 -24.80 -5.18
C TRP A 64 -31.23 -25.62 -4.43
N ASP A 65 -30.93 -26.90 -4.24
CA ASP A 65 -31.80 -27.80 -3.50
C ASP A 65 -31.96 -27.37 -2.04
N VAL A 66 -30.85 -27.11 -1.37
CA VAL A 66 -30.86 -26.75 0.04
C VAL A 66 -31.59 -25.44 0.32
N LEU A 67 -31.28 -24.40 -0.47
CA LEU A 67 -31.90 -23.09 -0.30
C LEU A 67 -33.41 -23.17 -0.48
N SER A 68 -33.85 -24.01 -1.41
CA SER A 68 -35.26 -24.23 -1.65
C SER A 68 -35.94 -24.85 -0.44
N ARG A 69 -35.32 -25.91 0.09
CA ARG A 69 -35.86 -26.61 1.26
C ARG A 69 -35.93 -25.70 2.48
N LEU A 70 -34.98 -24.79 2.58
CA LEU A 70 -34.91 -23.86 3.70
C LEU A 70 -35.94 -22.73 3.57
N GLY A 71 -36.70 -22.75 2.47
CA GLY A 71 -37.80 -21.82 2.29
C GLY A 71 -37.42 -20.49 1.66
N TYR A 72 -36.30 -20.46 0.94
CA TYR A 72 -35.92 -19.27 0.21
C TYR A 72 -36.50 -19.29 -1.19
N GLN A 73 -36.81 -18.10 -1.71
CA GLN A 73 -37.21 -18.00 -3.11
C GLN A 73 -35.96 -18.07 -3.98
N ALA A 74 -35.49 -19.29 -4.21
CA ALA A 74 -34.23 -19.50 -4.90
C ALA A 74 -34.45 -19.64 -6.40
N VAL A 75 -34.08 -18.60 -7.14
CA VAL A 75 -34.18 -18.62 -8.58
C VAL A 75 -32.81 -18.86 -9.18
N GLY A 76 -32.73 -19.83 -10.10
CA GLY A 76 -31.47 -20.20 -10.68
C GLY A 76 -31.14 -19.44 -11.96
N LEU A 77 -29.87 -19.13 -12.13
CA LEU A 77 -29.38 -18.54 -13.37
C LEU A 77 -28.33 -19.44 -14.01
N HIS A 78 -28.64 -19.94 -15.20
CA HIS A 78 -27.66 -20.71 -15.95
C HIS A 78 -27.14 -19.90 -17.12
N ILE A 79 -25.83 -19.91 -17.29
CA ILE A 79 -25.22 -19.21 -18.41
C ILE A 79 -24.67 -20.21 -19.43
N GLU A 80 -25.35 -20.31 -20.56
CA GLU A 80 -24.91 -21.14 -21.68
C GLU A 80 -23.64 -20.55 -22.28
N LEU A 81 -22.51 -21.24 -22.07
CA LEU A 81 -21.20 -20.69 -22.40
C LEU A 81 -20.75 -20.99 -23.82
N GLY A 82 -21.37 -22.00 -24.45
CA GLY A 82 -21.02 -22.35 -25.82
C GLY A 82 -19.71 -23.10 -25.94
N ILE A 83 -19.45 -23.99 -24.99
CA ILE A 83 -18.27 -24.84 -25.04
C ILE A 83 -18.66 -26.27 -25.43
N GLY A 84 -18.85 -26.48 -26.72
CA GLY A 84 -19.14 -27.80 -27.27
C GLY A 84 -20.26 -28.56 -26.59
N GLU A 85 -20.06 -29.88 -26.45
CA GLU A 85 -21.05 -30.75 -25.86
C GLU A 85 -21.17 -30.55 -24.35
N TYR A 86 -20.11 -30.03 -23.75
CA TYR A 86 -20.11 -29.74 -22.31
C TYR A 86 -21.20 -28.73 -21.97
N SER A 87 -21.18 -27.59 -22.64
CA SER A 87 -22.14 -26.53 -22.41
C SER A 87 -23.57 -26.98 -22.72
N LYS A 88 -23.71 -27.84 -23.73
CA LYS A 88 -25.02 -28.37 -24.09
C LYS A 88 -25.56 -29.27 -22.98
N ARG A 89 -24.69 -30.10 -22.41
CA ARG A 89 -25.10 -31.02 -21.37
C ARG A 89 -25.27 -30.32 -20.02
N SER A 90 -24.53 -29.24 -19.81
CA SER A 90 -24.68 -28.44 -18.59
C SER A 90 -26.09 -27.89 -18.50
N LEU A 91 -26.56 -27.31 -19.61
CA LEU A 91 -27.90 -26.74 -19.69
C LEU A 91 -28.96 -27.82 -19.50
N GLU A 92 -28.81 -28.93 -20.22
CA GLU A 92 -29.76 -30.04 -20.16
C GLU A 92 -29.91 -30.56 -18.73
N VAL A 93 -28.79 -30.74 -18.04
CA VAL A 93 -28.80 -31.17 -16.65
C VAL A 93 -29.47 -30.13 -15.76
N THR A 94 -29.07 -28.87 -15.94
CA THR A 94 -29.61 -27.79 -15.13
C THR A 94 -31.11 -27.60 -15.33
N GLN A 95 -31.56 -27.68 -16.58
CA GLN A 95 -32.97 -27.55 -16.91
C GLN A 95 -33.79 -28.69 -16.32
N ALA A 96 -33.24 -29.91 -16.44
CA ALA A 96 -33.89 -31.10 -15.90
C ALA A 96 -34.15 -30.95 -14.41
N PHE A 97 -33.15 -30.49 -13.68
CA PHE A 97 -33.26 -30.26 -12.25
C PHE A 97 -34.39 -29.29 -11.92
N ALA A 98 -34.47 -28.19 -12.66
CA ALA A 98 -35.48 -27.16 -12.42
C ALA A 98 -36.88 -27.68 -12.70
N ARG A 99 -37.05 -28.37 -13.81
CA ARG A 99 -38.36 -28.92 -14.20
C ARG A 99 -38.88 -29.91 -13.17
N GLU A 100 -38.05 -30.89 -12.83
CA GLU A 100 -38.45 -31.98 -11.94
C GLU A 100 -38.75 -31.51 -10.51
N ARG A 101 -38.44 -30.25 -10.22
CA ARG A 101 -38.67 -29.70 -8.89
C ARG A 101 -39.51 -28.42 -8.95
N GLY A 102 -39.93 -28.05 -10.16
CA GLY A 102 -40.75 -26.88 -10.36
C GLY A 102 -40.08 -25.60 -9.88
N LEU A 103 -38.81 -25.44 -10.21
CA LEU A 103 -38.06 -24.25 -9.83
C LEU A 103 -37.83 -23.35 -11.04
N GLU A 104 -37.83 -22.04 -10.80
CA GLU A 104 -37.65 -21.09 -11.88
C GLU A 104 -36.20 -21.04 -12.34
N LEU A 105 -36.00 -21.13 -13.65
CA LEU A 105 -34.66 -21.06 -14.23
C LEU A 105 -34.53 -19.92 -15.22
N LEU A 106 -33.57 -19.03 -14.97
CA LEU A 106 -33.25 -17.98 -15.93
C LEU A 106 -32.04 -18.40 -16.75
N VAL A 107 -32.09 -18.18 -18.05
CA VAL A 107 -31.01 -18.60 -18.93
C VAL A 107 -30.49 -17.45 -19.78
N VAL A 108 -29.19 -17.23 -19.71
CA VAL A 108 -28.52 -16.27 -20.58
C VAL A 108 -27.56 -16.99 -21.51
N ASP A 109 -27.89 -17.03 -22.79
CA ASP A 109 -27.02 -17.65 -23.78
C ASP A 109 -25.93 -16.66 -24.18
N LEU A 110 -24.69 -17.00 -23.90
CA LEU A 110 -23.57 -16.12 -24.18
C LEU A 110 -23.46 -15.79 -25.66
N LYS A 111 -23.59 -16.81 -26.51
CA LYS A 111 -23.45 -16.65 -27.95
C LYS A 111 -24.57 -15.81 -28.54
N GLU A 112 -25.79 -16.01 -28.05
CA GLU A 112 -26.94 -15.26 -28.56
C GLU A 112 -26.89 -13.80 -28.11
N ALA A 113 -26.23 -13.54 -26.98
CA ALA A 113 -26.18 -12.20 -26.42
C ALA A 113 -25.11 -11.35 -27.07
N TYR A 114 -23.87 -11.85 -27.10
CA TYR A 114 -22.74 -11.04 -27.53
C TYR A 114 -22.14 -11.51 -28.85
N GLY A 115 -22.50 -12.70 -29.29
CA GLY A 115 -22.07 -13.19 -30.60
C GLY A 115 -21.07 -14.33 -30.57
N PHE A 116 -20.46 -14.56 -29.41
CA PHE A 116 -19.40 -15.57 -29.31
C PHE A 116 -19.48 -16.39 -28.02
N GLY A 117 -19.22 -17.67 -28.15
CA GLY A 117 -19.07 -18.53 -26.99
C GLY A 117 -17.70 -18.33 -26.38
N VAL A 118 -17.44 -18.98 -25.24
CA VAL A 118 -16.16 -18.86 -24.56
C VAL A 118 -14.93 -19.22 -25.42
N PRO A 119 -14.97 -20.34 -26.18
CA PRO A 119 -13.78 -20.67 -26.98
C PRO A 119 -13.32 -19.56 -27.93
N GLU A 120 -14.26 -18.97 -28.65
CA GLU A 120 -13.92 -17.86 -29.54
C GLU A 120 -13.70 -16.58 -28.75
N LEU A 121 -14.37 -16.47 -27.61
CA LEU A 121 -14.14 -15.35 -26.69
C LEU A 121 -12.68 -15.38 -26.23
N ALA A 122 -12.14 -16.59 -26.09
CA ALA A 122 -10.76 -16.77 -25.67
C ALA A 122 -9.78 -16.32 -26.77
N ARG A 123 -10.01 -16.80 -27.99
CA ARG A 123 -9.14 -16.47 -29.12
C ARG A 123 -9.14 -14.98 -29.44
N LEU A 124 -10.32 -14.35 -29.41
CA LEU A 124 -10.46 -12.96 -29.86
C LEU A 124 -10.11 -11.93 -28.81
N SER A 125 -10.20 -12.28 -27.53
CA SER A 125 -9.94 -11.32 -26.48
C SER A 125 -8.46 -11.27 -26.12
N GLY A 126 -7.69 -12.23 -26.61
CA GLY A 126 -6.29 -12.33 -26.27
C GLY A 126 -6.12 -12.67 -24.80
N ARG A 127 -7.02 -13.50 -24.29
CA ARG A 127 -7.07 -13.82 -22.87
C ARG A 127 -7.32 -15.31 -22.67
N VAL A 128 -6.79 -15.85 -21.57
CA VAL A 128 -6.98 -17.25 -21.20
C VAL A 128 -8.47 -17.57 -21.10
N ALA A 129 -8.82 -18.81 -21.46
CA ALA A 129 -10.21 -19.26 -21.45
C ALA A 129 -10.88 -19.06 -20.09
N CYS A 130 -10.22 -19.50 -19.02
CA CYS A 130 -10.78 -19.38 -17.68
C CYS A 130 -11.00 -17.92 -17.27
N SER A 131 -10.04 -17.07 -17.62
CA SER A 131 -10.13 -15.65 -17.29
C SER A 131 -11.28 -14.99 -18.04
N ALA A 132 -11.41 -15.32 -19.33
CA ALA A 132 -12.50 -14.80 -20.14
C ALA A 132 -13.84 -15.38 -19.66
N CYS A 133 -13.82 -16.65 -19.28
CA CYS A 133 -15.02 -17.33 -18.80
C CYS A 133 -15.48 -16.77 -17.46
N GLY A 134 -14.54 -16.62 -16.53
CA GLY A 134 -14.84 -16.13 -15.20
C GLY A 134 -15.36 -14.71 -15.20
N LEU A 135 -14.78 -13.86 -16.03
CA LEU A 135 -15.18 -12.46 -16.09
C LEU A 135 -16.60 -12.31 -16.64
N SER A 136 -16.93 -13.11 -17.65
CA SER A 136 -18.27 -13.10 -18.21
C SER A 136 -19.29 -13.57 -17.19
N LYS A 137 -18.98 -14.66 -16.49
CA LYS A 137 -19.87 -15.20 -15.48
C LYS A 137 -20.10 -14.21 -14.34
N ARG A 138 -19.05 -13.53 -13.91
CA ARG A 138 -19.18 -12.57 -12.82
C ARG A 138 -20.05 -11.38 -13.23
N TYR A 139 -19.81 -10.85 -14.42
CA TYR A 139 -20.55 -9.69 -14.90
C TYR A 139 -22.02 -9.99 -15.15
N ILE A 140 -22.30 -11.08 -15.86
CA ILE A 140 -23.66 -11.40 -16.27
C ILE A 140 -24.54 -11.75 -15.07
N ILE A 141 -24.00 -12.55 -14.16
CA ILE A 141 -24.69 -12.91 -12.92
C ILE A 141 -25.13 -11.66 -12.17
N ASN A 142 -24.20 -10.70 -12.05
CA ASN A 142 -24.51 -9.45 -11.38
C ASN A 142 -25.55 -8.64 -12.14
N GLN A 143 -25.45 -8.64 -13.47
CA GLN A 143 -26.37 -7.88 -14.30
C GLN A 143 -27.81 -8.36 -14.14
N VAL A 144 -27.99 -9.67 -14.22
CA VAL A 144 -29.31 -10.27 -14.09
C VAL A 144 -29.89 -10.02 -12.70
N ALA A 145 -29.04 -10.07 -11.68
CA ALA A 145 -29.47 -9.81 -10.31
C ALA A 145 -29.94 -8.38 -10.13
N VAL A 146 -29.19 -7.43 -10.66
CA VAL A 146 -29.55 -6.02 -10.59
C VAL A 146 -30.84 -5.75 -11.36
N GLU A 147 -30.90 -6.26 -12.59
CA GLU A 147 -32.06 -6.04 -13.45
C GLU A 147 -33.34 -6.67 -12.90
N GLU A 148 -33.21 -7.82 -12.24
CA GLU A 148 -34.39 -8.54 -11.75
C GLU A 148 -34.67 -8.26 -10.27
N GLY A 149 -34.04 -7.22 -9.74
CA GLY A 149 -34.29 -6.79 -8.37
C GLY A 149 -33.90 -7.78 -7.29
N PHE A 150 -32.90 -8.61 -7.56
CA PHE A 150 -32.34 -9.49 -6.54
C PHE A 150 -31.32 -8.74 -5.69
N ARG A 151 -31.47 -8.83 -4.38
CA ARG A 151 -30.51 -8.20 -3.47
C ARG A 151 -29.23 -9.03 -3.38
N VAL A 152 -29.39 -10.35 -3.34
CA VAL A 152 -28.27 -11.25 -3.09
C VAL A 152 -28.09 -12.32 -4.15
N VAL A 153 -26.84 -12.56 -4.52
CA VAL A 153 -26.48 -13.69 -5.36
C VAL A 153 -25.78 -14.75 -4.51
N ALA A 154 -26.16 -16.02 -4.71
CA ALA A 154 -25.49 -17.12 -4.03
C ALA A 154 -24.80 -18.04 -5.02
N THR A 155 -23.57 -18.44 -4.69
CA THR A 155 -22.84 -19.41 -5.50
C THR A 155 -22.44 -20.60 -4.63
N GLY A 156 -22.09 -21.71 -5.28
CA GLY A 156 -21.89 -22.96 -4.56
C GLY A 156 -20.47 -23.24 -4.08
N HIS A 157 -19.62 -22.21 -4.05
CA HIS A 157 -18.24 -22.36 -3.61
C HIS A 157 -18.15 -23.00 -2.22
N ASN A 158 -17.32 -24.04 -2.12
CA ASN A 158 -17.20 -24.80 -0.89
C ASN A 158 -15.87 -24.56 -0.17
N LEU A 159 -15.62 -25.32 0.90
CA LEU A 159 -14.43 -25.12 1.73
C LEU A 159 -13.13 -25.28 0.94
N ASP A 160 -13.07 -26.33 0.11
CA ASP A 160 -11.87 -26.55 -0.71
C ASP A 160 -11.66 -25.38 -1.65
N ASP A 161 -12.73 -24.94 -2.30
CA ASP A 161 -12.68 -23.80 -3.20
C ASP A 161 -12.13 -22.56 -2.51
N GLU A 162 -12.76 -22.18 -1.40
CA GLU A 162 -12.41 -20.97 -0.68
C GLU A 162 -11.03 -21.02 -0.01
N ALA A 163 -10.68 -22.18 0.54
CA ALA A 163 -9.37 -22.36 1.15
C ALA A 163 -8.28 -22.23 0.09
N ALA A 164 -8.52 -22.81 -1.08
CA ALA A 164 -7.57 -22.74 -2.19
C ALA A 164 -7.34 -21.29 -2.64
N VAL A 165 -8.41 -20.51 -2.69
CA VAL A 165 -8.31 -19.10 -3.10
C VAL A 165 -7.49 -18.30 -2.07
N LEU A 166 -7.81 -18.49 -0.79
CA LEU A 166 -7.06 -17.83 0.28
C LEU A 166 -5.59 -18.20 0.20
N PHE A 167 -5.31 -19.49 0.02
CA PHE A 167 -3.95 -19.99 -0.11
C PHE A 167 -3.29 -19.38 -1.35
N GLY A 168 -4.07 -19.27 -2.42
CA GLY A 168 -3.58 -18.68 -3.66
C GLY A 168 -3.23 -17.21 -3.49
N ASN A 169 -3.99 -16.52 -2.66
CA ASN A 169 -3.69 -15.13 -2.33
C ASN A 169 -2.34 -14.99 -1.66
N LEU A 170 -2.11 -15.79 -0.64
CA LEU A 170 -0.86 -15.77 0.13
C LEU A 170 0.33 -16.16 -0.74
N LEU A 171 0.13 -17.16 -1.60
CA LEU A 171 1.19 -17.63 -2.48
C LEU A 171 1.54 -16.60 -3.57
N ASN A 172 0.57 -15.77 -3.93
CA ASN A 172 0.80 -14.73 -4.94
C ASN A 172 0.28 -13.36 -4.48
N PRO A 173 1.01 -12.72 -3.56
CA PRO A 173 0.61 -11.39 -3.08
C PRO A 173 0.81 -10.32 -4.14
N GLY A 182 -14.15 -12.98 0.83
CA GLY A 182 -14.54 -14.14 1.60
C GLY A 182 -15.89 -14.71 1.19
N PRO A 183 -16.65 -15.22 2.19
CA PRO A 183 -17.95 -15.88 1.97
C PRO A 183 -19.10 -14.89 1.88
N VAL A 184 -18.91 -13.67 2.35
CA VAL A 184 -19.93 -12.64 2.30
C VAL A 184 -19.37 -11.32 1.76
N LEU A 185 -19.88 -10.91 0.61
CA LEU A 185 -19.49 -9.63 0.02
C LEU A 185 -20.70 -8.70 -0.01
N PRO A 186 -20.59 -7.54 0.65
CA PRO A 186 -21.72 -6.61 0.84
C PRO A 186 -22.23 -6.05 -0.49
N GLU A 187 -23.52 -5.71 -0.52
CA GLU A 187 -24.10 -5.11 -1.71
C GLU A 187 -23.69 -3.64 -1.82
N LYS A 188 -23.52 -3.18 -3.05
CA LYS A 188 -23.17 -1.79 -3.33
C LYS A 188 -24.04 -1.29 -4.49
N PRO A 189 -24.03 0.03 -4.75
CA PRO A 189 -24.83 0.48 -5.89
C PRO A 189 -24.38 -0.14 -7.20
N GLY A 190 -25.31 -0.82 -7.89
CA GLY A 190 -24.99 -1.54 -9.10
C GLY A 190 -24.34 -2.89 -8.84
N LEU A 191 -24.31 -3.29 -7.57
CA LEU A 191 -23.61 -4.51 -7.19
C LEU A 191 -24.39 -5.34 -6.17
N ALA A 192 -24.96 -6.45 -6.63
CA ALA A 192 -25.70 -7.35 -5.75
C ALA A 192 -24.76 -8.02 -4.74
N ALA A 193 -25.32 -8.37 -3.59
CA ALA A 193 -24.55 -9.08 -2.56
C ALA A 193 -24.18 -10.47 -3.06
N ARG A 194 -23.00 -10.93 -2.68
CA ARG A 194 -22.52 -12.25 -3.08
C ARG A 194 -22.22 -13.12 -1.86
N VAL A 195 -22.94 -14.23 -1.74
CA VAL A 195 -22.79 -15.11 -0.59
C VAL A 195 -22.47 -16.54 -0.98
N LYS A 196 -21.71 -17.23 -0.12
CA LYS A 196 -21.32 -18.61 -0.34
C LYS A 196 -21.68 -19.49 0.85
N PRO A 197 -22.94 -19.96 0.90
CA PRO A 197 -23.45 -20.73 2.04
C PRO A 197 -22.72 -22.06 2.31
N PHE A 198 -21.98 -22.56 1.33
CA PHE A 198 -21.30 -23.85 1.48
C PHE A 198 -19.83 -23.73 1.86
N TYR A 199 -19.39 -22.54 2.22
CA TYR A 199 -17.95 -22.28 2.39
C TYR A 199 -17.30 -23.07 3.53
N ARG A 200 -18.10 -23.79 4.31
CA ARG A 200 -17.56 -24.62 5.39
C ARG A 200 -17.70 -26.11 5.08
N PHE A 201 -18.21 -26.41 3.90
CA PHE A 201 -18.37 -27.79 3.46
C PHE A 201 -17.23 -28.20 2.55
N SER A 202 -16.60 -29.35 2.84
CA SER A 202 -15.59 -29.89 1.94
C SER A 202 -16.27 -30.40 0.68
N GLU A 203 -15.50 -30.53 -0.40
CA GLU A 203 -16.05 -31.02 -1.66
C GLU A 203 -16.65 -32.40 -1.48
N ARG A 204 -16.00 -33.24 -0.68
CA ARG A 204 -16.50 -34.58 -0.42
C ARG A 204 -17.86 -34.55 0.27
N GLU A 205 -18.01 -33.63 1.22
CA GLU A 205 -19.26 -33.54 1.98
C GLU A 205 -20.42 -33.07 1.11
N VAL A 206 -20.15 -32.11 0.22
CA VAL A 206 -21.18 -31.62 -0.70
C VAL A 206 -21.58 -32.71 -1.69
N LEU A 207 -20.59 -33.42 -2.21
CA LEU A 207 -20.84 -34.51 -3.15
C LEU A 207 -21.64 -35.63 -2.48
N SER A 208 -21.30 -35.90 -1.22
CA SER A 208 -22.03 -36.91 -0.43
C SER A 208 -23.50 -36.53 -0.31
N TYR A 209 -23.76 -35.26 -0.06
CA TYR A 209 -25.13 -34.76 0.02
C TYR A 209 -25.85 -34.91 -1.32
N THR A 210 -25.18 -34.46 -2.39
CA THR A 210 -25.75 -34.53 -3.73
C THR A 210 -26.08 -35.96 -4.12
N LEU A 211 -25.17 -36.89 -3.82
CA LEU A 211 -25.37 -38.29 -4.12
C LEU A 211 -26.51 -38.90 -3.31
N LEU A 212 -26.50 -38.65 -2.00
CA LEU A 212 -27.52 -39.20 -1.11
C LEU A 212 -28.90 -38.61 -1.38
N ARG A 213 -28.94 -37.38 -1.89
CA ARG A 213 -30.20 -36.71 -2.16
C ARG A 213 -30.83 -37.24 -3.47
N GLY A 214 -30.02 -37.88 -4.29
CA GLY A 214 -30.49 -38.40 -5.56
C GLY A 214 -30.51 -37.34 -6.65
N ILE A 215 -29.67 -36.33 -6.49
CA ILE A 215 -29.55 -35.26 -7.47
C ILE A 215 -28.66 -35.68 -8.64
N ARG A 216 -29.23 -35.71 -9.85
CA ARG A 216 -28.43 -36.00 -11.03
C ARG A 216 -27.71 -34.74 -11.50
N TYR A 217 -26.39 -34.77 -11.41
CA TYR A 217 -25.57 -33.62 -11.75
C TYR A 217 -24.67 -33.94 -12.93
N LEU A 218 -23.94 -32.93 -13.42
CA LEU A 218 -22.99 -33.15 -14.50
C LEU A 218 -21.66 -33.65 -13.95
N HIS A 219 -21.23 -34.80 -14.44
CA HIS A 219 -20.05 -35.48 -13.90
C HIS A 219 -18.73 -35.01 -14.51
N GLU A 220 -18.76 -33.94 -15.30
CA GLU A 220 -17.54 -33.43 -15.92
C GLU A 220 -17.36 -31.93 -15.66
N GLU A 221 -16.12 -31.46 -15.76
CA GLU A 221 -15.82 -30.06 -15.52
C GLU A 221 -15.37 -29.32 -16.78
N CYS A 222 -15.22 -28.00 -16.65
CA CYS A 222 -14.81 -27.14 -17.76
C CYS A 222 -13.41 -27.50 -18.26
N PRO A 223 -13.26 -27.61 -19.59
CA PRO A 223 -11.97 -27.99 -20.19
C PRO A 223 -11.08 -26.79 -20.47
N ALA A 228 -5.06 -26.33 -13.69
CA ALA A 228 -5.28 -24.98 -13.18
C ALA A 228 -4.49 -24.76 -11.89
N LYS A 229 -4.40 -23.49 -11.48
CA LYS A 229 -3.71 -23.14 -10.26
C LYS A 229 -4.44 -23.72 -9.05
N SER A 230 -5.76 -23.53 -9.01
CA SER A 230 -6.60 -23.97 -7.90
C SER A 230 -6.47 -25.46 -7.61
N LEU A 231 -6.20 -26.25 -8.66
CA LEU A 231 -6.01 -27.68 -8.48
C LEU A 231 -4.74 -27.98 -7.70
N LEU A 232 -3.69 -27.21 -7.96
CA LEU A 232 -2.45 -27.32 -7.21
C LEU A 232 -2.70 -26.92 -5.75
N TYR A 233 -3.40 -25.82 -5.57
CA TYR A 233 -3.74 -25.32 -4.24
C TYR A 233 -4.54 -26.33 -3.44
N LYS A 234 -5.62 -26.84 -4.03
CA LYS A 234 -6.44 -27.86 -3.40
C LYS A 234 -5.64 -29.11 -3.05
N GLU A 235 -4.76 -29.52 -3.96
CA GLU A 235 -3.93 -30.70 -3.76
C GLU A 235 -3.00 -30.53 -2.56
N ALA A 236 -2.38 -29.36 -2.46
CA ALA A 236 -1.47 -29.07 -1.37
C ALA A 236 -2.19 -29.08 -0.03
N LEU A 237 -3.38 -28.48 0.00
CA LEU A 237 -4.16 -28.38 1.22
C LEU A 237 -4.75 -29.73 1.62
N ASN A 238 -5.21 -30.50 0.64
CA ASN A 238 -5.77 -31.81 0.92
C ASN A 238 -4.70 -32.80 1.37
N LEU A 239 -3.46 -32.57 0.93
CA LEU A 239 -2.33 -33.33 1.42
C LEU A 239 -2.16 -33.08 2.91
N VAL A 240 -2.36 -31.83 3.32
CA VAL A 240 -2.35 -31.47 4.74
C VAL A 240 -3.56 -32.08 5.45
N GLU A 241 -4.72 -31.95 4.81
CA GLU A 241 -5.98 -32.43 5.37
C GLU A 241 -5.96 -33.92 5.70
N ARG A 242 -5.32 -34.70 4.83
CA ARG A 242 -5.24 -36.15 5.01
C ARG A 242 -4.56 -36.54 6.32
N SER A 243 -3.52 -35.80 6.69
CA SER A 243 -2.74 -36.11 7.89
C SER A 243 -3.19 -35.29 9.10
N MET A 244 -3.86 -34.17 8.84
CA MET A 244 -4.38 -33.32 9.90
C MET A 244 -5.82 -32.93 9.65
N PRO A 245 -6.76 -33.83 9.97
CA PRO A 245 -8.20 -33.62 9.73
C PRO A 245 -8.72 -32.32 10.35
N GLY A 246 -9.29 -31.45 9.53
CA GLY A 246 -9.86 -30.20 10.01
C GLY A 246 -8.99 -28.99 9.70
N ALA A 247 -7.83 -29.24 9.11
CA ALA A 247 -6.84 -28.19 8.86
C ALA A 247 -7.37 -27.10 7.91
N LYS A 248 -8.13 -27.50 6.90
CA LYS A 248 -8.67 -26.54 5.95
C LYS A 248 -9.66 -25.59 6.61
N LEU A 249 -10.51 -26.12 7.49
CA LEU A 249 -11.48 -25.30 8.18
C LEU A 249 -10.78 -24.36 9.16
N ARG A 250 -9.79 -24.86 9.88
CA ARG A 250 -9.02 -24.03 10.79
C ARG A 250 -8.28 -22.95 10.02
N PHE A 251 -7.79 -23.32 8.84
CA PHE A 251 -7.12 -22.38 7.95
C PHE A 251 -8.04 -21.22 7.56
N LEU A 252 -9.15 -21.56 6.91
CA LEU A 252 -10.08 -20.55 6.42
C LEU A 252 -10.76 -19.78 7.54
N ASP A 253 -11.24 -20.49 8.56
CA ASP A 253 -11.94 -19.85 9.67
C ASP A 253 -11.00 -18.94 10.46
N GLY A 254 -9.76 -19.40 10.63
CA GLY A 254 -8.75 -18.63 11.33
C GLY A 254 -8.50 -17.28 10.67
N PHE A 255 -8.31 -17.29 9.36
CA PHE A 255 -8.05 -16.07 8.61
C PHE A 255 -9.22 -15.08 8.71
N LEU A 256 -10.42 -15.57 8.42
CA LEU A 256 -11.61 -14.72 8.39
C LEU A 256 -11.98 -14.17 9.77
N GLU A 257 -11.71 -14.94 10.81
CA GLU A 257 -12.22 -14.62 12.14
C GLU A 257 -11.15 -14.05 13.08
N LYS A 258 -9.90 -14.42 12.85
CA LYS A 258 -8.84 -13.99 13.76
C LYS A 258 -7.82 -13.06 13.11
N ILE A 259 -7.64 -13.15 11.80
CA ILE A 259 -6.62 -12.36 11.11
C ILE A 259 -7.18 -11.12 10.42
N ARG A 260 -8.12 -11.34 9.50
CA ARG A 260 -8.69 -10.24 8.70
C ARG A 260 -9.35 -9.12 9.53
N PRO A 261 -10.06 -9.47 10.62
CA PRO A 261 -10.54 -8.37 11.47
C PRO A 261 -9.42 -7.53 12.08
N ARG A 262 -8.24 -8.12 12.22
CA ARG A 262 -7.08 -7.40 12.74
C ARG A 262 -6.34 -6.65 11.64
N LEU A 263 -6.75 -6.86 10.39
CA LEU A 263 -6.15 -6.15 9.26
C LEU A 263 -6.69 -4.73 9.16
N ASP A 264 -5.80 -3.80 8.81
CA ASP A 264 -6.19 -2.41 8.65
C ASP A 264 -7.14 -2.23 7.46
N VAL A 265 -8.16 -1.40 7.63
CA VAL A 265 -9.09 -1.12 6.55
C VAL A 265 -8.61 0.06 5.72
N GLY A 266 -8.86 0.00 4.42
CA GLY A 266 -8.44 1.06 3.52
C GLY A 266 -9.33 2.28 3.61
N VAL A 269 -11.57 3.53 -0.88
CA VAL A 269 -11.90 3.17 -2.25
C VAL A 269 -13.40 3.31 -2.51
N ALA A 270 -13.75 3.96 -3.62
CA ALA A 270 -15.14 4.05 -4.05
C ALA A 270 -15.24 3.56 -5.50
N LEU A 271 -16.33 2.86 -5.81
CA LEU A 271 -16.52 2.29 -7.13
C LEU A 271 -17.22 3.26 -8.07
N ARG A 272 -16.78 3.28 -9.33
CA ARG A 272 -17.36 4.13 -10.35
C ARG A 272 -18.44 3.42 -11.12
N GLU A 273 -19.15 4.16 -11.96
CA GLU A 273 -20.06 3.57 -12.94
C GLU A 273 -19.35 3.48 -14.28
N CYS A 274 -19.47 2.34 -14.94
CA CYS A 274 -18.87 2.18 -16.26
C CYS A 274 -19.57 3.11 -17.24
N GLU A 275 -18.81 3.89 -17.99
CA GLU A 275 -19.39 4.88 -18.87
C GLU A 275 -20.09 4.20 -20.05
N ARG A 276 -19.72 2.96 -20.33
CA ARG A 276 -20.41 2.18 -21.36
C ARG A 276 -21.73 1.61 -20.86
N CYS A 277 -21.68 0.86 -19.75
CA CYS A 277 -22.85 0.11 -19.31
C CYS A 277 -23.44 0.55 -17.97
N GLY A 278 -22.69 1.34 -17.21
CA GLY A 278 -23.19 1.87 -15.95
C GLY A 278 -23.00 0.95 -14.75
N TYR A 279 -22.23 -0.13 -14.93
CA TYR A 279 -22.01 -1.09 -13.86
C TYR A 279 -20.67 -0.82 -13.18
N PRO A 280 -20.52 -1.28 -11.91
CA PRO A 280 -19.36 -0.94 -11.08
C PRO A 280 -18.00 -1.24 -11.71
N THR A 281 -17.10 -0.27 -11.61
CA THR A 281 -15.72 -0.42 -12.07
C THR A 281 -14.83 0.57 -11.33
N THR A 282 -13.53 0.32 -11.31
CA THR A 282 -12.60 1.22 -10.66
C THR A 282 -12.15 2.34 -11.60
N GLY A 283 -12.13 2.03 -12.90
CA GLY A 283 -11.68 2.99 -13.89
C GLY A 283 -12.80 3.63 -14.69
N ALA A 284 -12.48 4.01 -15.92
CA ALA A 284 -13.43 4.69 -16.80
C ALA A 284 -14.40 3.70 -17.43
N VAL A 285 -13.86 2.59 -17.93
CA VAL A 285 -14.68 1.55 -18.55
C VAL A 285 -14.30 0.18 -17.98
N CYS A 286 -15.31 -0.60 -17.59
CA CYS A 286 -15.08 -1.88 -16.92
C CYS A 286 -14.39 -2.91 -17.80
N ALA A 287 -13.83 -3.93 -17.16
CA ALA A 287 -13.05 -4.96 -17.85
C ALA A 287 -13.90 -5.79 -18.81
N PHE A 288 -15.21 -5.83 -18.54
CA PHE A 288 -16.13 -6.62 -19.36
C PHE A 288 -16.42 -5.93 -20.69
N CYS A 289 -16.58 -4.61 -20.65
CA CYS A 289 -16.84 -3.84 -21.85
C CYS A 289 -15.57 -3.71 -22.69
N ARG A 290 -14.44 -3.48 -22.02
CA ARG A 290 -13.16 -3.39 -22.70
C ARG A 290 -12.83 -4.72 -23.40
N MET A 291 -13.25 -5.82 -22.80
CA MET A 291 -13.03 -7.14 -23.38
C MET A 291 -13.79 -7.28 -24.69
N TRP A 292 -15.11 -7.12 -24.64
CA TRP A 292 -15.95 -7.30 -25.81
C TRP A 292 -15.68 -6.28 -26.90
N ASP A 293 -15.25 -5.09 -26.50
CA ASP A 293 -14.88 -4.07 -27.47
C ASP A 293 -13.67 -4.53 -28.28
N ALA A 294 -12.72 -5.17 -27.59
CA ALA A 294 -11.55 -5.72 -28.24
C ALA A 294 -11.93 -6.92 -29.11
N VAL A 295 -12.87 -7.71 -28.61
CA VAL A 295 -13.33 -8.90 -29.33
C VAL A 295 -14.00 -8.51 -30.65
N TYR A 296 -14.86 -7.49 -30.60
CA TYR A 296 -15.54 -7.01 -31.81
C TYR A 296 -14.55 -6.42 -32.81
N ARG A 297 -13.53 -5.73 -32.32
CA ARG A 297 -12.49 -5.17 -33.16
C ARG A 297 -11.78 -6.27 -33.95
N ARG A 298 -11.31 -7.29 -33.25
CA ARG A 298 -10.59 -8.39 -33.88
C ARG A 298 -11.52 -9.29 -34.68
N ALA A 299 -12.82 -9.20 -34.42
CA ALA A 299 -13.81 -9.98 -35.17
C ALA A 299 -14.10 -9.34 -36.52
N LYS A 300 -14.20 -8.02 -36.52
CA LYS A 300 -14.46 -7.25 -37.74
C LYS A 300 -13.34 -7.45 -38.77
N LYS A 301 -12.10 -7.49 -38.30
CA LYS A 301 -10.96 -7.66 -39.18
C LYS A 301 -10.93 -9.07 -39.77
N ARG A 302 -11.42 -10.04 -39.01
CA ARG A 302 -11.53 -11.42 -39.49
C ARG A 302 -12.80 -11.61 -40.32
N LYS A 303 -13.52 -10.51 -40.55
CA LYS A 303 -14.79 -10.50 -41.28
C LYS A 303 -15.84 -11.43 -40.66
N LEU A 304 -15.68 -11.73 -39.37
CA LEU A 304 -16.67 -12.51 -38.64
C LEU A 304 -17.86 -11.64 -38.30
N LEU A 305 -17.61 -10.34 -38.24
CA LEU A 305 -18.64 -9.37 -37.87
C LEU A 305 -18.74 -8.25 -38.89
N PRO A 306 -19.97 -7.75 -39.11
CA PRO A 306 -20.21 -6.61 -39.99
C PRO A 306 -19.51 -5.35 -39.49
N GLU A 307 -18.94 -4.56 -40.39
CA GLU A 307 -18.10 -3.43 -40.03
C GLU A 307 -18.83 -2.31 -39.28
N GLU A 308 -20.15 -2.30 -39.36
CA GLU A 308 -20.92 -1.24 -38.72
C GLU A 308 -21.42 -1.62 -37.33
N VAL A 309 -21.29 -2.89 -36.94
CA VAL A 309 -21.73 -3.30 -35.61
C VAL A 309 -20.90 -2.63 -34.55
N SER A 310 -21.51 -2.40 -33.40
CA SER A 310 -20.78 -1.90 -32.24
C SER A 310 -21.33 -2.58 -31.02
N PHE A 311 -20.43 -3.03 -30.15
CA PHE A 311 -20.82 -3.64 -28.88
C PHE A 311 -21.64 -2.63 -28.08
N ARG A 312 -22.91 -2.95 -27.87
CA ARG A 312 -23.81 -2.07 -27.15
C ARG A 312 -24.47 -2.80 -25.98
N PRO A 313 -23.77 -2.86 -24.84
CA PRO A 313 -24.28 -3.53 -23.65
C PRO A 313 -25.51 -2.82 -23.09
N ARG A 314 -26.44 -3.56 -22.53
CA ARG A 314 -27.61 -2.97 -21.89
C ARG A 314 -27.16 -2.14 -20.69
N VAL A 315 -27.39 -0.84 -20.77
CA VAL A 315 -27.07 0.08 -19.68
C VAL A 315 -27.84 -0.31 -18.43
N LYS A 316 -27.17 -0.27 -17.28
CA LYS A 316 -27.82 -0.51 -16.00
C LYS A 316 -29.03 0.40 -15.84
N PRO A 317 -30.20 -0.21 -15.56
CA PRO A 317 -31.45 0.53 -15.36
C PRO A 317 -31.25 1.73 -14.44
N LEU A 318 -31.77 2.89 -14.84
CA LEU A 318 -31.51 4.15 -14.17
C LEU A 318 -32.19 4.24 -12.80
N ARG A 319 -32.61 3.09 -12.28
CA ARG A 319 -33.38 3.03 -11.05
C ARG A 319 -32.96 1.83 -10.20
N ALA A 320 -31.66 1.71 -9.94
CA ALA A 320 -31.15 0.58 -9.16
C ALA A 320 -30.06 1.03 -8.19
N VAL B 2 10.40 53.51 -12.61
CA VAL B 2 11.44 52.49 -12.55
C VAL B 2 11.26 51.51 -13.70
N CYS B 3 10.68 51.99 -14.80
CA CYS B 3 10.51 51.16 -15.99
C CYS B 3 11.86 50.72 -16.52
N LYS B 4 11.94 49.47 -16.96
CA LYS B 4 13.22 48.90 -17.39
C LYS B 4 13.64 49.41 -18.77
N VAL B 5 12.67 49.62 -19.64
CA VAL B 5 12.97 50.06 -21.01
C VAL B 5 13.33 51.55 -21.04
N CYS B 6 12.44 52.40 -20.56
CA CYS B 6 12.67 53.84 -20.54
C CYS B 6 12.69 54.37 -19.11
N GLY B 7 13.08 55.63 -18.95
CA GLY B 7 13.22 56.22 -17.63
C GLY B 7 11.93 56.43 -16.86
N GLN B 8 10.82 56.56 -17.59
CA GLN B 8 9.50 56.86 -17.01
C GLN B 8 9.12 55.92 -15.87
N LYS B 9 8.26 56.40 -14.97
CA LYS B 9 7.77 55.59 -13.86
C LYS B 9 7.05 54.33 -14.32
N ALA B 10 7.29 53.23 -13.64
CA ALA B 10 6.64 51.96 -13.95
C ALA B 10 5.23 51.91 -13.35
N GLN B 11 4.32 51.24 -14.05
CA GLN B 11 2.95 51.07 -13.55
C GLN B 11 2.68 49.63 -13.13
N VAL B 12 3.53 48.71 -13.57
CA VAL B 12 3.42 47.31 -13.15
C VAL B 12 4.76 46.76 -12.67
N GLU B 13 4.81 46.32 -11.42
CA GLU B 13 6.03 45.74 -10.86
C GLU B 13 5.91 44.23 -10.76
N MET B 14 6.81 43.52 -11.45
CA MET B 14 6.79 42.07 -11.45
C MET B 14 8.07 41.48 -10.84
N ARG B 15 8.08 41.35 -9.52
CA ARG B 15 9.25 40.84 -8.82
C ARG B 15 9.57 39.41 -9.20
N SER B 16 8.55 38.67 -9.63
CA SER B 16 8.71 37.27 -10.02
C SER B 16 9.45 37.13 -11.35
N ARG B 17 9.62 38.25 -12.06
CA ARG B 17 10.31 38.23 -13.34
C ARG B 17 11.51 39.17 -13.33
N GLY B 18 11.67 39.90 -12.24
CA GLY B 18 12.70 40.92 -12.13
C GLY B 18 12.48 42.03 -13.16
N LEU B 19 11.24 42.51 -13.23
CA LEU B 19 10.85 43.39 -14.31
C LEU B 19 9.80 44.42 -13.88
N ALA B 20 10.00 45.67 -14.30
CA ALA B 20 9.05 46.75 -14.05
C ALA B 20 8.91 47.61 -15.30
N LEU B 21 7.68 47.89 -15.70
CA LEU B 21 7.44 48.58 -16.96
C LEU B 21 6.38 49.67 -16.85
N CYS B 22 6.54 50.72 -17.65
CA CYS B 22 5.51 51.76 -17.75
C CYS B 22 4.34 51.22 -18.57
N ARG B 23 3.28 52.02 -18.69
CA ARG B 23 2.09 51.61 -19.41
C ARG B 23 2.40 51.16 -20.83
N GLU B 24 3.10 52.01 -21.56
CA GLU B 24 3.39 51.74 -22.98
C GLU B 24 4.21 50.47 -23.18
N HIS B 25 5.24 50.30 -22.37
CA HIS B 25 6.15 49.17 -22.53
C HIS B 25 5.64 47.90 -21.86
N TYR B 26 4.71 48.03 -20.92
CA TYR B 26 4.08 46.85 -20.34
C TYR B 26 3.11 46.20 -21.32
N LEU B 27 2.30 47.02 -21.99
CA LEU B 27 1.34 46.52 -22.97
C LEU B 27 2.05 45.80 -24.10
N ASP B 28 3.12 46.42 -24.61
CA ASP B 28 3.91 45.82 -25.68
C ASP B 28 4.60 44.53 -25.24
N TRP B 29 5.05 44.51 -23.99
CA TRP B 29 5.70 43.31 -23.46
C TRP B 29 4.70 42.18 -23.27
N PHE B 30 3.52 42.52 -22.78
CA PHE B 30 2.47 41.55 -22.50
C PHE B 30 2.04 40.85 -23.80
N VAL B 31 1.96 41.62 -24.87
CA VAL B 31 1.60 41.10 -26.18
C VAL B 31 2.65 40.12 -26.69
N LYS B 32 3.91 40.51 -26.56
CA LYS B 32 5.01 39.70 -27.09
C LYS B 32 5.26 38.46 -26.22
N GLU B 33 5.02 38.58 -24.93
CA GLU B 33 5.16 37.44 -24.02
C GLU B 33 4.09 36.40 -24.31
N THR B 34 2.90 36.88 -24.68
CA THR B 34 1.81 35.99 -25.07
C THR B 34 2.21 35.16 -26.28
N GLU B 35 2.71 35.84 -27.30
CA GLU B 35 3.17 35.17 -28.52
C GLU B 35 4.33 34.23 -28.21
N ARG B 36 5.16 34.61 -27.24
CA ARG B 36 6.27 33.79 -26.82
C ARG B 36 5.77 32.46 -26.23
N ALA B 37 4.74 32.54 -25.40
CA ALA B 37 4.11 31.35 -24.85
C ALA B 37 3.41 30.54 -25.95
N ILE B 38 2.87 31.24 -26.94
CA ILE B 38 2.20 30.60 -28.07
C ILE B 38 3.21 29.85 -28.94
N ARG B 39 4.36 30.47 -29.16
CA ARG B 39 5.42 29.84 -29.96
C ARG B 39 6.05 28.66 -29.26
N ARG B 40 6.18 28.75 -27.94
CA ARG B 40 6.82 27.71 -27.15
C ARG B 40 6.12 26.37 -27.28
N HIS B 41 4.79 26.42 -27.35
CA HIS B 41 3.99 25.21 -27.43
C HIS B 41 3.35 25.02 -28.81
N ARG B 42 3.59 25.97 -29.71
CA ARG B 42 2.96 25.97 -31.03
C ARG B 42 1.43 25.89 -30.88
N MET B 43 0.90 26.73 -29.99
CA MET B 43 -0.52 26.76 -29.70
C MET B 43 -1.33 27.14 -30.93
N LEU B 44 -0.87 28.18 -31.61
CA LEU B 44 -1.58 28.71 -32.76
C LEU B 44 -0.64 28.87 -33.94
N LEU B 45 -1.11 28.48 -35.12
CA LEU B 45 -0.38 28.76 -36.35
C LEU B 45 -0.65 30.21 -36.75
N PRO B 46 0.42 30.93 -37.13
CA PRO B 46 0.33 32.37 -37.45
C PRO B 46 -0.76 32.72 -38.46
N GLY B 47 -1.68 33.58 -38.03
CA GLY B 47 -2.74 34.07 -38.91
C GLY B 47 -3.97 33.18 -39.00
N GLU B 48 -3.92 32.01 -38.37
CA GLU B 48 -5.01 31.04 -38.51
C GLU B 48 -6.25 31.45 -37.73
N ARG B 49 -7.39 30.86 -38.08
CA ARG B 49 -8.66 31.12 -37.41
C ARG B 49 -8.76 30.41 -36.07
N VAL B 50 -9.06 31.16 -35.02
CA VAL B 50 -9.15 30.60 -33.68
C VAL B 50 -10.41 31.07 -32.95
N LEU B 51 -11.14 30.12 -32.38
CA LEU B 51 -12.35 30.44 -31.62
C LEU B 51 -12.01 30.73 -30.16
N VAL B 52 -12.35 31.95 -29.72
CA VAL B 52 -12.03 32.37 -28.36
C VAL B 52 -13.27 32.40 -27.48
N ALA B 53 -13.21 31.69 -26.36
CA ALA B 53 -14.27 31.75 -25.36
C ALA B 53 -14.28 33.12 -24.70
N VAL B 54 -15.40 33.83 -24.83
CA VAL B 54 -15.49 35.17 -24.26
C VAL B 54 -16.75 35.35 -23.42
N SER B 55 -16.57 35.87 -22.22
CA SER B 55 -17.68 36.07 -21.29
C SER B 55 -17.76 37.52 -20.83
N GLY B 56 -16.78 38.31 -21.27
CA GLY B 56 -16.72 39.71 -20.88
C GLY B 56 -15.81 39.93 -19.68
N GLY B 57 -15.35 38.84 -19.08
CA GLY B 57 -14.43 38.91 -17.96
C GLY B 57 -13.07 39.44 -18.39
N LYS B 58 -12.28 39.88 -17.42
CA LYS B 58 -11.00 40.52 -17.68
C LYS B 58 -10.02 39.65 -18.48
N ASP B 59 -10.13 38.33 -18.34
CA ASP B 59 -9.17 37.42 -18.96
C ASP B 59 -9.46 37.18 -20.44
N SER B 60 -10.73 36.98 -20.77
CA SER B 60 -11.13 36.61 -22.13
C SER B 60 -11.09 37.80 -23.10
N LEU B 61 -11.36 38.99 -22.57
CA LEU B 61 -11.33 40.20 -23.40
C LEU B 61 -9.88 40.59 -23.69
N ALA B 62 -9.05 40.53 -22.65
CA ALA B 62 -7.63 40.77 -22.82
C ALA B 62 -7.03 39.77 -23.81
N LEU B 63 -7.48 38.53 -23.72
CA LEU B 63 -7.01 37.49 -24.63
C LEU B 63 -7.47 37.77 -26.06
N TRP B 64 -8.70 38.23 -26.19
CA TRP B 64 -9.24 38.58 -27.50
C TRP B 64 -8.44 39.75 -28.08
N ASP B 65 -8.14 40.72 -27.23
CA ASP B 65 -7.36 41.88 -27.62
C ASP B 65 -5.96 41.50 -28.11
N VAL B 66 -5.27 40.66 -27.34
CA VAL B 66 -3.90 40.28 -27.66
C VAL B 66 -3.81 39.36 -28.87
N LEU B 67 -4.71 38.37 -28.95
CA LEU B 67 -4.74 37.46 -30.08
C LEU B 67 -5.00 38.20 -31.39
N SER B 68 -5.82 39.25 -31.32
CA SER B 68 -6.10 40.06 -32.50
C SER B 68 -4.88 40.84 -32.94
N ARG B 69 -4.17 41.42 -31.97
CA ARG B 69 -2.98 42.23 -32.26
C ARG B 69 -1.81 41.39 -32.76
N LEU B 70 -1.87 40.08 -32.54
CA LEU B 70 -0.83 39.19 -32.99
C LEU B 70 -1.11 38.68 -34.40
N GLY B 71 -2.23 39.10 -34.97
CA GLY B 71 -2.56 38.78 -36.34
C GLY B 71 -3.37 37.51 -36.53
N TYR B 72 -3.84 36.94 -35.44
CA TYR B 72 -4.71 35.78 -35.53
C TYR B 72 -6.13 36.21 -35.87
N GLN B 73 -6.82 35.39 -36.65
CA GLN B 73 -8.22 35.65 -36.98
C GLN B 73 -9.10 35.16 -35.83
N ALA B 74 -9.08 35.91 -34.74
CA ALA B 74 -9.74 35.49 -33.49
C ALA B 74 -11.21 35.81 -33.48
N VAL B 75 -12.04 34.78 -33.54
CA VAL B 75 -13.49 34.92 -33.48
C VAL B 75 -14.01 34.56 -32.09
N GLY B 76 -14.83 35.42 -31.51
CA GLY B 76 -15.33 35.21 -30.17
C GLY B 76 -16.61 34.39 -30.11
N LEU B 77 -16.69 33.51 -29.12
CA LEU B 77 -17.92 32.78 -28.85
C LEU B 77 -18.41 33.05 -27.43
N HIS B 78 -19.60 33.63 -27.33
CA HIS B 78 -20.20 33.91 -26.03
C HIS B 78 -21.40 33.00 -25.80
N ILE B 79 -21.44 32.40 -24.61
CA ILE B 79 -22.57 31.56 -24.23
C ILE B 79 -23.43 32.28 -23.19
N GLU B 80 -24.62 32.69 -23.60
CA GLU B 80 -25.55 33.30 -22.66
C GLU B 80 -26.12 32.22 -21.74
N LEU B 81 -25.62 32.20 -20.51
CA LEU B 81 -25.93 31.13 -19.57
C LEU B 81 -27.29 31.27 -18.90
N GLY B 82 -27.92 32.43 -19.07
CA GLY B 82 -29.22 32.69 -18.47
C GLY B 82 -29.18 32.68 -16.95
N ILE B 83 -28.15 33.30 -16.39
CA ILE B 83 -28.01 33.38 -14.95
C ILE B 83 -28.31 34.81 -14.48
N GLY B 84 -29.58 35.18 -14.54
CA GLY B 84 -30.05 36.44 -14.03
C GLY B 84 -29.46 37.67 -14.70
N GLU B 85 -29.36 38.75 -13.92
CA GLU B 85 -28.84 40.02 -14.43
C GLU B 85 -27.35 39.93 -14.74
N TYR B 86 -26.68 38.96 -14.12
CA TYR B 86 -25.26 38.75 -14.37
C TYR B 86 -24.97 38.36 -15.81
N SER B 87 -25.75 37.42 -16.34
CA SER B 87 -25.56 36.96 -17.72
C SER B 87 -25.89 38.06 -18.71
N LYS B 88 -26.85 38.92 -18.35
CA LYS B 88 -27.25 40.02 -19.20
C LYS B 88 -26.15 41.08 -19.26
N ARG B 89 -25.51 41.31 -18.13
CA ARG B 89 -24.37 42.23 -18.08
C ARG B 89 -23.20 41.63 -18.86
N SER B 90 -23.03 40.32 -18.73
CA SER B 90 -21.99 39.59 -19.44
C SER B 90 -22.18 39.69 -20.96
N LEU B 91 -23.43 39.58 -21.40
CA LEU B 91 -23.74 39.71 -22.81
C LEU B 91 -23.49 41.13 -23.30
N GLU B 92 -23.90 42.11 -22.51
CA GLU B 92 -23.74 43.52 -22.86
C GLU B 92 -22.27 43.89 -23.04
N VAL B 93 -21.46 43.58 -22.04
CA VAL B 93 -20.03 43.86 -22.07
C VAL B 93 -19.35 43.19 -23.26
N THR B 94 -19.71 41.94 -23.51
CA THR B 94 -19.09 41.17 -24.59
C THR B 94 -19.49 41.72 -25.96
N GLN B 95 -20.78 41.96 -26.16
CA GLN B 95 -21.27 42.55 -27.40
C GLN B 95 -20.64 43.91 -27.66
N ALA B 96 -20.60 44.73 -26.62
CA ALA B 96 -19.99 46.06 -26.70
C ALA B 96 -18.54 45.99 -27.14
N PHE B 97 -17.81 45.04 -26.58
CA PHE B 97 -16.39 44.87 -26.88
C PHE B 97 -16.18 44.56 -28.37
N ALA B 98 -17.02 43.70 -28.91
CA ALA B 98 -16.87 43.24 -30.29
C ALA B 98 -17.21 44.32 -31.31
N ARG B 99 -18.33 45.00 -31.13
CA ARG B 99 -18.78 45.99 -32.10
C ARG B 99 -17.90 47.23 -32.11
N GLU B 100 -17.35 47.58 -30.94
CA GLU B 100 -16.48 48.75 -30.83
C GLU B 100 -15.11 48.47 -31.44
N ARG B 101 -14.86 47.22 -31.81
CA ARG B 101 -13.61 46.83 -32.43
C ARG B 101 -13.84 46.12 -33.77
N GLY B 102 -15.11 45.89 -34.09
CA GLY B 102 -15.49 45.28 -35.35
C GLY B 102 -15.11 43.81 -35.42
N LEU B 103 -15.14 43.14 -34.27
CA LEU B 103 -14.78 41.73 -34.19
C LEU B 103 -15.99 40.84 -34.45
N GLU B 104 -15.74 39.68 -35.05
CA GLU B 104 -16.81 38.72 -35.28
C GLU B 104 -17.17 37.99 -33.99
N LEU B 105 -18.42 38.15 -33.57
CA LEU B 105 -18.88 37.52 -32.33
C LEU B 105 -19.99 36.51 -32.59
N LEU B 106 -19.78 35.28 -32.15
CA LEU B 106 -20.82 34.25 -32.20
C LEU B 106 -21.44 34.09 -30.82
N VAL B 107 -22.76 33.91 -30.79
CA VAL B 107 -23.47 33.78 -29.53
C VAL B 107 -24.37 32.54 -29.53
N VAL B 108 -24.32 31.78 -28.44
CA VAL B 108 -25.26 30.69 -28.23
C VAL B 108 -26.01 30.91 -26.94
N ASP B 109 -27.33 31.04 -27.04
CA ASP B 109 -28.20 31.25 -25.88
C ASP B 109 -28.81 29.93 -25.43
N LEU B 110 -28.32 29.41 -24.30
CA LEU B 110 -28.81 28.16 -23.72
C LEU B 110 -30.33 28.09 -23.60
N LYS B 111 -30.93 29.18 -23.14
CA LYS B 111 -32.38 29.24 -22.95
C LYS B 111 -33.10 29.12 -24.29
N GLU B 112 -32.68 29.94 -25.25
CA GLU B 112 -33.31 29.93 -26.57
C GLU B 112 -32.97 28.67 -27.37
N ALA B 113 -31.76 28.16 -27.19
CA ALA B 113 -31.32 26.99 -27.95
C ALA B 113 -31.93 25.70 -27.41
N TYR B 114 -31.76 25.45 -26.12
CA TYR B 114 -32.11 24.16 -25.54
C TYR B 114 -33.34 24.20 -24.62
N GLY B 115 -33.75 25.40 -24.22
CA GLY B 115 -34.94 25.55 -23.42
C GLY B 115 -34.72 25.98 -21.98
N PHE B 116 -33.49 25.83 -21.49
CA PHE B 116 -33.20 26.13 -20.09
C PHE B 116 -31.84 26.77 -19.90
N GLY B 117 -31.77 27.78 -19.03
CA GLY B 117 -30.52 28.37 -18.64
C GLY B 117 -29.84 27.50 -17.60
N VAL B 118 -28.64 27.91 -17.16
CA VAL B 118 -27.88 27.16 -16.16
C VAL B 118 -28.62 26.91 -14.83
N PRO B 119 -29.28 27.93 -14.26
CA PRO B 119 -29.96 27.66 -12.99
C PRO B 119 -31.04 26.58 -13.10
N GLU B 120 -31.84 26.64 -14.17
CA GLU B 120 -32.87 25.63 -14.39
C GLU B 120 -32.24 24.30 -14.76
N LEU B 121 -31.16 24.36 -15.54
CA LEU B 121 -30.44 23.18 -15.98
C LEU B 121 -29.91 22.35 -14.81
N ALA B 122 -29.43 23.04 -13.78
CA ALA B 122 -28.88 22.38 -12.61
C ALA B 122 -29.97 21.67 -11.81
N ARG B 123 -31.11 22.34 -11.65
CA ARG B 123 -32.24 21.79 -10.92
C ARG B 123 -32.77 20.51 -11.59
N LEU B 124 -32.88 20.53 -12.91
CA LEU B 124 -33.48 19.44 -13.66
C LEU B 124 -32.53 18.28 -13.89
N SER B 125 -31.23 18.55 -13.90
CA SER B 125 -30.24 17.50 -14.12
C SER B 125 -29.84 16.83 -12.82
N GLY B 126 -29.90 17.59 -11.73
CA GLY B 126 -29.56 17.05 -10.42
C GLY B 126 -28.13 17.34 -10.02
N ARG B 127 -27.25 17.56 -10.99
CA ARG B 127 -25.87 17.91 -10.71
C ARG B 127 -25.76 19.40 -10.41
N VAL B 128 -24.70 19.78 -9.70
CA VAL B 128 -24.52 21.16 -9.26
C VAL B 128 -24.35 22.12 -10.43
N ALA B 129 -24.57 23.41 -10.17
CA ALA B 129 -24.57 24.43 -11.21
C ALA B 129 -23.26 24.52 -11.99
N CYS B 130 -22.15 24.56 -11.26
CA CYS B 130 -20.83 24.68 -11.87
C CYS B 130 -20.52 23.50 -12.79
N SER B 131 -20.95 22.31 -12.38
CA SER B 131 -20.73 21.10 -13.17
C SER B 131 -21.47 21.17 -14.50
N ALA B 132 -22.77 21.47 -14.43
CA ALA B 132 -23.60 21.57 -15.64
C ALA B 132 -23.12 22.70 -16.53
N CYS B 133 -22.69 23.80 -15.92
CA CYS B 133 -22.21 24.96 -16.65
C CYS B 133 -20.92 24.66 -17.40
N GLY B 134 -19.98 24.00 -16.73
CA GLY B 134 -18.71 23.64 -17.33
C GLY B 134 -18.87 22.65 -18.47
N LEU B 135 -19.72 21.65 -18.26
CA LEU B 135 -20.00 20.66 -19.29
C LEU B 135 -20.61 21.31 -20.53
N SER B 136 -21.59 22.19 -20.30
CA SER B 136 -22.24 22.89 -21.40
C SER B 136 -21.26 23.76 -22.18
N LYS B 137 -20.49 24.57 -21.47
CA LYS B 137 -19.49 25.43 -22.11
C LYS B 137 -18.48 24.61 -22.91
N ARG B 138 -18.04 23.50 -22.34
CA ARG B 138 -17.07 22.62 -22.99
C ARG B 138 -17.62 22.06 -24.30
N TYR B 139 -18.78 21.44 -24.23
CA TYR B 139 -19.40 20.81 -25.40
C TYR B 139 -19.73 21.80 -26.50
N ILE B 140 -20.29 22.95 -26.11
CA ILE B 140 -20.80 23.90 -27.09
C ILE B 140 -19.69 24.61 -27.88
N ILE B 141 -18.65 25.07 -27.20
CA ILE B 141 -17.58 25.77 -27.90
C ILE B 141 -16.82 24.81 -28.81
N ASN B 142 -16.73 23.54 -28.42
CA ASN B 142 -16.14 22.54 -29.27
C ASN B 142 -17.03 22.28 -30.48
N GLN B 143 -18.33 22.16 -30.25
CA GLN B 143 -19.28 21.93 -31.34
C GLN B 143 -19.22 23.05 -32.37
N VAL B 144 -19.25 24.29 -31.90
CA VAL B 144 -19.18 25.46 -32.78
C VAL B 144 -17.87 25.48 -33.56
N ALA B 145 -16.77 25.17 -32.87
CA ALA B 145 -15.45 25.14 -33.51
C ALA B 145 -15.40 24.13 -34.65
N VAL B 146 -15.96 22.95 -34.41
CA VAL B 146 -15.97 21.90 -35.42
C VAL B 146 -16.89 22.26 -36.59
N GLU B 147 -18.10 22.71 -36.27
CA GLU B 147 -19.06 23.11 -37.29
C GLU B 147 -18.53 24.26 -38.14
N GLU B 148 -17.88 25.23 -37.51
CA GLU B 148 -17.40 26.41 -38.21
C GLU B 148 -15.97 26.23 -38.73
N GLY B 149 -15.47 25.00 -38.65
CA GLY B 149 -14.17 24.66 -39.22
C GLY B 149 -12.96 25.22 -38.51
N PHE B 150 -13.06 25.42 -37.20
CA PHE B 150 -11.91 25.86 -36.41
C PHE B 150 -11.06 24.67 -35.99
N ARG B 151 -9.75 24.80 -36.16
CA ARG B 151 -8.83 23.75 -35.73
C ARG B 151 -8.64 23.81 -34.21
N VAL B 152 -8.68 25.02 -33.67
CA VAL B 152 -8.22 25.25 -32.32
C VAL B 152 -9.15 26.19 -31.54
N VAL B 153 -9.29 25.93 -30.24
CA VAL B 153 -10.04 26.78 -29.34
C VAL B 153 -9.11 27.31 -28.25
N ALA B 154 -9.20 28.61 -27.95
CA ALA B 154 -8.39 29.21 -26.90
C ALA B 154 -9.25 29.78 -25.77
N THR B 155 -8.81 29.57 -24.53
CA THR B 155 -9.49 30.14 -23.37
C THR B 155 -8.53 31.03 -22.58
N GLY B 156 -9.08 31.87 -21.71
CA GLY B 156 -8.27 32.85 -21.00
C GLY B 156 -7.70 32.41 -19.66
N HIS B 157 -7.58 31.10 -19.45
CA HIS B 157 -7.06 30.58 -18.19
C HIS B 157 -5.63 31.05 -17.92
N ASN B 158 -5.39 31.51 -16.70
CA ASN B 158 -4.07 32.06 -16.35
C ASN B 158 -3.29 31.18 -15.38
N LEU B 159 -2.14 31.69 -14.93
CA LEU B 159 -1.24 30.95 -14.05
C LEU B 159 -1.90 30.55 -12.73
N ASP B 160 -2.63 31.47 -12.12
CA ASP B 160 -3.34 31.16 -10.88
C ASP B 160 -4.37 30.06 -11.11
N ASP B 161 -5.13 30.16 -12.20
CA ASP B 161 -6.15 29.17 -12.54
C ASP B 161 -5.54 27.77 -12.67
N GLU B 162 -4.46 27.68 -13.44
CA GLU B 162 -3.81 26.41 -13.72
C GLU B 162 -3.13 25.85 -12.46
N ALA B 163 -2.42 26.70 -11.73
CA ALA B 163 -1.75 26.26 -10.51
C ALA B 163 -2.76 25.84 -9.45
N ALA B 164 -3.92 26.48 -9.44
CA ALA B 164 -4.96 26.17 -8.46
C ALA B 164 -5.56 24.79 -8.72
N VAL B 165 -5.73 24.44 -9.99
CA VAL B 165 -6.28 23.14 -10.35
C VAL B 165 -5.26 22.04 -10.04
N LEU B 166 -4.00 22.32 -10.35
CA LEU B 166 -2.91 21.40 -10.01
C LEU B 166 -2.84 21.19 -8.50
N PHE B 167 -2.92 22.26 -7.74
CA PHE B 167 -2.88 22.19 -6.28
C PHE B 167 -4.02 21.34 -5.74
N GLY B 168 -5.23 21.65 -6.17
CA GLY B 168 -6.41 20.92 -5.74
C GLY B 168 -6.34 19.45 -6.10
N ASN B 169 -5.73 19.13 -7.24
CA ASN B 169 -5.56 17.75 -7.66
C ASN B 169 -4.57 17.00 -6.78
N LEU B 170 -3.64 17.73 -6.17
CA LEU B 170 -2.66 17.12 -5.27
C LEU B 170 -3.25 16.97 -3.88
N LEU B 171 -4.21 17.83 -3.54
CA LEU B 171 -4.87 17.76 -2.24
C LEU B 171 -5.86 16.61 -2.21
N ASN B 172 -6.40 16.26 -3.37
CA ASN B 172 -7.34 15.14 -3.47
C ASN B 172 -7.05 14.29 -4.70
N PRO B 173 -5.93 13.53 -4.67
CA PRO B 173 -5.51 12.74 -5.83
C PRO B 173 -6.39 11.52 -6.08
N GLY B 182 -2.80 20.43 -18.72
CA GLY B 182 -1.79 21.14 -19.48
C GLY B 182 -2.36 22.31 -20.25
N PRO B 183 -1.48 23.19 -20.75
CA PRO B 183 -1.85 24.39 -21.52
C PRO B 183 -2.26 24.07 -22.95
N VAL B 184 -1.92 22.89 -23.44
CA VAL B 184 -2.27 22.48 -24.79
C VAL B 184 -2.88 21.08 -24.81
N LEU B 185 -4.07 20.96 -25.37
CA LEU B 185 -4.68 19.66 -25.60
C LEU B 185 -4.76 19.42 -27.10
N PRO B 186 -4.39 18.21 -27.54
CA PRO B 186 -4.26 17.88 -28.96
C PRO B 186 -5.60 17.88 -29.70
N GLU B 187 -5.57 18.25 -30.98
CA GLU B 187 -6.74 18.13 -31.84
C GLU B 187 -7.02 16.66 -32.14
N LYS B 188 -8.28 16.28 -32.05
CA LYS B 188 -8.69 14.90 -32.31
C LYS B 188 -9.90 14.91 -33.23
N PRO B 189 -10.27 13.74 -33.80
CA PRO B 189 -11.49 13.69 -34.61
C PRO B 189 -12.71 14.19 -33.83
N GLY B 190 -13.38 15.20 -34.35
CA GLY B 190 -14.53 15.79 -33.71
C GLY B 190 -14.18 16.58 -32.46
N LEU B 191 -12.90 16.90 -32.32
CA LEU B 191 -12.42 17.58 -31.12
C LEU B 191 -11.34 18.61 -31.45
N ALA B 192 -11.71 19.89 -31.40
CA ALA B 192 -10.76 20.96 -31.66
C ALA B 192 -9.65 20.97 -30.61
N ALA B 193 -8.48 21.46 -30.98
CA ALA B 193 -7.40 21.62 -30.03
C ALA B 193 -7.79 22.64 -28.97
N ARG B 194 -7.30 22.45 -27.76
CA ARG B 194 -7.56 23.38 -26.67
C ARG B 194 -6.25 24.00 -26.18
N VAL B 195 -6.27 25.32 -26.02
CA VAL B 195 -5.04 26.09 -25.91
C VAL B 195 -5.16 27.26 -24.94
N LYS B 196 -4.11 27.49 -24.13
CA LYS B 196 -4.15 28.50 -23.08
C LYS B 196 -2.92 29.43 -23.09
N PRO B 197 -2.96 30.49 -23.91
CA PRO B 197 -1.84 31.41 -24.08
C PRO B 197 -1.51 32.25 -22.84
N PHE B 198 -2.42 32.29 -21.86
CA PHE B 198 -2.20 33.09 -20.66
C PHE B 198 -1.74 32.28 -19.46
N TYR B 199 -1.35 31.02 -19.67
CA TYR B 199 -1.07 30.12 -18.55
C TYR B 199 0.20 30.50 -17.78
N ARG B 200 0.96 31.45 -18.30
CA ARG B 200 2.17 31.92 -17.61
C ARG B 200 2.00 33.32 -17.03
N PHE B 201 0.83 33.92 -17.26
CA PHE B 201 0.49 35.21 -16.65
C PHE B 201 -0.28 34.99 -15.35
N SER B 202 0.08 35.71 -14.29
CA SER B 202 -0.73 35.67 -13.08
C SER B 202 -2.00 36.51 -13.30
N GLU B 203 -2.97 36.37 -12.41
CA GLU B 203 -4.22 37.11 -12.52
C GLU B 203 -3.99 38.61 -12.44
N ARG B 204 -3.03 39.02 -11.61
CA ARG B 204 -2.70 40.42 -11.44
C ARG B 204 -2.13 41.01 -12.72
N GLU B 205 -1.28 40.24 -13.39
CA GLU B 205 -0.66 40.68 -14.63
C GLU B 205 -1.70 40.84 -15.75
N VAL B 206 -2.67 39.93 -15.78
CA VAL B 206 -3.73 39.98 -16.79
C VAL B 206 -4.65 41.17 -16.57
N LEU B 207 -5.09 41.36 -15.33
CA LEU B 207 -5.94 42.51 -14.99
C LEU B 207 -5.23 43.83 -15.28
N SER B 208 -3.93 43.87 -14.99
CA SER B 208 -3.13 45.05 -15.23
C SER B 208 -3.10 45.42 -16.71
N TYR B 209 -2.96 44.43 -17.56
CA TYR B 209 -3.00 44.65 -19.00
C TYR B 209 -4.36 45.18 -19.42
N THR B 210 -5.41 44.52 -18.93
CA THR B 210 -6.79 44.88 -19.23
C THR B 210 -7.07 46.33 -18.88
N LEU B 211 -6.61 46.75 -17.71
CA LEU B 211 -6.82 48.11 -17.24
C LEU B 211 -6.06 49.13 -18.07
N LEU B 212 -4.77 48.86 -18.27
CA LEU B 212 -3.91 49.79 -19.01
C LEU B 212 -4.31 49.90 -20.48
N ARG B 213 -4.90 48.83 -21.02
CA ARG B 213 -5.38 48.84 -22.39
C ARG B 213 -6.69 49.64 -22.48
N GLY B 214 -7.36 49.81 -21.35
CA GLY B 214 -8.59 50.58 -21.29
C GLY B 214 -9.80 49.75 -21.69
N ILE B 215 -9.67 48.43 -21.56
CA ILE B 215 -10.76 47.52 -21.89
C ILE B 215 -11.83 47.50 -20.80
N ARG B 216 -13.06 47.79 -21.18
CA ARG B 216 -14.18 47.72 -20.25
C ARG B 216 -14.65 46.27 -20.12
N TYR B 217 -14.41 45.68 -18.96
CA TYR B 217 -14.76 44.29 -18.71
C TYR B 217 -15.83 44.20 -17.61
N LEU B 218 -16.40 43.01 -17.43
CA LEU B 218 -17.39 42.81 -16.38
C LEU B 218 -16.72 42.58 -15.03
N HIS B 219 -16.90 43.53 -14.11
CA HIS B 219 -16.18 43.53 -12.84
C HIS B 219 -16.69 42.50 -11.83
N GLU B 220 -17.83 41.88 -12.11
CA GLU B 220 -18.36 40.87 -11.20
C GLU B 220 -18.03 39.46 -11.71
N GLU B 221 -18.18 38.48 -10.83
CA GLU B 221 -17.90 37.09 -11.18
C GLU B 221 -19.16 36.22 -11.09
N CYS B 222 -19.10 35.05 -11.72
CA CYS B 222 -20.21 34.11 -11.74
C CYS B 222 -20.69 33.79 -10.33
N PRO B 223 -22.00 33.99 -10.08
CA PRO B 223 -22.59 33.81 -8.74
C PRO B 223 -22.57 32.36 -8.26
N ASN B 224 -22.17 31.43 -9.13
CA ASN B 224 -22.06 30.02 -8.75
C ASN B 224 -20.70 29.71 -8.15
N ALA B 225 -19.96 30.75 -7.78
CA ALA B 225 -18.61 30.57 -7.26
C ALA B 225 -18.37 31.36 -5.97
N LYS B 226 -19.40 31.47 -5.14
CA LYS B 226 -19.29 32.21 -3.89
C LYS B 226 -18.28 31.58 -2.95
N GLY B 227 -18.28 30.24 -2.88
CA GLY B 227 -17.36 29.52 -2.02
C GLY B 227 -16.66 28.39 -2.73
N ALA B 228 -16.14 28.68 -3.92
CA ALA B 228 -15.44 27.68 -4.72
C ALA B 228 -14.14 27.27 -4.03
N LYS B 229 -13.75 26.02 -4.23
CA LYS B 229 -12.50 25.51 -3.67
C LYS B 229 -11.31 26.16 -4.35
N SER B 230 -11.50 26.56 -5.60
CA SER B 230 -10.45 27.22 -6.37
C SER B 230 -10.00 28.52 -5.71
N LEU B 231 -10.96 29.24 -5.14
CA LEU B 231 -10.67 30.49 -4.44
C LEU B 231 -9.75 30.22 -3.23
N LEU B 232 -9.97 29.09 -2.58
CA LEU B 232 -9.16 28.69 -1.44
C LEU B 232 -7.73 28.33 -1.87
N TYR B 233 -7.63 27.58 -2.96
CA TYR B 233 -6.33 27.17 -3.48
C TYR B 233 -5.50 28.36 -3.95
N LYS B 234 -6.15 29.30 -4.63
CA LYS B 234 -5.48 30.50 -5.11
C LYS B 234 -4.98 31.35 -3.97
N GLU B 235 -5.77 31.45 -2.90
CA GLU B 235 -5.41 32.26 -1.75
C GLU B 235 -4.16 31.71 -1.07
N ALA B 236 -4.05 30.39 -0.99
CA ALA B 236 -2.89 29.74 -0.37
C ALA B 236 -1.64 29.90 -1.25
N LEU B 237 -1.81 29.67 -2.55
CA LEU B 237 -0.71 29.77 -3.49
C LEU B 237 -0.20 31.21 -3.61
N ASN B 238 -1.13 32.16 -3.61
CA ASN B 238 -0.75 33.57 -3.71
C ASN B 238 -0.18 34.10 -2.41
N LEU B 239 -0.57 33.49 -1.29
CA LEU B 239 0.02 33.83 0.00
C LEU B 239 1.52 33.52 -0.04
N VAL B 240 1.87 32.40 -0.67
CA VAL B 240 3.26 32.02 -0.85
C VAL B 240 3.93 32.97 -1.84
N GLU B 241 3.21 33.31 -2.91
CA GLU B 241 3.71 34.21 -3.95
C GLU B 241 4.07 35.58 -3.38
N ARG B 242 3.35 36.01 -2.35
CA ARG B 242 3.59 37.29 -1.71
C ARG B 242 5.00 37.37 -1.09
N SER B 243 5.45 36.26 -0.52
CA SER B 243 6.77 36.22 0.12
C SER B 243 7.78 35.50 -0.75
N MET B 244 7.29 34.82 -1.79
CA MET B 244 8.15 34.09 -2.71
C MET B 244 7.79 34.35 -4.17
N PRO B 245 8.33 35.44 -4.73
CA PRO B 245 8.14 35.77 -6.15
C PRO B 245 8.58 34.65 -7.09
N GLY B 246 7.66 34.18 -7.93
CA GLY B 246 7.97 33.18 -8.93
C GLY B 246 7.58 31.76 -8.58
N ALA B 247 6.98 31.59 -7.40
CA ALA B 247 6.65 30.26 -6.88
C ALA B 247 5.57 29.55 -7.69
N LYS B 248 4.53 30.28 -8.10
CA LYS B 248 3.44 29.69 -8.87
C LYS B 248 3.93 29.13 -10.21
N LEU B 249 4.82 29.85 -10.87
CA LEU B 249 5.33 29.43 -12.17
C LEU B 249 6.29 28.24 -12.03
N ARG B 250 7.11 28.25 -10.98
CA ARG B 250 8.02 27.15 -10.71
C ARG B 250 7.22 25.89 -10.38
N PHE B 251 6.14 26.08 -9.64
CA PHE B 251 5.23 25.01 -9.26
C PHE B 251 4.65 24.32 -10.50
N LEU B 252 4.02 25.10 -11.37
CA LEU B 252 3.42 24.56 -12.59
C LEU B 252 4.47 23.96 -13.53
N ASP B 253 5.55 24.71 -13.78
CA ASP B 253 6.64 24.22 -14.62
C ASP B 253 7.28 22.96 -14.04
N GLY B 254 7.44 22.95 -12.72
CA GLY B 254 8.00 21.80 -12.03
C GLY B 254 7.21 20.53 -12.27
N PHE B 255 5.89 20.66 -12.34
CA PHE B 255 5.02 19.52 -12.60
C PHE B 255 5.08 19.11 -14.07
N LEU B 256 5.06 20.10 -14.96
CA LEU B 256 5.09 19.86 -16.39
C LEU B 256 6.43 19.29 -16.85
N GLU B 257 7.51 19.71 -16.21
CA GLU B 257 8.85 19.33 -16.63
C GLU B 257 9.43 18.14 -15.87
N LYS B 258 9.14 18.04 -14.58
CA LYS B 258 9.82 17.06 -13.74
C LYS B 258 8.91 15.93 -13.23
N ILE B 259 7.69 16.26 -12.83
CA ILE B 259 6.80 15.25 -12.25
C ILE B 259 6.07 14.44 -13.30
N ARG B 260 5.30 15.10 -14.15
CA ARG B 260 4.48 14.42 -15.15
C ARG B 260 5.28 13.57 -16.15
N PRO B 261 6.42 14.08 -16.67
CA PRO B 261 7.21 13.22 -17.56
C PRO B 261 7.70 11.92 -16.91
N ARG B 262 7.84 11.92 -15.58
CA ARG B 262 8.28 10.73 -14.86
C ARG B 262 7.11 9.99 -14.22
N LEU B 263 5.89 10.44 -14.53
CA LEU B 263 4.70 9.90 -13.90
C LEU B 263 4.02 8.85 -14.77
N ASP B 264 4.00 7.60 -14.30
CA ASP B 264 3.34 6.51 -15.00
C ASP B 264 1.82 6.62 -14.87
N VAL B 265 1.17 6.98 -15.97
CA VAL B 265 -0.28 7.01 -16.02
C VAL B 265 -0.80 5.79 -16.77
N GLY B 266 -2.08 5.48 -16.58
CA GLY B 266 -2.70 4.36 -17.25
C GLY B 266 -3.03 4.70 -18.70
N GLU B 267 -3.43 3.70 -19.46
CA GLU B 267 -3.78 3.90 -20.86
C GLU B 267 -4.98 4.82 -21.00
N GLU B 268 -4.91 5.75 -21.95
CA GLU B 268 -6.05 6.62 -22.21
C GLU B 268 -7.11 5.85 -22.99
N VAL B 269 -8.31 5.76 -22.42
CA VAL B 269 -9.41 5.04 -23.06
C VAL B 269 -9.72 5.68 -24.41
N ALA B 270 -9.77 4.84 -25.44
CA ALA B 270 -10.01 5.30 -26.81
C ALA B 270 -11.34 6.04 -26.92
N LEU B 271 -11.31 7.21 -27.55
CA LEU B 271 -12.52 8.01 -27.72
C LEU B 271 -13.45 7.41 -28.76
N ARG B 272 -14.74 7.64 -28.57
CA ARG B 272 -15.77 7.00 -29.38
C ARG B 272 -16.72 8.07 -29.92
N GLU B 273 -17.49 7.72 -30.94
CA GLU B 273 -18.51 8.63 -31.44
C GLU B 273 -19.80 8.45 -30.64
N CYS B 274 -20.36 9.55 -30.17
CA CYS B 274 -21.57 9.49 -29.36
C CYS B 274 -22.72 8.86 -30.14
N GLU B 275 -23.56 8.14 -29.43
CA GLU B 275 -24.68 7.43 -30.04
C GLU B 275 -25.70 8.39 -30.64
N ARG B 276 -25.86 9.55 -30.02
CA ARG B 276 -26.93 10.46 -30.38
C ARG B 276 -26.46 11.72 -31.11
N CYS B 277 -25.22 12.14 -30.87
CA CYS B 277 -24.72 13.36 -31.49
C CYS B 277 -23.43 13.16 -32.28
N GLY B 278 -22.76 12.04 -32.05
CA GLY B 278 -21.56 11.70 -32.81
C GLY B 278 -20.29 12.41 -32.39
N TYR B 279 -20.36 13.20 -31.32
CA TYR B 279 -19.19 13.88 -30.78
C TYR B 279 -18.46 12.95 -29.79
N PRO B 280 -17.18 13.24 -29.49
CA PRO B 280 -16.37 12.31 -28.69
C PRO B 280 -16.90 12.00 -27.29
N THR B 281 -16.80 10.72 -26.91
CA THR B 281 -17.07 10.27 -25.54
C THR B 281 -16.51 8.86 -25.37
N THR B 282 -16.53 8.36 -24.13
CA THR B 282 -16.02 7.04 -23.85
C THR B 282 -17.14 6.03 -23.63
N GLY B 283 -18.34 6.55 -23.40
CA GLY B 283 -19.51 5.70 -23.24
C GLY B 283 -20.30 5.58 -24.53
N ALA B 284 -21.58 5.22 -24.42
CA ALA B 284 -22.44 5.10 -25.58
C ALA B 284 -22.99 6.48 -25.96
N VAL B 285 -23.54 7.16 -24.98
CA VAL B 285 -24.01 8.54 -25.17
C VAL B 285 -23.13 9.46 -24.34
N CYS B 286 -22.77 10.62 -24.89
CA CYS B 286 -21.88 11.54 -24.19
C CYS B 286 -22.56 12.18 -22.99
N ALA B 287 -21.77 12.87 -22.17
CA ALA B 287 -22.27 13.47 -20.94
C ALA B 287 -23.27 14.60 -21.21
N PHE B 288 -23.00 15.38 -22.25
CA PHE B 288 -23.85 16.50 -22.62
C PHE B 288 -25.25 16.04 -23.01
N CYS B 289 -25.32 15.04 -23.88
CA CYS B 289 -26.59 14.51 -24.35
C CYS B 289 -27.37 13.84 -23.23
N ARG B 290 -26.67 13.04 -22.43
CA ARG B 290 -27.30 12.34 -21.31
C ARG B 290 -27.89 13.33 -20.30
N MET B 291 -27.19 14.45 -20.09
CA MET B 291 -27.68 15.48 -19.19
C MET B 291 -28.98 16.09 -19.68
N TRP B 292 -29.01 16.47 -20.97
CA TRP B 292 -30.18 17.14 -21.53
C TRP B 292 -31.38 16.21 -21.66
N ASP B 293 -31.11 14.93 -21.89
CA ASP B 293 -32.18 13.93 -21.93
C ASP B 293 -32.87 13.84 -20.59
N ALA B 294 -32.07 13.75 -19.52
CA ALA B 294 -32.60 13.72 -18.16
C ALA B 294 -33.34 15.01 -17.85
N VAL B 295 -32.76 16.13 -18.28
CA VAL B 295 -33.39 17.43 -18.11
C VAL B 295 -34.73 17.48 -18.84
N TYR B 296 -34.74 17.01 -20.09
CA TYR B 296 -35.95 16.99 -20.88
C TYR B 296 -36.98 16.01 -20.32
N ARG B 297 -36.50 14.86 -19.84
CA ARG B 297 -37.38 13.85 -19.26
C ARG B 297 -38.15 14.39 -18.08
N ARG B 298 -37.44 15.08 -17.18
CA ARG B 298 -38.05 15.62 -15.97
C ARG B 298 -38.76 16.95 -16.25
N ALA B 299 -38.44 17.57 -17.39
CA ALA B 299 -39.10 18.82 -17.78
C ALA B 299 -40.55 18.55 -18.17
N LYS B 300 -40.75 17.49 -18.93
CA LYS B 300 -42.09 17.10 -19.36
C LYS B 300 -42.94 16.68 -18.16
N LYS B 301 -42.32 16.01 -17.20
CA LYS B 301 -42.99 15.62 -15.96
C LYS B 301 -43.49 16.85 -15.22
N ARG B 302 -42.67 17.90 -15.19
CA ARG B 302 -43.02 19.12 -14.49
C ARG B 302 -43.81 20.08 -15.37
N LYS B 303 -44.24 19.58 -16.53
CA LYS B 303 -45.04 20.35 -17.49
C LYS B 303 -44.35 21.64 -17.92
N LEU B 304 -43.01 21.63 -17.87
CA LEU B 304 -42.21 22.76 -18.30
C LEU B 304 -41.87 22.63 -19.79
N LEU B 305 -42.26 21.50 -20.37
CA LEU B 305 -41.91 21.18 -21.75
C LEU B 305 -42.92 20.20 -22.33
N PRO B 306 -43.31 20.40 -23.59
CA PRO B 306 -44.29 19.53 -24.26
C PRO B 306 -43.79 18.08 -24.35
N GLU B 307 -44.70 17.13 -24.18
CA GLU B 307 -44.34 15.71 -24.21
C GLU B 307 -43.86 15.28 -25.59
N GLU B 308 -44.57 15.73 -26.63
CA GLU B 308 -44.25 15.33 -28.01
C GLU B 308 -43.14 16.19 -28.61
N VAL B 309 -42.26 16.70 -27.75
CA VAL B 309 -41.09 17.46 -28.17
C VAL B 309 -39.83 16.62 -27.99
N SER B 310 -39.01 16.53 -29.04
CA SER B 310 -37.76 15.78 -28.96
C SER B 310 -36.54 16.69 -29.10
N PHE B 311 -35.57 16.48 -28.23
CA PHE B 311 -34.31 17.20 -28.26
C PHE B 311 -33.49 16.82 -29.48
N ARG B 312 -33.05 17.81 -30.25
CA ARG B 312 -32.17 17.57 -31.37
C ARG B 312 -30.78 18.16 -31.08
N PRO B 313 -29.72 17.37 -31.31
CA PRO B 313 -28.34 17.66 -30.91
C PRO B 313 -27.73 18.95 -31.45
N ARG B 314 -27.57 19.04 -32.78
CA ARG B 314 -26.86 20.15 -33.42
C ARG B 314 -27.37 21.53 -32.99
N VAL B 315 -26.47 22.51 -32.97
CA VAL B 315 -26.84 23.88 -32.60
C VAL B 315 -26.35 24.88 -33.63
N LYS B 316 -26.95 26.07 -33.62
CA LYS B 316 -26.61 27.13 -34.58
C LYS B 316 -26.16 28.40 -33.88
N PRO B 317 -24.86 28.68 -33.89
CA PRO B 317 -24.32 29.93 -33.34
C PRO B 317 -24.76 31.14 -34.16
N LEU B 318 -25.38 32.11 -33.50
CA LEU B 318 -25.94 33.26 -34.21
C LEU B 318 -24.89 34.36 -34.45
N ARG B 319 -25.06 35.06 -35.57
CA ARG B 319 -24.13 36.10 -36.00
C ARG B 319 -23.99 37.22 -34.98
N VAL C 2 23.04 -25.71 -18.69
CA VAL C 2 24.23 -24.94 -19.04
C VAL C 2 24.38 -23.71 -18.18
N CYS C 3 25.57 -23.49 -17.61
CA CYS C 3 25.79 -22.35 -16.70
C CYS C 3 25.56 -21.02 -17.43
N LYS C 4 25.02 -20.05 -16.71
CA LYS C 4 24.75 -18.73 -17.27
C LYS C 4 26.04 -17.96 -17.56
N VAL C 5 26.92 -17.90 -16.58
CA VAL C 5 28.04 -16.99 -16.62
C VAL C 5 29.16 -17.43 -17.57
N CYS C 6 29.47 -18.73 -17.56
CA CYS C 6 30.68 -19.23 -18.20
C CYS C 6 30.45 -20.31 -19.26
N GLY C 7 29.29 -20.95 -19.23
CA GLY C 7 28.95 -21.90 -20.27
C GLY C 7 29.38 -23.34 -20.04
N GLN C 8 30.09 -23.61 -18.95
CA GLN C 8 30.29 -25.00 -18.50
C GLN C 8 28.93 -25.57 -18.13
N LYS C 9 28.86 -26.90 -18.05
CA LYS C 9 27.63 -27.59 -17.64
C LYS C 9 27.22 -27.21 -16.22
N ALA C 10 25.98 -26.79 -16.06
CA ALA C 10 25.49 -26.38 -14.74
C ALA C 10 25.22 -27.59 -13.85
N GLN C 11 25.45 -27.41 -12.55
CA GLN C 11 25.21 -28.49 -11.60
C GLN C 11 24.06 -28.13 -10.66
N VAL C 12 23.61 -26.89 -10.71
CA VAL C 12 22.41 -26.47 -9.99
C VAL C 12 21.48 -25.65 -10.88
N GLU C 13 20.23 -26.08 -10.98
CA GLU C 13 19.22 -25.37 -11.76
C GLU C 13 18.13 -24.82 -10.83
N MET C 14 17.97 -23.50 -10.85
CA MET C 14 17.03 -22.83 -9.95
C MET C 14 15.93 -22.09 -10.72
N ARG C 15 14.88 -22.81 -11.07
CA ARG C 15 13.75 -22.26 -11.84
C ARG C 15 13.18 -21.01 -11.20
N SER C 16 13.10 -21.02 -9.86
CA SER C 16 12.53 -19.93 -9.10
C SER C 16 13.31 -18.63 -9.22
N ARG C 17 14.50 -18.71 -9.80
CA ARG C 17 15.34 -17.54 -10.01
C ARG C 17 15.68 -17.37 -11.48
N GLY C 18 15.28 -18.35 -12.28
CA GLY C 18 15.65 -18.39 -13.68
C GLY C 18 17.16 -18.36 -13.80
N LEU C 19 17.81 -19.33 -13.17
CA LEU C 19 19.26 -19.32 -13.05
C LEU C 19 19.85 -20.73 -12.97
N ALA C 20 20.90 -20.96 -13.75
CA ALA C 20 21.63 -22.22 -13.73
C ALA C 20 23.12 -21.93 -13.66
N LEU C 21 23.84 -22.67 -12.83
CA LEU C 21 25.26 -22.40 -12.60
C LEU C 21 26.06 -23.69 -12.44
N CYS C 22 27.31 -23.66 -12.89
CA CYS C 22 28.24 -24.76 -12.64
C CYS C 22 28.75 -24.65 -11.21
N ARG C 23 29.56 -25.61 -10.78
CA ARG C 23 30.06 -25.65 -9.41
C ARG C 23 30.68 -24.32 -8.98
N GLU C 24 31.73 -23.92 -9.68
CA GLU C 24 32.48 -22.72 -9.34
C GLU C 24 31.61 -21.47 -9.18
N HIS C 25 30.82 -21.18 -10.20
CA HIS C 25 30.04 -19.96 -10.21
C HIS C 25 28.75 -20.06 -9.39
N TYR C 26 28.36 -21.27 -9.03
CA TYR C 26 27.27 -21.43 -8.08
C TYR C 26 27.74 -21.10 -6.68
N LEU C 27 28.91 -21.63 -6.32
CA LEU C 27 29.51 -21.37 -5.01
C LEU C 27 29.73 -19.88 -4.82
N ASP C 28 30.21 -19.22 -5.87
CA ASP C 28 30.44 -17.78 -5.83
C ASP C 28 29.12 -17.02 -5.68
N TRP C 29 28.10 -17.46 -6.41
CA TRP C 29 26.78 -16.85 -6.33
C TRP C 29 26.16 -17.00 -4.95
N PHE C 30 26.33 -18.18 -4.36
CA PHE C 30 25.73 -18.49 -3.07
C PHE C 30 26.30 -17.61 -1.97
N VAL C 31 27.61 -17.43 -1.99
CA VAL C 31 28.28 -16.60 -1.00
C VAL C 31 27.84 -15.15 -1.13
N LYS C 32 27.63 -14.71 -2.38
CA LYS C 32 27.23 -13.34 -2.65
C LYS C 32 25.77 -13.08 -2.25
N GLU C 33 24.88 -14.03 -2.54
CA GLU C 33 23.48 -13.87 -2.19
C GLU C 33 23.28 -13.87 -0.67
N THR C 34 24.11 -14.61 0.03
CA THR C 34 24.05 -14.63 1.50
C THR C 34 24.40 -13.24 2.04
N GLU C 35 25.42 -12.62 1.46
CA GLU C 35 25.82 -11.29 1.88
C GLU C 35 24.75 -10.26 1.51
N ARG C 36 24.03 -10.50 0.41
CA ARG C 36 22.94 -9.60 0.02
C ARG C 36 21.81 -9.63 1.03
N ALA C 37 21.47 -10.82 1.50
CA ALA C 37 20.44 -10.96 2.53
C ALA C 37 20.90 -10.31 3.83
N ILE C 38 22.21 -10.35 4.08
CA ILE C 38 22.77 -9.73 5.27
C ILE C 38 22.70 -8.20 5.17
N ARG C 39 23.12 -7.65 4.04
CA ARG C 39 23.07 -6.22 3.80
C ARG C 39 21.65 -5.68 3.86
N ARG C 40 20.73 -6.43 3.26
CA ARG C 40 19.32 -6.02 3.16
C ARG C 40 18.67 -5.78 4.50
N HIS C 41 19.05 -6.57 5.50
CA HIS C 41 18.47 -6.45 6.83
C HIS C 41 19.49 -5.98 7.87
N ARG C 42 20.69 -5.64 7.41
CA ARG C 42 21.77 -5.16 8.28
C ARG C 42 21.99 -6.17 9.42
N MET C 43 22.08 -7.44 9.05
CA MET C 43 22.19 -8.52 10.02
C MET C 43 23.51 -8.48 10.78
N LEU C 44 24.60 -8.25 10.05
CA LEU C 44 25.93 -8.24 10.63
C LEU C 44 26.74 -7.04 10.16
N LEU C 45 27.38 -6.36 11.10
CA LEU C 45 28.33 -5.31 10.75
C LEU C 45 29.57 -5.98 10.17
N PRO C 46 30.17 -5.38 9.13
CA PRO C 46 31.29 -5.99 8.39
C PRO C 46 32.45 -6.42 9.28
N GLY C 47 32.70 -7.71 9.35
CA GLY C 47 33.86 -8.24 10.06
C GLY C 47 33.70 -8.35 11.57
N GLU C 48 32.47 -8.27 12.05
CA GLU C 48 32.23 -8.31 13.50
C GLU C 48 32.15 -9.74 14.02
N ARG C 49 32.27 -9.88 15.34
CA ARG C 49 32.10 -11.18 15.99
C ARG C 49 30.65 -11.62 15.89
N VAL C 50 30.45 -12.89 15.54
CA VAL C 50 29.10 -13.46 15.48
C VAL C 50 29.12 -14.93 15.90
N LEU C 51 28.22 -15.27 16.81
CA LEU C 51 28.13 -16.64 17.33
C LEU C 51 27.22 -17.47 16.45
N VAL C 52 27.77 -18.54 15.86
CA VAL C 52 27.01 -19.39 14.97
C VAL C 52 26.56 -20.67 15.66
N ALA C 53 25.27 -20.97 15.57
CA ALA C 53 24.75 -22.22 16.09
C ALA C 53 25.06 -23.35 15.12
N VAL C 54 25.89 -24.30 15.54
CA VAL C 54 26.32 -25.38 14.66
C VAL C 54 26.06 -26.76 15.27
N SER C 55 25.25 -27.54 14.57
CA SER C 55 24.92 -28.89 15.02
C SER C 55 25.61 -29.94 14.16
N GLY C 56 26.28 -29.49 13.10
CA GLY C 56 26.93 -30.39 12.17
C GLY C 56 26.05 -30.69 10.97
N GLY C 57 24.81 -30.22 11.01
CA GLY C 57 23.89 -30.40 9.90
C GLY C 57 24.31 -29.62 8.67
N LYS C 58 23.71 -29.96 7.53
CA LYS C 58 24.05 -29.33 6.26
C LYS C 58 23.88 -27.81 6.27
N ASP C 59 22.87 -27.32 6.98
CA ASP C 59 22.58 -25.90 7.00
C ASP C 59 23.59 -25.08 7.82
N SER C 60 23.85 -25.53 9.04
CA SER C 60 24.69 -24.76 9.96
C SER C 60 26.17 -24.76 9.55
N LEU C 61 26.61 -25.85 8.92
CA LEU C 61 27.99 -25.94 8.47
C LEU C 61 28.21 -25.07 7.23
N ALA C 62 27.25 -25.12 6.31
CA ALA C 62 27.31 -24.26 5.12
C ALA C 62 27.33 -22.79 5.54
N LEU C 63 26.56 -22.48 6.59
CA LEU C 63 26.48 -21.11 7.09
C LEU C 63 27.80 -20.68 7.73
N TRP C 64 28.42 -21.59 8.47
CA TRP C 64 29.69 -21.30 9.12
C TRP C 64 30.75 -21.00 8.06
N ASP C 65 30.75 -21.81 7.00
CA ASP C 65 31.65 -21.63 5.88
C ASP C 65 31.48 -20.26 5.22
N VAL C 66 30.25 -19.92 4.87
CA VAL C 66 29.94 -18.68 4.16
C VAL C 66 30.31 -17.45 4.98
N LEU C 67 29.85 -17.38 6.22
CA LEU C 67 30.17 -16.27 7.10
C LEU C 67 31.68 -16.12 7.29
N SER C 68 32.38 -17.25 7.30
CA SER C 68 33.83 -17.25 7.42
C SER C 68 34.48 -16.63 6.18
N ARG C 69 33.98 -17.01 5.01
CA ARG C 69 34.52 -16.51 3.74
C ARG C 69 34.17 -15.05 3.50
N LEU C 70 33.24 -14.51 4.27
CA LEU C 70 32.79 -13.13 4.11
C LEU C 70 33.50 -12.20 5.08
N GLY C 71 34.51 -12.71 5.78
CA GLY C 71 35.33 -11.89 6.63
C GLY C 71 34.75 -11.60 8.01
N TYR C 72 33.68 -12.31 8.37
CA TYR C 72 33.11 -12.20 9.70
C TYR C 72 33.91 -13.05 10.70
N GLN C 73 33.97 -12.60 11.94
CA GLN C 73 34.59 -13.38 13.01
C GLN C 73 33.59 -14.42 13.52
N ALA C 74 33.37 -15.47 12.74
CA ALA C 74 32.33 -16.44 13.05
C ALA C 74 32.83 -17.53 13.99
N VAL C 75 32.39 -17.48 15.24
CA VAL C 75 32.72 -18.49 16.23
C VAL C 75 31.56 -19.46 16.44
N GLY C 76 31.83 -20.75 16.26
CA GLY C 76 30.79 -21.76 16.38
C GLY C 76 30.44 -22.08 17.82
N LEU C 77 29.18 -22.45 18.04
CA LEU C 77 28.72 -22.89 19.35
C LEU C 77 27.89 -24.14 19.20
N HIS C 78 28.42 -25.26 19.69
CA HIS C 78 27.72 -26.54 19.60
C HIS C 78 27.21 -26.98 20.98
N ILE C 79 25.99 -27.48 21.01
CA ILE C 79 25.42 -28.00 22.25
C ILE C 79 25.21 -29.51 22.16
N GLU C 80 26.00 -30.25 22.94
CA GLU C 80 25.82 -31.70 23.05
C GLU C 80 24.52 -31.99 23.80
N LEU C 81 23.49 -32.38 23.06
CA LEU C 81 22.15 -32.56 23.63
C LEU C 81 21.99 -33.87 24.39
N GLY C 82 22.97 -34.77 24.22
CA GLY C 82 22.96 -36.03 24.93
C GLY C 82 21.94 -37.03 24.41
N ILE C 83 21.76 -37.04 23.10
CA ILE C 83 20.83 -37.97 22.46
C ILE C 83 21.60 -39.12 21.80
N GLY C 84 22.25 -39.92 22.64
CA GLY C 84 22.93 -41.13 22.20
C GLY C 84 23.99 -40.97 21.12
N GLU C 85 24.05 -41.95 20.23
CA GLU C 85 25.03 -41.97 19.16
C GLU C 85 24.87 -40.77 18.22
N TYR C 86 23.63 -40.33 18.04
CA TYR C 86 23.35 -39.16 17.21
C TYR C 86 24.08 -37.92 17.69
N SER C 87 23.94 -37.61 18.97
CA SER C 87 24.61 -36.45 19.56
C SER C 87 26.13 -36.57 19.46
N LYS C 88 26.62 -37.78 19.63
CA LYS C 88 28.05 -38.06 19.54
C LYS C 88 28.56 -37.82 18.12
N ARG C 89 27.78 -38.25 17.14
CA ARG C 89 28.17 -38.08 15.75
C ARG C 89 28.12 -36.62 15.29
N SER C 90 27.17 -35.87 15.84
CA SER C 90 27.02 -34.47 15.47
C SER C 90 28.17 -33.66 16.06
N LEU C 91 28.60 -34.05 17.25
CA LEU C 91 29.73 -33.41 17.90
C LEU C 91 31.01 -33.62 17.10
N GLU C 92 31.22 -34.86 16.65
CA GLU C 92 32.42 -35.21 15.90
C GLU C 92 32.50 -34.48 14.56
N VAL C 93 31.37 -34.43 13.86
CA VAL C 93 31.32 -33.73 12.57
C VAL C 93 31.62 -32.24 12.75
N THR C 94 31.00 -31.64 13.76
CA THR C 94 31.20 -30.22 14.04
C THR C 94 32.64 -29.94 14.47
N GLN C 95 33.17 -30.76 15.36
CA GLN C 95 34.56 -30.65 15.79
C GLN C 95 35.51 -30.79 14.60
N ALA C 96 35.31 -31.83 13.81
CA ALA C 96 36.13 -32.08 12.63
C ALA C 96 36.08 -30.91 11.66
N PHE C 97 34.88 -30.37 11.46
CA PHE C 97 34.68 -29.24 10.57
C PHE C 97 35.50 -28.04 11.03
N ALA C 98 35.48 -27.78 12.33
CA ALA C 98 36.16 -26.63 12.90
C ALA C 98 37.69 -26.76 12.83
N ARG C 99 38.20 -27.98 13.01
CA ARG C 99 39.64 -28.19 13.06
C ARG C 99 40.25 -28.27 11.65
N GLU C 100 39.46 -28.76 10.68
CA GLU C 100 39.94 -28.84 9.30
C GLU C 100 40.09 -27.43 8.73
N ARG C 101 39.45 -26.47 9.39
CA ARG C 101 39.65 -25.06 9.11
C ARG C 101 40.26 -24.43 10.37
N GLY C 102 40.33 -23.11 10.42
CA GLY C 102 40.94 -22.45 11.57
C GLY C 102 39.91 -21.91 12.54
N LEU C 103 38.70 -22.45 12.48
CA LEU C 103 37.55 -21.86 13.15
C LEU C 103 37.49 -22.20 14.65
N GLU C 104 37.24 -21.17 15.45
CA GLU C 104 37.12 -21.33 16.90
C GLU C 104 35.78 -21.96 17.26
N LEU C 105 35.83 -23.05 18.02
CA LEU C 105 34.63 -23.77 18.40
C LEU C 105 34.38 -23.74 19.91
N LEU C 106 33.16 -23.41 20.30
CA LEU C 106 32.74 -23.50 21.70
C LEU C 106 31.75 -24.65 21.86
N VAL C 107 31.82 -25.35 22.99
CA VAL C 107 30.93 -26.48 23.23
C VAL C 107 30.29 -26.39 24.61
N VAL C 108 28.99 -26.64 24.68
CA VAL C 108 28.29 -26.78 25.94
C VAL C 108 27.62 -28.13 26.00
N ASP C 109 28.02 -28.96 26.96
CA ASP C 109 27.46 -30.29 27.12
C ASP C 109 26.35 -30.27 28.16
N LEU C 110 25.13 -30.56 27.73
CA LEU C 110 23.95 -30.49 28.60
C LEU C 110 24.08 -31.33 29.87
N LYS C 111 24.50 -32.57 29.72
CA LYS C 111 24.60 -33.47 30.87
C LYS C 111 25.72 -33.05 31.81
N GLU C 112 26.88 -32.72 31.26
CA GLU C 112 28.02 -32.29 32.08
C GLU C 112 27.72 -30.97 32.78
N ALA C 113 26.87 -30.15 32.18
CA ALA C 113 26.53 -28.85 32.75
C ALA C 113 25.37 -28.96 33.73
N TYR C 114 24.24 -29.46 33.26
CA TYR C 114 23.01 -29.42 34.05
C TYR C 114 22.62 -30.78 34.66
N GLY C 115 23.30 -31.84 34.26
CA GLY C 115 23.05 -33.15 34.83
C GLY C 115 22.18 -34.07 33.98
N PHE C 116 21.48 -33.50 33.01
CA PHE C 116 20.57 -34.29 32.18
C PHE C 116 20.66 -33.91 30.71
N GLY C 117 20.42 -34.89 29.84
CA GLY C 117 20.28 -34.64 28.42
C GLY C 117 18.85 -34.25 28.09
N VAL C 118 18.61 -33.86 26.85
CA VAL C 118 17.29 -33.41 26.41
C VAL C 118 16.14 -34.41 26.65
N PRO C 119 16.32 -35.69 26.26
CA PRO C 119 15.17 -36.60 26.47
C PRO C 119 14.82 -36.81 27.95
N GLU C 120 15.82 -36.99 28.81
CA GLU C 120 15.58 -37.11 30.24
C GLU C 120 15.04 -35.79 30.80
N LEU C 121 15.54 -34.69 30.24
CA LEU C 121 15.04 -33.36 30.58
C LEU C 121 13.56 -33.24 30.27
N ALA C 122 13.16 -33.78 29.12
CA ALA C 122 11.78 -33.74 28.67
C ALA C 122 10.87 -34.54 29.58
N ARG C 123 11.24 -35.79 29.84
CA ARG C 123 10.44 -36.70 30.66
C ARG C 123 10.12 -36.10 32.03
N LEU C 124 11.14 -35.55 32.68
CA LEU C 124 10.99 -35.00 34.03
C LEU C 124 10.21 -33.69 34.05
N SER C 125 10.47 -32.83 33.06
CA SER C 125 9.86 -31.50 33.04
C SER C 125 8.39 -31.55 32.67
N GLY C 126 8.01 -32.54 31.87
CA GLY C 126 6.64 -32.66 31.40
C GLY C 126 6.46 -32.00 30.04
N ARG C 127 7.58 -31.68 29.40
CA ARG C 127 7.57 -31.07 28.07
C ARG C 127 7.82 -32.10 26.98
N VAL C 128 7.26 -31.85 25.80
CA VAL C 128 7.60 -32.61 24.61
C VAL C 128 9.09 -32.40 24.33
N ALA C 129 9.78 -33.47 23.92
CA ALA C 129 11.22 -33.42 23.70
C ALA C 129 11.62 -32.30 22.73
N CYS C 130 10.81 -32.09 21.70
CA CYS C 130 11.04 -31.01 20.75
C CYS C 130 11.03 -29.66 21.46
N SER C 131 10.10 -29.50 22.39
CA SER C 131 9.92 -28.24 23.10
C SER C 131 11.07 -27.97 24.05
N ALA C 132 11.44 -28.96 24.84
CA ALA C 132 12.54 -28.85 25.80
C ALA C 132 13.86 -28.61 25.08
N CYS C 133 14.01 -29.19 23.89
CA CYS C 133 15.23 -29.05 23.12
C CYS C 133 15.41 -27.62 22.62
N GLY C 134 14.38 -27.09 21.96
CA GLY C 134 14.42 -25.74 21.43
C GLY C 134 14.61 -24.70 22.51
N LEU C 135 13.90 -24.88 23.63
CA LEU C 135 14.02 -23.98 24.76
C LEU C 135 15.44 -23.96 25.32
N SER C 136 16.03 -25.14 25.46
CA SER C 136 17.40 -25.27 25.94
C SER C 136 18.37 -24.62 24.97
N LYS C 137 18.20 -24.90 23.68
CA LYS C 137 19.04 -24.32 22.64
C LYS C 137 19.01 -22.80 22.66
N ARG C 138 17.81 -22.22 22.64
CA ARG C 138 17.67 -20.76 22.61
C ARG C 138 18.29 -20.10 23.84
N TYR C 139 18.02 -20.64 25.02
CA TYR C 139 18.54 -20.06 26.26
C TYR C 139 20.05 -20.10 26.34
N ILE C 140 20.63 -21.24 25.95
CA ILE C 140 22.06 -21.45 26.11
C ILE C 140 22.90 -20.67 25.09
N ILE C 141 22.46 -20.64 23.84
CA ILE C 141 23.19 -19.90 22.82
C ILE C 141 23.15 -18.40 23.13
N ASN C 142 22.04 -17.95 23.70
CA ASN C 142 21.94 -16.54 24.10
C ASN C 142 22.81 -16.27 25.33
N GLN C 143 22.88 -17.23 26.24
CA GLN C 143 23.70 -17.09 27.44
C GLN C 143 25.18 -16.99 27.08
N VAL C 144 25.63 -17.84 26.17
CA VAL C 144 27.00 -17.81 25.70
C VAL C 144 27.31 -16.48 25.00
N ALA C 145 26.41 -16.05 24.13
CA ALA C 145 26.59 -14.81 23.39
C ALA C 145 26.77 -13.61 24.32
N VAL C 146 25.90 -13.52 25.33
CA VAL C 146 25.97 -12.44 26.32
C VAL C 146 27.26 -12.51 27.13
N GLU C 147 27.62 -13.71 27.58
CA GLU C 147 28.80 -13.91 28.40
C GLU C 147 30.09 -13.63 27.65
N GLU C 148 30.12 -13.95 26.36
CA GLU C 148 31.33 -13.82 25.56
C GLU C 148 31.36 -12.49 24.80
N GLY C 149 30.36 -11.64 25.04
CA GLY C 149 30.31 -10.33 24.44
C GLY C 149 29.86 -10.27 22.99
N PHE C 150 29.31 -11.37 22.47
CA PHE C 150 28.76 -11.38 21.12
C PHE C 150 27.51 -10.52 21.05
N ARG C 151 27.39 -9.73 19.98
CA ARG C 151 26.22 -8.88 19.79
C ARG C 151 25.07 -9.65 19.14
N VAL C 152 25.44 -10.65 18.33
CA VAL C 152 24.48 -11.31 17.46
C VAL C 152 24.71 -12.81 17.36
N VAL C 153 23.62 -13.58 17.32
CA VAL C 153 23.67 -15.00 17.05
C VAL C 153 23.11 -15.26 15.66
N ALA C 154 23.73 -16.17 14.91
CA ALA C 154 23.23 -16.53 13.59
C ALA C 154 22.81 -18.01 13.54
N THR C 155 21.65 -18.27 12.95
CA THR C 155 21.18 -19.63 12.79
C THR C 155 21.01 -19.96 11.31
N GLY C 156 21.02 -21.24 10.98
CA GLY C 156 21.00 -21.67 9.59
C GLY C 156 19.63 -21.94 9.01
N HIS C 157 18.60 -21.42 9.67
CA HIS C 157 17.23 -21.54 9.16
C HIS C 157 17.14 -21.06 7.72
N ASN C 158 16.48 -21.82 6.87
CA ASN C 158 16.34 -21.46 5.46
C ASN C 158 14.89 -21.15 5.08
N LEU C 159 14.63 -21.03 3.79
CA LEU C 159 13.31 -20.62 3.31
C LEU C 159 12.22 -21.64 3.64
N ASP C 160 12.50 -22.93 3.40
CA ASP C 160 11.54 -23.99 3.71
C ASP C 160 11.18 -23.97 5.18
N ASP C 161 12.17 -23.76 6.04
CA ASP C 161 11.95 -23.71 7.48
C ASP C 161 11.01 -22.57 7.85
N GLU C 162 11.34 -21.37 7.38
CA GLU C 162 10.58 -20.17 7.72
C GLU C 162 9.18 -20.19 7.12
N ALA C 163 9.06 -20.69 5.90
CA ALA C 163 7.76 -20.75 5.24
C ALA C 163 6.86 -21.81 5.88
N ALA C 164 7.48 -22.86 6.41
CA ALA C 164 6.73 -23.93 7.06
C ALA C 164 6.19 -23.49 8.41
N VAL C 165 6.97 -22.69 9.13
CA VAL C 165 6.56 -22.16 10.41
C VAL C 165 5.40 -21.18 10.22
N LEU C 166 5.52 -20.33 9.21
CA LEU C 166 4.46 -19.38 8.87
C LEU C 166 3.19 -20.12 8.45
N PHE C 167 3.36 -21.14 7.62
CA PHE C 167 2.23 -21.95 7.15
C PHE C 167 1.51 -22.62 8.31
N GLY C 168 2.28 -23.23 9.20
CA GLY C 168 1.74 -23.92 10.35
C GLY C 168 0.96 -23.01 11.26
N ASN C 169 1.42 -21.77 11.37
CA ASN C 169 0.70 -20.76 12.15
C ASN C 169 -0.67 -20.49 11.54
N LEU C 170 -0.71 -20.31 10.22
CA LEU C 170 -1.95 -20.01 9.52
C LEU C 170 -2.90 -21.21 9.55
N LEU C 171 -2.33 -22.41 9.55
CA LEU C 171 -3.12 -23.63 9.58
C LEU C 171 -3.71 -23.88 10.97
N ASN C 172 -2.90 -23.61 11.99
CA ASN C 172 -3.34 -23.77 13.38
C ASN C 172 -3.25 -22.45 14.14
N PRO C 173 -4.14 -21.49 13.82
CA PRO C 173 -4.04 -20.14 14.39
C PRO C 173 -4.57 -20.07 15.82
N GLN C 181 7.53 -12.68 14.33
CA GLN C 181 8.80 -13.30 13.98
C GLN C 181 9.25 -12.85 12.59
N GLY C 182 10.52 -13.08 12.28
CA GLY C 182 11.08 -12.67 10.99
C GLY C 182 12.55 -13.03 10.86
N PRO C 183 13.22 -12.45 9.87
CA PRO C 183 14.63 -12.72 9.58
C PRO C 183 15.56 -12.17 10.65
N VAL C 184 15.16 -11.09 11.30
CA VAL C 184 16.00 -10.41 12.27
C VAL C 184 15.27 -10.10 13.57
N LEU C 185 15.83 -10.58 14.68
CA LEU C 185 15.34 -10.20 16.00
C LEU C 185 16.34 -9.24 16.63
N PRO C 186 15.85 -8.09 17.11
CA PRO C 186 16.73 -7.01 17.60
C PRO C 186 17.43 -7.33 18.91
N GLU C 187 18.51 -6.62 19.18
CA GLU C 187 19.26 -6.78 20.42
C GLU C 187 18.53 -6.12 21.59
N LYS C 188 18.49 -6.79 22.72
CA LYS C 188 17.88 -6.26 23.94
C LYS C 188 18.83 -6.48 25.11
N PRO C 189 18.65 -5.74 26.21
CA PRO C 189 19.51 -5.95 27.38
C PRO C 189 19.47 -7.40 27.85
N GLY C 190 20.64 -8.04 27.87
CA GLY C 190 20.74 -9.43 28.27
C GLY C 190 20.21 -10.38 27.21
N LEU C 191 20.11 -9.89 25.98
CA LEU C 191 19.51 -10.66 24.89
C LEU C 191 20.12 -10.31 23.54
N ALA C 192 20.98 -11.17 23.03
CA ALA C 192 21.66 -10.94 21.76
C ALA C 192 20.69 -10.92 20.59
N ALA C 193 21.09 -10.26 19.51
CA ALA C 193 20.29 -10.23 18.30
C ALA C 193 20.31 -11.61 17.65
N ARG C 194 19.22 -11.97 16.99
CA ARG C 194 19.12 -13.25 16.28
C ARG C 194 18.81 -13.04 14.81
N VAL C 195 19.71 -13.52 13.95
CA VAL C 195 19.57 -13.32 12.51
C VAL C 195 19.63 -14.63 11.73
N LYS C 196 19.09 -14.60 10.52
CA LYS C 196 19.00 -15.77 9.66
C LYS C 196 19.39 -15.47 8.22
N PRO C 197 20.70 -15.46 7.94
CA PRO C 197 21.24 -15.13 6.61
C PRO C 197 20.81 -16.07 5.49
N PHE C 198 20.26 -17.23 5.82
CA PHE C 198 19.89 -18.21 4.79
C PHE C 198 18.39 -18.26 4.49
N TYR C 199 17.64 -17.26 4.96
CA TYR C 199 16.17 -17.36 4.91
C TYR C 199 15.59 -17.18 3.51
N ARG C 200 16.41 -16.79 2.54
CA ARG C 200 15.96 -16.69 1.15
C ARG C 200 16.31 -17.94 0.35
N PHE C 201 17.08 -18.84 0.96
CA PHE C 201 17.51 -20.07 0.30
C PHE C 201 16.58 -21.23 0.58
N SER C 202 16.26 -22.01 -0.45
CA SER C 202 15.54 -23.27 -0.23
C SER C 202 16.50 -24.29 0.36
N GLU C 203 15.97 -25.36 0.91
CA GLU C 203 16.79 -26.43 1.48
C GLU C 203 17.66 -27.08 0.41
N ARG C 204 17.11 -27.24 -0.78
CA ARG C 204 17.83 -27.85 -1.88
C ARG C 204 19.05 -27.01 -2.27
N GLU C 205 18.90 -25.69 -2.21
CA GLU C 205 19.98 -24.78 -2.58
C GLU C 205 21.12 -24.82 -1.56
N VAL C 206 20.76 -24.87 -0.27
CA VAL C 206 21.75 -24.94 0.80
C VAL C 206 22.50 -26.26 0.76
N LEU C 207 21.76 -27.35 0.61
CA LEU C 207 22.36 -28.68 0.51
C LEU C 207 23.27 -28.78 -0.70
N SER C 208 22.83 -28.20 -1.82
CA SER C 208 23.62 -28.18 -3.05
C SER C 208 24.95 -27.47 -2.81
N TYR C 209 24.91 -26.38 -2.06
CA TYR C 209 26.11 -25.64 -1.72
C TYR C 209 27.04 -26.49 -0.85
N THR C 210 26.47 -27.16 0.14
CA THR C 210 27.23 -28.02 1.05
C THR C 210 27.95 -29.14 0.31
N LEU C 211 27.25 -29.75 -0.65
CA LEU C 211 27.83 -30.84 -1.42
C LEU C 211 28.94 -30.35 -2.34
N LEU C 212 28.67 -29.28 -3.09
CA LEU C 212 29.64 -28.73 -4.04
C LEU C 212 30.86 -28.15 -3.33
N ARG C 213 30.70 -27.70 -2.10
CA ARG C 213 31.80 -27.15 -1.33
C ARG C 213 32.67 -28.28 -0.76
N GLY C 214 32.08 -29.46 -0.63
CA GLY C 214 32.81 -30.63 -0.16
C GLY C 214 32.68 -30.86 1.33
N ILE C 215 31.79 -30.09 1.97
CA ILE C 215 31.60 -30.18 3.41
C ILE C 215 30.98 -31.52 3.84
N ARG C 216 31.69 -32.24 4.70
CA ARG C 216 31.14 -33.44 5.30
C ARG C 216 30.20 -33.05 6.43
N TYR C 217 28.93 -33.43 6.31
CA TYR C 217 27.92 -33.07 7.29
C TYR C 217 27.21 -34.30 7.83
N LEU C 218 26.53 -34.13 8.95
CA LEU C 218 25.75 -35.21 9.54
C LEU C 218 24.43 -35.39 8.79
N HIS C 219 24.33 -36.44 7.98
CA HIS C 219 23.17 -36.62 7.12
C HIS C 219 21.94 -37.06 7.90
N GLU C 220 22.13 -37.86 8.94
CA GLU C 220 21.03 -38.33 9.77
C GLU C 220 20.39 -37.18 10.54
N GLU C 221 19.07 -37.21 10.65
CA GLU C 221 18.33 -36.15 11.33
C GLU C 221 18.15 -36.47 12.81
N CYS C 222 17.65 -35.48 13.56
CA CYS C 222 17.35 -35.67 14.98
C CYS C 222 16.29 -36.76 15.15
N PRO C 223 16.56 -37.76 15.99
CA PRO C 223 15.67 -38.91 16.18
C PRO C 223 14.27 -38.53 16.65
N ASN C 224 14.17 -37.47 17.46
CA ASN C 224 12.89 -37.06 18.01
C ASN C 224 11.94 -36.47 16.97
N ALA C 225 12.47 -35.67 16.05
CA ALA C 225 11.67 -35.07 15.00
C ALA C 225 11.54 -36.02 13.81
N LYS C 226 10.81 -37.11 14.00
CA LYS C 226 10.68 -38.13 12.97
C LYS C 226 9.46 -37.90 12.09
N GLY C 227 8.35 -37.53 12.71
CA GLY C 227 7.13 -37.23 11.98
C GLY C 227 6.60 -35.84 12.32
N ALA C 228 7.51 -34.87 12.34
CA ALA C 228 7.17 -33.49 12.71
C ALA C 228 6.13 -32.90 11.77
N LYS C 229 5.33 -31.97 12.30
CA LYS C 229 4.32 -31.28 11.51
C LYS C 229 4.97 -30.46 10.40
N SER C 230 6.16 -29.94 10.69
CA SER C 230 6.90 -29.13 9.73
C SER C 230 7.21 -29.90 8.46
N LEU C 231 7.42 -31.21 8.60
CA LEU C 231 7.63 -32.07 7.44
C LEU C 231 6.41 -32.05 6.54
N LEU C 232 5.24 -32.21 7.14
CA LEU C 232 3.97 -32.13 6.41
C LEU C 232 3.82 -30.78 5.75
N TYR C 233 4.13 -29.72 6.49
CA TYR C 233 4.03 -28.36 5.99
C TYR C 233 4.97 -28.13 4.81
N LYS C 234 6.21 -28.59 4.94
CA LYS C 234 7.21 -28.44 3.90
C LYS C 234 6.82 -29.19 2.63
N GLU C 235 6.22 -30.36 2.79
CA GLU C 235 5.85 -31.18 1.64
C GLU C 235 4.77 -30.53 0.80
N ALA C 236 3.81 -29.87 1.46
CA ALA C 236 2.73 -29.19 0.76
C ALA C 236 3.23 -27.96 0.02
N LEU C 237 4.07 -27.17 0.70
CA LEU C 237 4.65 -25.97 0.10
C LEU C 237 5.57 -26.31 -1.06
N ASN C 238 6.29 -27.42 -0.95
CA ASN C 238 7.18 -27.86 -2.00
C ASN C 238 6.43 -28.52 -3.16
N LEU C 239 5.24 -29.03 -2.86
CA LEU C 239 4.38 -29.57 -3.91
C LEU C 239 3.95 -28.43 -4.83
N VAL C 240 3.71 -27.28 -4.23
CA VAL C 240 3.39 -26.07 -4.98
C VAL C 240 4.60 -25.56 -5.74
N GLU C 241 5.73 -25.49 -5.05
CA GLU C 241 6.99 -24.99 -5.62
C GLU C 241 7.37 -25.76 -6.89
N ARG C 242 7.11 -27.06 -6.89
CA ARG C 242 7.38 -27.92 -8.03
C ARG C 242 6.69 -27.40 -9.30
N SER C 243 5.44 -27.00 -9.16
CA SER C 243 4.66 -26.52 -10.31
C SER C 243 4.68 -25.00 -10.43
N MET C 244 5.09 -24.32 -9.35
CA MET C 244 5.18 -22.86 -9.34
C MET C 244 6.49 -22.38 -8.73
N PRO C 245 7.55 -22.30 -9.54
CA PRO C 245 8.85 -21.81 -9.07
C PRO C 245 8.75 -20.43 -8.41
N GLY C 246 9.24 -20.31 -7.18
CA GLY C 246 9.31 -19.03 -6.50
C GLY C 246 8.18 -18.77 -5.52
N ALA C 247 7.29 -19.75 -5.35
CA ALA C 247 6.11 -19.59 -4.50
C ALA C 247 6.46 -19.40 -3.02
N LYS C 248 7.42 -20.18 -2.53
CA LYS C 248 7.80 -20.12 -1.12
C LYS C 248 8.34 -18.74 -0.74
N LEU C 249 9.12 -18.15 -1.64
CA LEU C 249 9.67 -16.81 -1.39
C LEU C 249 8.57 -15.75 -1.47
N ARG C 250 7.67 -15.89 -2.44
CA ARG C 250 6.54 -14.97 -2.57
C ARG C 250 5.65 -15.05 -1.34
N PHE C 251 5.53 -16.26 -0.80
CA PHE C 251 4.73 -16.51 0.40
C PHE C 251 5.32 -15.80 1.62
N LEU C 252 6.60 -16.02 1.85
CA LEU C 252 7.28 -15.43 3.01
C LEU C 252 7.43 -13.91 2.89
N ASP C 253 7.81 -13.44 1.70
CA ASP C 253 7.94 -12.01 1.45
C ASP C 253 6.60 -11.31 1.56
N GLY C 254 5.54 -11.97 1.09
CA GLY C 254 4.21 -11.43 1.17
C GLY C 254 3.75 -11.15 2.59
N PHE C 255 4.12 -12.04 3.50
CA PHE C 255 3.75 -11.89 4.90
C PHE C 255 4.53 -10.74 5.56
N LEU C 256 5.81 -10.63 5.22
CA LEU C 256 6.67 -9.62 5.82
C LEU C 256 6.37 -8.23 5.27
N GLU C 257 5.97 -8.17 4.00
CA GLU C 257 5.80 -6.90 3.32
C GLU C 257 4.35 -6.40 3.32
N LYS C 258 3.40 -7.30 3.12
CA LYS C 258 2.01 -6.88 2.93
C LYS C 258 1.09 -7.19 4.11
N ILE C 259 1.29 -8.32 4.79
CA ILE C 259 0.37 -8.73 5.85
C ILE C 259 0.75 -8.22 7.23
N ARG C 260 1.94 -8.57 7.71
CA ARG C 260 2.39 -8.18 9.05
C ARG C 260 2.45 -6.67 9.29
N PRO C 261 2.89 -5.87 8.29
CA PRO C 261 2.83 -4.42 8.54
C PRO C 261 1.41 -3.90 8.75
N ARG C 262 0.41 -4.57 8.18
CA ARG C 262 -0.98 -4.15 8.32
C ARG C 262 -1.68 -4.88 9.46
N LEU C 263 -0.91 -5.64 10.24
CA LEU C 263 -1.49 -6.52 11.26
C LEU C 263 -1.42 -5.94 12.67
N ASP C 264 -2.59 -5.69 13.25
CA ASP C 264 -2.69 -5.22 14.63
C ASP C 264 -2.31 -6.34 15.61
N VAL C 265 -1.28 -6.09 16.41
CA VAL C 265 -0.86 -7.05 17.43
C VAL C 265 -1.09 -6.48 18.82
N GLY C 266 -0.92 -7.32 19.83
CA GLY C 266 -1.13 -6.92 21.21
C GLY C 266 -0.11 -5.89 21.70
N VAL C 269 4.05 -6.43 26.18
CA VAL C 269 4.43 -6.80 27.54
C VAL C 269 5.94 -6.69 27.74
N ALA C 270 6.34 -5.83 28.68
CA ALA C 270 7.75 -5.56 28.92
C ALA C 270 8.44 -6.76 29.56
N LEU C 271 9.73 -6.93 29.27
CA LEU C 271 10.50 -8.05 29.79
C LEU C 271 11.12 -7.74 31.15
N ARG C 272 11.33 -8.80 31.93
CA ARG C 272 11.90 -8.67 33.27
C ARG C 272 13.14 -9.55 33.41
N GLU C 273 14.03 -9.17 34.32
CA GLU C 273 15.16 -10.02 34.65
C GLU C 273 14.64 -11.20 35.46
N CYS C 274 14.98 -12.41 35.02
CA CYS C 274 14.60 -13.62 35.73
C CYS C 274 15.06 -13.58 37.18
N GLU C 275 14.24 -14.13 38.07
CA GLU C 275 14.57 -14.16 39.49
C GLU C 275 15.87 -14.93 39.74
N ARG C 276 16.02 -16.06 39.05
CA ARG C 276 17.18 -16.91 39.24
C ARG C 276 18.40 -16.46 38.44
N CYS C 277 18.28 -16.48 37.10
CA CYS C 277 19.44 -16.25 36.25
C CYS C 277 19.56 -14.82 35.74
N GLY C 278 18.44 -14.10 35.72
CA GLY C 278 18.46 -12.69 35.37
C GLY C 278 18.43 -12.40 33.88
N TYR C 279 18.00 -13.38 33.10
CA TYR C 279 17.80 -13.20 31.67
C TYR C 279 16.36 -12.81 31.40
N PRO C 280 16.11 -12.05 30.31
CA PRO C 280 14.79 -11.46 30.04
C PRO C 280 13.66 -12.50 29.98
N THR C 281 12.55 -12.17 30.64
CA THR C 281 11.36 -13.01 30.66
C THR C 281 10.17 -12.18 31.14
N THR C 282 8.96 -12.64 30.84
CA THR C 282 7.77 -11.93 31.27
C THR C 282 7.31 -12.36 32.66
N GLY C 283 7.72 -13.56 33.06
CA GLY C 283 7.33 -14.09 34.35
C GLY C 283 8.26 -13.70 35.48
N ALA C 284 8.08 -14.32 36.64
CA ALA C 284 8.97 -14.11 37.76
C ALA C 284 10.25 -14.89 37.53
N VAL C 285 10.11 -16.04 36.87
CA VAL C 285 11.23 -16.89 36.51
C VAL C 285 11.06 -17.34 35.06
N CYS C 286 12.15 -17.27 34.28
CA CYS C 286 12.08 -17.59 32.86
C CYS C 286 11.68 -19.04 32.61
N ALA C 287 11.34 -19.35 31.37
CA ALA C 287 10.89 -20.69 30.99
C ALA C 287 11.95 -21.74 31.28
N PHE C 288 13.21 -21.36 31.08
CA PHE C 288 14.33 -22.26 31.24
C PHE C 288 14.50 -22.71 32.69
N CYS C 289 14.57 -21.74 33.61
CA CYS C 289 14.73 -22.05 35.02
C CYS C 289 13.45 -22.64 35.59
N ARG C 290 12.32 -22.29 34.97
CA ARG C 290 11.03 -22.87 35.31
C ARG C 290 11.06 -24.37 35.03
N MET C 291 11.76 -24.72 33.95
CA MET C 291 11.86 -26.10 33.49
C MET C 291 12.80 -26.94 34.35
N TRP C 292 13.96 -26.38 34.67
CA TRP C 292 14.98 -27.12 35.42
C TRP C 292 14.64 -27.25 36.89
N ASP C 293 13.92 -26.28 37.44
CA ASP C 293 13.48 -26.35 38.83
C ASP C 293 12.61 -27.57 39.04
N ALA C 294 11.67 -27.79 38.13
CA ALA C 294 10.80 -28.97 38.19
C ALA C 294 11.62 -30.24 38.03
N VAL C 295 12.50 -30.24 37.02
CA VAL C 295 13.34 -31.40 36.72
C VAL C 295 14.14 -31.85 37.93
N TYR C 296 14.87 -30.92 38.55
CA TYR C 296 15.67 -31.23 39.74
C TYR C 296 14.78 -31.70 40.89
N ARG C 297 13.66 -31.00 41.08
CA ARG C 297 12.74 -31.30 42.17
C ARG C 297 12.17 -32.71 42.02
N ARG C 298 11.91 -33.12 40.80
CA ARG C 298 11.37 -34.46 40.54
C ARG C 298 12.48 -35.49 40.40
N ALA C 299 13.68 -35.04 40.05
CA ALA C 299 14.83 -35.93 40.01
C ALA C 299 15.22 -36.33 41.43
N LYS C 300 15.25 -35.34 42.32
CA LYS C 300 15.51 -35.59 43.74
C LYS C 300 14.42 -36.47 44.32
N LYS C 301 13.18 -36.22 43.92
CA LYS C 301 12.02 -36.92 44.47
C LYS C 301 11.95 -38.36 43.99
N ARG C 302 12.75 -38.70 42.99
CA ARG C 302 12.75 -40.06 42.45
C ARG C 302 14.14 -40.69 42.48
N LYS C 303 14.97 -40.20 43.39
CA LYS C 303 16.31 -40.75 43.63
C LYS C 303 17.18 -40.73 42.37
N LEU C 304 16.86 -39.84 41.45
CA LEU C 304 17.64 -39.68 40.22
C LEU C 304 18.69 -38.60 40.41
N LEU C 305 18.69 -37.99 41.59
CA LEU C 305 19.63 -36.91 41.90
C LEU C 305 19.70 -36.73 43.42
N PRO C 306 20.93 -36.60 43.96
CA PRO C 306 21.17 -36.38 45.39
C PRO C 306 20.38 -35.19 45.92
N GLU C 307 19.83 -35.32 47.13
CA GLU C 307 18.95 -34.29 47.67
C GLU C 307 19.73 -33.04 48.12
N GLU C 308 20.99 -33.22 48.46
CA GLU C 308 21.80 -32.13 48.99
C GLU C 308 22.66 -31.44 47.93
N VAL C 309 22.13 -31.29 46.73
CA VAL C 309 22.84 -30.58 45.67
C VAL C 309 22.07 -29.35 45.21
N SER C 310 22.80 -28.34 44.76
CA SER C 310 22.19 -27.14 44.21
C SER C 310 22.86 -26.79 42.88
N PHE C 311 22.05 -26.39 41.91
CA PHE C 311 22.56 -26.05 40.59
C PHE C 311 22.66 -24.54 40.36
N ARG C 312 23.86 -24.10 39.99
CA ARG C 312 24.08 -22.70 39.64
C ARG C 312 23.63 -22.46 38.19
N PRO C 313 22.83 -21.40 37.97
CA PRO C 313 22.28 -21.09 36.65
C PRO C 313 23.35 -20.88 35.57
N ARG C 314 24.43 -20.20 35.92
CA ARG C 314 25.45 -19.83 34.95
C ARG C 314 26.24 -21.04 34.46
N VAL C 315 26.64 -21.01 33.20
CA VAL C 315 27.38 -22.11 32.60
C VAL C 315 28.59 -21.60 31.81
N LYS C 316 29.69 -22.34 31.91
CA LYS C 316 30.89 -21.99 31.14
C LYS C 316 31.01 -22.86 29.91
N PRO C 317 31.26 -22.24 28.75
CA PRO C 317 31.57 -22.97 27.52
C PRO C 317 33.06 -23.29 27.45
N LEU C 318 33.41 -24.44 26.87
CA LEU C 318 34.81 -24.85 26.83
C LEU C 318 35.40 -24.70 25.43
N ARG C 319 36.72 -24.49 25.38
CA ARG C 319 37.45 -24.26 24.13
C ARG C 319 36.92 -23.05 23.37
N VAL D 2 -17.99 15.43 23.22
CA VAL D 2 -18.14 14.20 24.01
C VAL D 2 -17.17 13.13 23.51
N CYS D 3 -16.56 12.40 24.43
CA CYS D 3 -15.64 11.34 24.08
C CYS D 3 -16.36 10.19 23.37
N LYS D 4 -15.74 9.72 22.29
CA LYS D 4 -16.32 8.67 21.46
C LYS D 4 -16.38 7.31 22.17
N VAL D 5 -15.48 7.09 23.13
CA VAL D 5 -15.33 5.77 23.73
C VAL D 5 -16.12 5.57 25.02
N CYS D 6 -16.05 6.54 25.93
CA CYS D 6 -16.66 6.39 27.25
C CYS D 6 -17.84 7.32 27.49
N GLY D 7 -17.84 8.48 26.83
CA GLY D 7 -18.94 9.40 26.93
C GLY D 7 -18.66 10.67 27.73
N GLN D 8 -17.48 10.75 28.32
CA GLN D 8 -17.08 11.94 29.06
C GLN D 8 -16.83 13.12 28.13
N LYS D 9 -16.60 14.30 28.69
CA LYS D 9 -16.34 15.48 27.89
C LYS D 9 -15.01 15.35 27.15
N ALA D 10 -15.02 15.72 25.87
CA ALA D 10 -13.82 15.64 25.05
C ALA D 10 -12.84 16.77 25.40
N GLN D 11 -11.57 16.42 25.49
CA GLN D 11 -10.52 17.43 25.69
C GLN D 11 -9.86 17.74 24.35
N VAL D 12 -9.89 16.76 23.45
CA VAL D 12 -9.38 16.96 22.10
C VAL D 12 -10.43 16.60 21.06
N GLU D 13 -10.62 17.47 20.08
CA GLU D 13 -11.52 17.21 18.98
C GLU D 13 -10.78 17.31 17.65
N MET D 14 -10.91 16.27 16.83
CA MET D 14 -10.25 16.25 15.54
C MET D 14 -11.27 16.16 14.41
N ARG D 15 -11.61 17.32 13.84
CA ARG D 15 -12.61 17.40 12.78
C ARG D 15 -12.11 16.72 11.50
N SER D 16 -10.80 16.64 11.35
CA SER D 16 -10.21 16.01 10.18
C SER D 16 -10.29 14.49 10.27
N ARG D 17 -10.62 13.98 11.46
CA ARG D 17 -10.72 12.54 11.67
C ARG D 17 -12.13 12.13 12.08
N GLY D 18 -12.98 13.12 12.33
CA GLY D 18 -14.32 12.86 12.85
C GLY D 18 -14.25 12.20 14.20
N LEU D 19 -13.29 12.63 15.01
CA LEU D 19 -12.98 11.97 16.26
C LEU D 19 -12.77 12.99 17.40
N ALA D 20 -13.38 12.71 18.54
CA ALA D 20 -13.24 13.55 19.73
C ALA D 20 -13.12 12.67 20.97
N LEU D 21 -12.15 12.98 21.84
CA LEU D 21 -11.85 12.11 22.98
C LEU D 21 -11.52 12.89 24.25
N CYS D 22 -11.67 12.22 25.39
CA CYS D 22 -11.25 12.78 26.67
C CYS D 22 -9.74 12.60 26.85
N ARG D 23 -9.22 13.00 28.00
CA ARG D 23 -7.78 12.92 28.24
C ARG D 23 -7.24 11.51 28.13
N GLU D 24 -7.85 10.58 28.86
CA GLU D 24 -7.35 9.21 28.95
C GLU D 24 -7.36 8.48 27.61
N HIS D 25 -8.48 8.55 26.90
CA HIS D 25 -8.63 7.81 25.65
C HIS D 25 -7.90 8.46 24.49
N TYR D 26 -7.49 9.72 24.67
CA TYR D 26 -6.67 10.38 23.67
C TYR D 26 -5.22 9.93 23.77
N LEU D 27 -4.76 9.74 25.00
CA LEU D 27 -3.40 9.26 25.26
C LEU D 27 -3.21 7.87 24.66
N ASP D 28 -4.20 7.01 24.85
CA ASP D 28 -4.14 5.64 24.35
C ASP D 28 -4.19 5.63 22.83
N TRP D 29 -5.11 6.41 22.25
CA TRP D 29 -5.25 6.48 20.80
C TRP D 29 -3.97 7.00 20.15
N PHE D 30 -3.40 8.04 20.75
CA PHE D 30 -2.17 8.65 20.23
C PHE D 30 -1.05 7.62 20.20
N VAL D 31 -0.83 6.97 21.33
CA VAL D 31 0.19 5.93 21.44
C VAL D 31 -0.06 4.80 20.45
N LYS D 32 -1.31 4.36 20.36
CA LYS D 32 -1.67 3.25 19.48
C LYS D 32 -1.47 3.60 18.01
N GLU D 33 -1.75 4.85 17.66
CA GLU D 33 -1.61 5.30 16.28
C GLU D 33 -0.15 5.51 15.90
N THR D 34 0.69 5.83 16.89
CA THR D 34 2.12 5.91 16.64
C THR D 34 2.65 4.53 16.25
N GLU D 35 2.24 3.52 17.01
CA GLU D 35 2.65 2.15 16.75
C GLU D 35 2.13 1.66 15.39
N ARG D 36 0.91 2.05 15.06
CA ARG D 36 0.31 1.70 13.78
C ARG D 36 1.15 2.24 12.62
N ALA D 37 1.54 3.51 12.71
CA ALA D 37 2.39 4.12 11.70
C ALA D 37 3.76 3.46 11.63
N ILE D 38 4.27 3.05 12.79
CA ILE D 38 5.58 2.40 12.86
C ILE D 38 5.58 1.05 12.14
N ARG D 39 4.56 0.23 12.40
CA ARG D 39 4.50 -1.09 11.78
C ARG D 39 4.08 -1.03 10.32
N ARG D 40 3.16 -0.12 9.98
CA ARG D 40 2.67 -0.03 8.61
C ARG D 40 3.77 0.36 7.63
N HIS D 41 4.76 1.10 8.13
CA HIS D 41 5.87 1.51 7.28
C HIS D 41 7.17 0.79 7.66
N ARG D 42 7.05 -0.24 8.48
CA ARG D 42 8.19 -1.03 8.93
C ARG D 42 9.35 -0.15 9.40
N MET D 43 9.04 0.78 10.29
CA MET D 43 10.01 1.75 10.76
C MET D 43 10.99 1.14 11.75
N LEU D 44 10.45 0.35 12.67
CA LEU D 44 11.24 -0.24 13.74
C LEU D 44 10.91 -1.71 13.91
N LEU D 45 11.88 -2.48 14.41
CA LEU D 45 11.59 -3.81 14.91
C LEU D 45 11.18 -3.68 16.37
N PRO D 46 10.18 -4.46 16.80
CA PRO D 46 9.69 -4.40 18.18
C PRO D 46 10.80 -4.56 19.22
N GLY D 47 11.03 -3.52 20.02
CA GLY D 47 12.01 -3.57 21.10
C GLY D 47 13.41 -3.14 20.70
N GLU D 48 13.58 -2.77 19.44
CA GLU D 48 14.89 -2.39 18.89
C GLU D 48 15.45 -1.12 19.53
N ARG D 49 16.77 -1.03 19.61
CA ARG D 49 17.44 0.21 20.01
C ARG D 49 17.22 1.28 18.95
N VAL D 50 16.81 2.47 19.39
CA VAL D 50 16.58 3.57 18.46
C VAL D 50 17.07 4.88 19.07
N LEU D 51 17.75 5.68 18.26
CA LEU D 51 18.28 6.97 18.72
C LEU D 51 17.30 8.09 18.39
N VAL D 52 16.83 8.77 19.43
CA VAL D 52 15.82 9.80 19.25
C VAL D 52 16.39 11.21 19.41
N ALA D 53 16.27 12.02 18.37
CA ALA D 53 16.72 13.41 18.43
C ALA D 53 15.81 14.20 19.36
N VAL D 54 16.39 14.80 20.40
CA VAL D 54 15.59 15.51 21.39
C VAL D 54 16.13 16.92 21.69
N SER D 55 15.35 17.92 21.30
CA SER D 55 15.73 19.31 21.50
C SER D 55 15.07 19.92 22.73
N GLY D 56 14.08 19.21 23.26
CA GLY D 56 13.30 19.72 24.38
C GLY D 56 11.97 20.29 23.94
N GLY D 57 11.79 20.38 22.61
CA GLY D 57 10.53 20.84 22.05
C GLY D 57 9.42 19.82 22.28
N LYS D 58 8.17 20.24 22.07
CA LYS D 58 7.02 19.39 22.35
C LYS D 58 7.00 18.14 21.49
N ASP D 59 7.49 18.22 20.26
CA ASP D 59 7.46 17.09 19.34
C ASP D 59 8.43 15.97 19.74
N SER D 60 9.67 16.35 20.07
CA SER D 60 10.71 15.36 20.33
C SER D 60 10.54 14.68 21.69
N LEU D 61 10.03 15.42 22.67
CA LEU D 61 9.77 14.85 23.99
C LEU D 61 8.58 13.89 23.97
N ALA D 62 7.54 14.25 23.23
CA ALA D 62 6.39 13.38 23.08
C ALA D 62 6.81 12.09 22.39
N LEU D 63 7.64 12.22 21.36
CA LEU D 63 8.15 11.08 20.64
C LEU D 63 8.94 10.15 21.55
N TRP D 64 9.79 10.75 22.38
CA TRP D 64 10.59 9.99 23.33
C TRP D 64 9.68 9.24 24.29
N ASP D 65 8.69 9.93 24.81
CA ASP D 65 7.73 9.34 25.72
C ASP D 65 6.98 8.17 25.08
N VAL D 66 6.47 8.38 23.87
CA VAL D 66 5.69 7.36 23.19
C VAL D 66 6.53 6.12 22.85
N LEU D 67 7.69 6.34 22.23
CA LEU D 67 8.58 5.23 21.86
C LEU D 67 9.01 4.42 23.08
N SER D 68 9.18 5.11 24.20
CA SER D 68 9.52 4.44 25.46
C SER D 68 8.36 3.57 25.93
N ARG D 69 7.16 4.14 25.96
CA ARG D 69 5.96 3.42 26.40
C ARG D 69 5.67 2.21 25.52
N LEU D 70 6.05 2.30 24.25
CA LEU D 70 5.80 1.22 23.31
C LEU D 70 6.80 0.08 23.47
N GLY D 71 7.82 0.29 24.30
CA GLY D 71 8.76 -0.76 24.62
C GLY D 71 10.06 -0.72 23.83
N TYR D 72 10.29 0.37 23.11
CA TYR D 72 11.53 0.52 22.37
C TYR D 72 12.65 1.01 23.28
N GLN D 73 13.87 0.61 22.98
CA GLN D 73 15.03 1.12 23.70
C GLN D 73 15.35 2.49 23.16
N ALA D 74 14.65 3.49 23.66
CA ALA D 74 14.70 4.85 23.12
C ALA D 74 15.77 5.69 23.80
N VAL D 75 16.91 5.86 23.12
CA VAL D 75 18.00 6.65 23.66
C VAL D 75 18.00 8.03 22.98
N GLY D 76 18.01 9.08 23.79
CA GLY D 76 17.96 10.43 23.27
C GLY D 76 19.33 11.02 22.97
N LEU D 77 19.40 11.82 21.91
CA LEU D 77 20.58 12.61 21.62
C LEU D 77 20.23 14.08 21.63
N HIS D 78 20.82 14.82 22.56
CA HIS D 78 20.66 16.27 22.56
C HIS D 78 21.95 16.95 22.12
N ILE D 79 21.82 17.93 21.23
CA ILE D 79 22.96 18.68 20.77
C ILE D 79 22.90 20.12 21.27
N GLU D 80 23.89 20.51 22.07
CA GLU D 80 23.98 21.88 22.56
C GLU D 80 24.54 22.77 21.46
N LEU D 81 23.70 23.65 20.92
CA LEU D 81 24.07 24.46 19.78
C LEU D 81 24.74 25.79 20.18
N GLY D 82 24.75 26.07 21.48
CA GLY D 82 25.38 27.28 21.98
C GLY D 82 24.70 28.56 21.52
N ILE D 83 23.39 28.54 21.40
CA ILE D 83 22.63 29.72 21.01
C ILE D 83 22.09 30.43 22.25
N GLY D 84 22.98 31.10 22.97
CA GLY D 84 22.59 31.90 24.13
C GLY D 84 21.86 31.14 25.21
N GLU D 85 20.89 31.81 25.83
CA GLU D 85 20.10 31.22 26.92
C GLU D 85 19.14 30.16 26.40
N TYR D 86 18.82 30.24 25.11
CA TYR D 86 17.90 29.28 24.49
C TYR D 86 18.44 27.86 24.57
N SER D 87 19.66 27.67 24.08
CA SER D 87 20.31 26.37 24.12
C SER D 87 20.49 25.91 25.57
N LYS D 88 20.75 26.86 26.45
CA LYS D 88 20.92 26.58 27.86
C LYS D 88 19.65 26.00 28.47
N ARG D 89 18.52 26.67 28.23
CA ARG D 89 17.23 26.21 28.73
C ARG D 89 16.76 24.96 27.98
N SER D 90 17.18 24.83 26.73
CA SER D 90 16.85 23.67 25.92
C SER D 90 17.46 22.39 26.49
N LEU D 91 18.70 22.50 26.97
CA LEU D 91 19.40 21.38 27.56
C LEU D 91 18.79 20.98 28.90
N GLU D 92 18.48 21.99 29.72
CA GLU D 92 17.90 21.77 31.04
C GLU D 92 16.59 20.99 30.97
N VAL D 93 15.67 21.46 30.12
CA VAL D 93 14.40 20.79 29.91
C VAL D 93 14.58 19.34 29.48
N THR D 94 15.46 19.14 28.49
CA THR D 94 15.74 17.80 27.98
C THR D 94 16.33 16.90 29.05
N GLN D 95 17.32 17.42 29.78
CA GLN D 95 17.94 16.68 30.87
C GLN D 95 16.93 16.37 31.96
N ALA D 96 16.13 17.36 32.33
CA ALA D 96 15.07 17.18 33.32
C ALA D 96 14.14 16.03 32.93
N PHE D 97 13.81 15.96 31.65
CA PHE D 97 12.92 14.92 31.15
C PHE D 97 13.53 13.53 31.29
N ALA D 98 14.80 13.40 30.93
CA ALA D 98 15.46 12.10 30.92
C ALA D 98 15.63 11.51 32.31
N ARG D 99 16.11 12.32 33.26
CA ARG D 99 16.34 11.84 34.61
C ARG D 99 15.03 11.62 35.35
N GLU D 100 13.97 12.30 34.93
CA GLU D 100 12.67 12.16 35.55
C GLU D 100 12.07 10.79 35.25
N ARG D 101 12.53 10.18 34.17
CA ARG D 101 11.97 8.90 33.71
C ARG D 101 13.04 7.81 33.61
N GLY D 102 14.24 8.12 34.07
CA GLY D 102 15.33 7.15 34.02
C GLY D 102 15.67 6.75 32.60
N LEU D 103 15.65 7.74 31.71
CA LEU D 103 15.97 7.49 30.31
C LEU D 103 17.40 7.93 30.00
N GLU D 104 18.12 7.12 29.24
CA GLU D 104 19.50 7.42 28.90
C GLU D 104 19.57 8.61 27.94
N LEU D 105 20.49 9.53 28.21
CA LEU D 105 20.62 10.74 27.41
C LEU D 105 22.04 10.99 26.96
N LEU D 106 22.26 10.95 25.64
CA LEU D 106 23.54 11.30 25.06
C LEU D 106 23.55 12.79 24.74
N VAL D 107 24.69 13.45 24.97
CA VAL D 107 24.80 14.89 24.76
C VAL D 107 26.07 15.25 23.99
N VAL D 108 25.91 16.03 22.94
CA VAL D 108 27.03 16.60 22.22
C VAL D 108 26.98 18.12 22.27
N ASP D 109 28.03 18.72 22.81
CA ASP D 109 28.14 20.17 22.87
C ASP D 109 28.90 20.66 21.64
N LEU D 110 28.23 21.40 20.77
CA LEU D 110 28.79 21.82 19.49
C LEU D 110 30.08 22.63 19.68
N LYS D 111 30.06 23.57 20.62
CA LYS D 111 31.20 24.41 20.89
C LYS D 111 32.36 23.60 21.46
N GLU D 112 32.06 22.75 22.44
CA GLU D 112 33.08 21.93 23.08
C GLU D 112 33.74 20.96 22.09
N ALA D 113 32.97 20.56 21.08
CA ALA D 113 33.44 19.55 20.13
C ALA D 113 34.21 20.16 18.96
N TYR D 114 33.69 21.27 18.43
CA TYR D 114 34.27 21.85 17.21
C TYR D 114 34.81 23.27 17.42
N GLY D 115 34.50 23.87 18.55
CA GLY D 115 35.08 25.18 18.88
C GLY D 115 34.13 26.36 18.77
N PHE D 116 33.00 26.17 18.11
CA PHE D 116 32.10 27.28 17.85
C PHE D 116 30.63 26.86 17.89
N GLY D 117 29.81 27.66 18.58
CA GLY D 117 28.38 27.46 18.55
C GLY D 117 27.82 27.93 17.22
N VAL D 118 26.55 27.65 16.98
CA VAL D 118 25.88 28.04 15.73
C VAL D 118 26.01 29.52 15.35
N PRO D 119 25.84 30.45 16.31
CA PRO D 119 26.00 31.86 15.92
C PRO D 119 27.36 32.17 15.30
N GLU D 120 28.44 31.77 15.98
CA GLU D 120 29.78 31.93 15.44
C GLU D 120 29.96 31.09 14.18
N LEU D 121 29.32 29.92 14.16
CA LEU D 121 29.40 29.02 13.01
C LEU D 121 28.80 29.65 11.76
N ALA D 122 27.69 30.35 11.94
CA ALA D 122 27.03 31.03 10.84
C ALA D 122 27.91 32.14 10.27
N ARG D 123 28.57 32.85 11.18
CA ARG D 123 29.41 33.99 10.82
C ARG D 123 30.64 33.57 10.04
N LEU D 124 31.28 32.50 10.51
CA LEU D 124 32.60 32.11 10.00
C LEU D 124 32.52 31.20 8.78
N SER D 125 31.37 30.56 8.58
CA SER D 125 31.19 29.68 7.43
C SER D 125 30.66 30.47 6.23
N GLY D 126 29.99 31.59 6.52
CA GLY D 126 29.35 32.39 5.49
C GLY D 126 27.98 31.83 5.16
N ARG D 127 27.59 30.81 5.91
CA ARG D 127 26.32 30.12 5.72
C ARG D 127 25.26 30.67 6.66
N VAL D 128 24.02 30.75 6.19
CA VAL D 128 22.92 31.24 7.02
C VAL D 128 22.70 30.31 8.22
N ALA D 129 22.43 30.90 9.38
CA ALA D 129 22.35 30.18 10.65
C ALA D 129 21.54 28.88 10.59
N CYS D 130 20.33 28.96 10.04
CA CYS D 130 19.47 27.78 9.92
C CYS D 130 20.12 26.66 9.12
N SER D 131 20.80 27.03 8.03
CA SER D 131 21.45 26.06 7.17
C SER D 131 22.68 25.45 7.85
N ALA D 132 23.44 26.28 8.55
CA ALA D 132 24.61 25.81 9.29
C ALA D 132 24.17 24.96 10.47
N CYS D 133 23.06 25.34 11.09
CA CYS D 133 22.50 24.59 12.20
C CYS D 133 21.99 23.22 11.74
N GLY D 134 21.28 23.21 10.61
CA GLY D 134 20.71 21.98 10.08
C GLY D 134 21.75 20.94 9.68
N LEU D 135 22.77 21.38 8.96
CA LEU D 135 23.83 20.49 8.50
C LEU D 135 24.54 19.84 9.68
N SER D 136 24.81 20.64 10.71
CA SER D 136 25.47 20.15 11.90
C SER D 136 24.65 19.08 12.60
N LYS D 137 23.34 19.30 12.70
CA LYS D 137 22.45 18.35 13.33
C LYS D 137 22.34 17.06 12.53
N ARG D 138 22.21 17.17 11.21
CA ARG D 138 22.11 15.99 10.35
C ARG D 138 23.35 15.10 10.49
N TYR D 139 24.52 15.71 10.37
CA TYR D 139 25.78 14.97 10.45
C TYR D 139 25.97 14.33 11.82
N ILE D 140 25.90 15.13 12.87
CA ILE D 140 26.21 14.67 14.22
C ILE D 140 25.23 13.61 14.69
N ILE D 141 23.95 13.76 14.35
CA ILE D 141 22.95 12.76 14.70
C ILE D 141 23.29 11.41 14.05
N ASN D 142 23.59 11.44 12.76
CA ASN D 142 23.99 10.23 12.06
C ASN D 142 25.29 9.67 12.62
N GLN D 143 26.22 10.56 12.94
CA GLN D 143 27.53 10.17 13.45
C GLN D 143 27.42 9.35 14.74
N VAL D 144 26.72 9.91 15.73
CA VAL D 144 26.53 9.23 17.02
C VAL D 144 25.79 7.91 16.84
N ALA D 145 24.84 7.87 15.91
CA ALA D 145 24.08 6.67 15.63
C ALA D 145 24.97 5.54 15.11
N VAL D 146 25.83 5.87 14.16
CA VAL D 146 26.75 4.89 13.59
C VAL D 146 27.79 4.45 14.62
N GLU D 147 28.31 5.42 15.38
CA GLU D 147 29.32 5.13 16.38
C GLU D 147 28.79 4.27 17.53
N GLU D 148 27.53 4.47 17.91
CA GLU D 148 26.98 3.79 19.08
C GLU D 148 26.12 2.58 18.70
N GLY D 149 26.16 2.18 17.43
CA GLY D 149 25.55 0.93 17.00
C GLY D 149 24.08 0.97 16.66
N PHE D 150 23.51 2.16 16.51
CA PHE D 150 22.10 2.30 16.18
C PHE D 150 21.85 2.04 14.69
N ARG D 151 20.82 1.25 14.41
CA ARG D 151 20.41 1.00 13.03
C ARG D 151 19.58 2.16 12.50
N VAL D 152 18.88 2.84 13.40
CA VAL D 152 17.85 3.81 13.01
C VAL D 152 17.75 4.99 13.97
N VAL D 153 17.55 6.18 13.41
CA VAL D 153 17.25 7.36 14.22
C VAL D 153 15.80 7.80 14.00
N ALA D 154 15.17 8.30 15.04
CA ALA D 154 13.82 8.83 14.92
C ALA D 154 13.78 10.31 15.28
N THR D 155 13.07 11.08 14.46
CA THR D 155 12.88 12.51 14.71
C THR D 155 11.39 12.80 14.85
N GLY D 156 11.06 13.90 15.52
CA GLY D 156 9.68 14.19 15.85
C GLY D 156 8.89 15.01 14.84
N HIS D 157 9.36 15.02 13.59
CA HIS D 157 8.68 15.75 12.52
C HIS D 157 7.24 15.26 12.35
N ASN D 158 6.30 16.20 12.44
CA ASN D 158 4.88 15.86 12.35
C ASN D 158 4.31 16.13 10.97
N LEU D 159 2.98 16.01 10.84
CA LEU D 159 2.30 16.19 9.57
C LEU D 159 2.54 17.56 8.96
N ASP D 160 2.49 18.60 9.79
CA ASP D 160 2.66 19.96 9.30
C ASP D 160 4.07 20.18 8.76
N ASP D 161 5.06 19.64 9.47
CA ASP D 161 6.45 19.73 9.02
C ASP D 161 6.60 19.02 7.68
N GLU D 162 6.06 17.81 7.60
CA GLU D 162 6.23 16.94 6.44
C GLU D 162 5.41 17.37 5.24
N ALA D 163 4.19 17.88 5.48
CA ALA D 163 3.38 18.41 4.39
C ALA D 163 4.04 19.68 3.86
N ALA D 164 4.66 20.46 4.75
CA ALA D 164 5.32 21.69 4.35
C ALA D 164 6.58 21.43 3.53
N VAL D 165 7.34 20.40 3.89
CA VAL D 165 8.58 20.11 3.17
C VAL D 165 8.24 19.50 1.81
N LEU D 166 7.13 18.77 1.74
CA LEU D 166 6.65 18.27 0.46
C LEU D 166 6.17 19.43 -0.42
N PHE D 167 5.44 20.36 0.20
CA PHE D 167 4.95 21.54 -0.49
C PHE D 167 6.12 22.36 -1.02
N GLY D 168 7.14 22.54 -0.19
CA GLY D 168 8.32 23.31 -0.57
C GLY D 168 9.08 22.72 -1.74
N ASN D 169 9.07 21.39 -1.83
CA ASN D 169 9.73 20.70 -2.94
C ASN D 169 9.03 20.97 -4.26
N LEU D 170 7.70 20.92 -4.24
CA LEU D 170 6.89 21.22 -5.42
C LEU D 170 7.05 22.68 -5.82
N LEU D 171 7.16 23.56 -4.82
CA LEU D 171 7.30 25.00 -5.06
C LEU D 171 8.70 25.39 -5.53
N ASN D 172 9.68 24.53 -5.26
CA ASN D 172 11.05 24.76 -5.73
C ASN D 172 11.71 23.48 -6.23
N PRO D 173 11.38 23.07 -7.47
CA PRO D 173 11.95 21.86 -8.07
C PRO D 173 13.44 22.01 -8.35
N GLN D 174 14.18 20.91 -8.32
CA GLN D 174 15.62 20.93 -8.52
C GLN D 174 16.16 19.53 -8.83
N GLY D 182 10.15 10.55 2.27
CA GLY D 182 9.28 11.09 3.30
C GLY D 182 9.62 10.59 4.69
N PRO D 183 8.71 9.81 5.29
CA PRO D 183 8.81 9.37 6.69
C PRO D 183 9.73 8.18 6.96
N VAL D 184 10.19 7.49 5.92
CA VAL D 184 11.12 6.38 6.10
C VAL D 184 12.27 6.43 5.11
N LEU D 185 13.49 6.48 5.61
CA LEU D 185 14.66 6.46 4.75
C LEU D 185 15.56 5.28 5.11
N PRO D 186 15.90 4.45 4.11
CA PRO D 186 16.64 3.21 4.34
C PRO D 186 18.06 3.45 4.85
N GLU D 187 18.58 2.51 5.63
CA GLU D 187 19.96 2.60 6.05
C GLU D 187 20.88 2.21 4.91
N LYS D 188 22.01 2.90 4.82
CA LYS D 188 23.06 2.59 3.85
C LYS D 188 24.36 2.52 4.64
N PRO D 189 25.47 2.08 4.01
CA PRO D 189 26.74 2.09 4.75
C PRO D 189 27.09 3.49 5.28
N GLY D 190 27.39 3.57 6.57
CA GLY D 190 27.72 4.83 7.20
C GLY D 190 26.53 5.77 7.34
N LEU D 191 25.33 5.22 7.20
CA LEU D 191 24.11 6.03 7.23
C LEU D 191 22.97 5.31 7.93
N ALA D 192 22.65 5.74 9.13
CA ALA D 192 21.56 5.15 9.90
C ALA D 192 20.22 5.46 9.25
N ALA D 193 19.27 4.55 9.39
CA ALA D 193 17.92 4.75 8.86
C ALA D 193 17.26 5.93 9.57
N ARG D 194 16.50 6.72 8.82
CA ARG D 194 15.79 7.85 9.40
C ARG D 194 14.29 7.64 9.29
N VAL D 195 13.61 7.63 10.44
CA VAL D 195 12.17 7.40 10.46
C VAL D 195 11.46 8.51 11.23
N LYS D 196 10.21 8.75 10.85
CA LYS D 196 9.40 9.79 11.46
C LYS D 196 8.02 9.25 11.83
N PRO D 197 7.88 8.76 13.07
CA PRO D 197 6.64 8.12 13.55
C PRO D 197 5.46 9.08 13.74
N PHE D 198 5.72 10.38 13.87
CA PHE D 198 4.66 11.37 14.12
C PHE D 198 4.16 12.04 12.85
N TYR D 199 4.54 11.51 11.68
CA TYR D 199 4.33 12.22 10.42
C TYR D 199 2.86 12.34 10.01
N ARG D 200 1.96 11.68 10.72
CA ARG D 200 0.54 11.76 10.43
C ARG D 200 -0.20 12.59 11.47
N PHE D 201 0.51 13.04 12.49
CA PHE D 201 -0.07 13.87 13.54
C PHE D 201 0.10 15.35 13.22
N SER D 202 -0.95 16.14 13.42
CA SER D 202 -0.83 17.58 13.27
C SER D 202 -0.11 18.16 14.48
N GLU D 203 0.43 19.38 14.33
CA GLU D 203 1.12 20.04 15.43
C GLU D 203 0.21 20.18 16.64
N ARG D 204 -1.05 20.51 16.36
CA ARG D 204 -2.06 20.66 17.40
C ARG D 204 -2.26 19.34 18.14
N GLU D 205 -2.17 18.23 17.42
CA GLU D 205 -2.39 16.91 18.00
C GLU D 205 -1.22 16.44 18.84
N VAL D 206 0.00 16.69 18.39
CA VAL D 206 1.19 16.33 19.15
C VAL D 206 1.25 17.15 20.43
N LEU D 207 1.01 18.45 20.29
CA LEU D 207 1.03 19.38 21.41
C LEU D 207 0.01 19.00 22.47
N SER D 208 -1.18 18.59 22.00
CA SER D 208 -2.25 18.18 22.91
C SER D 208 -1.82 16.97 23.72
N TYR D 209 -1.15 16.03 23.07
CA TYR D 209 -0.63 14.85 23.75
C TYR D 209 0.40 15.26 24.80
N THR D 210 1.25 16.22 24.44
CA THR D 210 2.32 16.67 25.33
C THR D 210 1.75 17.33 26.59
N LEU D 211 0.71 18.14 26.41
CA LEU D 211 0.06 18.80 27.53
C LEU D 211 -0.67 17.82 28.43
N LEU D 212 -1.35 16.86 27.83
CA LEU D 212 -2.14 15.87 28.57
C LEU D 212 -1.28 14.94 29.41
N ARG D 213 -0.11 14.59 28.87
CA ARG D 213 0.78 13.66 29.56
C ARG D 213 1.51 14.35 30.72
N GLY D 214 1.55 15.67 30.69
CA GLY D 214 2.20 16.44 31.73
C GLY D 214 3.68 16.68 31.47
N ILE D 215 4.08 16.55 30.21
CA ILE D 215 5.48 16.73 29.82
C ILE D 215 5.88 18.19 29.83
N ARG D 216 6.83 18.55 30.69
CA ARG D 216 7.38 19.89 30.72
C ARG D 216 8.32 20.10 29.53
N TYR D 217 7.84 20.81 28.52
CA TYR D 217 8.63 21.02 27.31
C TYR D 217 9.11 22.47 27.20
N LEU D 218 9.93 22.74 26.20
CA LEU D 218 10.46 24.09 25.99
C LEU D 218 9.52 24.91 25.13
N HIS D 219 9.09 26.05 25.66
CA HIS D 219 8.07 26.86 25.01
C HIS D 219 8.67 28.01 24.19
N GLU D 220 9.66 27.69 23.36
CA GLU D 220 10.31 28.70 22.50
C GLU D 220 11.12 28.04 21.40
N GLU D 221 11.68 28.84 20.49
CA GLU D 221 12.50 28.28 19.42
C GLU D 221 13.62 29.20 18.93
N CYS D 222 13.97 29.04 17.66
CA CYS D 222 15.12 29.70 17.03
C CYS D 222 16.42 29.15 17.60
N ALA D 228 11.29 32.02 8.55
CA ALA D 228 11.65 30.78 7.87
C ALA D 228 10.67 30.46 6.76
N LYS D 229 11.10 29.61 5.84
CA LYS D 229 10.29 29.25 4.68
C LYS D 229 9.25 28.18 5.02
N SER D 230 9.60 27.30 5.95
CA SER D 230 8.69 26.25 6.40
C SER D 230 7.43 26.88 6.97
N LEU D 231 7.60 27.97 7.72
CA LEU D 231 6.50 28.68 8.34
C LEU D 231 5.53 29.23 7.30
N LEU D 232 6.06 29.71 6.18
CA LEU D 232 5.24 30.19 5.08
C LEU D 232 4.44 29.05 4.47
N TYR D 233 5.11 27.92 4.25
CA TYR D 233 4.47 26.73 3.70
C TYR D 233 3.36 26.24 4.63
N LYS D 234 3.63 26.21 5.93
CA LYS D 234 2.66 25.76 6.92
C LYS D 234 1.44 26.67 6.96
N GLU D 235 1.68 27.98 6.95
CA GLU D 235 0.60 28.96 6.97
C GLU D 235 -0.33 28.77 5.78
N ALA D 236 0.25 28.48 4.62
CA ALA D 236 -0.53 28.27 3.40
C ALA D 236 -1.34 26.98 3.50
N LEU D 237 -0.71 25.92 3.98
CA LEU D 237 -1.36 24.62 4.10
C LEU D 237 -2.41 24.61 5.21
N ASN D 238 -2.11 25.31 6.30
CA ASN D 238 -3.05 25.40 7.42
C ASN D 238 -4.22 26.33 7.11
N LEU D 239 -4.04 27.17 6.09
CA LEU D 239 -5.15 27.98 5.59
C LEU D 239 -6.16 27.08 4.88
N VAL D 240 -5.64 26.15 4.09
CA VAL D 240 -6.47 25.18 3.40
C VAL D 240 -7.14 24.23 4.38
N GLU D 241 -6.38 23.84 5.41
CA GLU D 241 -6.86 22.91 6.43
C GLU D 241 -8.07 23.47 7.17
N ARG D 242 -8.05 24.77 7.41
CA ARG D 242 -9.12 25.45 8.14
C ARG D 242 -10.48 25.30 7.46
N SER D 243 -10.46 25.27 6.13
CA SER D 243 -11.70 25.16 5.35
C SER D 243 -11.95 23.72 4.90
N MET D 244 -10.88 22.95 4.79
CA MET D 244 -10.97 21.56 4.36
C MET D 244 -10.21 20.64 5.31
N PRO D 245 -10.84 20.26 6.42
CA PRO D 245 -10.23 19.36 7.40
C PRO D 245 -9.80 18.04 6.75
N GLY D 246 -8.55 17.67 6.94
CA GLY D 246 -8.02 16.45 6.37
C GLY D 246 -7.21 16.70 5.11
N ALA D 247 -7.09 17.96 4.72
CA ALA D 247 -6.38 18.34 3.49
C ALA D 247 -4.90 18.02 3.56
N LYS D 248 -4.26 18.40 4.66
CA LYS D 248 -2.83 18.12 4.83
C LYS D 248 -2.55 16.63 4.78
N LEU D 249 -3.40 15.85 5.45
CA LEU D 249 -3.23 14.40 5.48
C LEU D 249 -3.49 13.79 4.11
N ARG D 250 -4.54 14.25 3.43
CA ARG D 250 -4.84 13.79 2.09
C ARG D 250 -3.70 14.14 1.14
N PHE D 251 -3.15 15.33 1.34
CA PHE D 251 -2.06 15.83 0.51
C PHE D 251 -0.81 14.96 0.65
N LEU D 252 -0.40 14.70 1.89
CA LEU D 252 0.82 13.94 2.15
C LEU D 252 0.64 12.45 1.83
N ASP D 253 -0.46 11.87 2.32
CA ASP D 253 -0.76 10.46 2.02
C ASP D 253 -0.83 10.22 0.53
N GLY D 254 -1.59 11.08 -0.15
CA GLY D 254 -1.79 10.98 -1.58
C GLY D 254 -0.49 10.93 -2.36
N PHE D 255 0.47 11.77 -1.99
CA PHE D 255 1.76 11.77 -2.67
C PHE D 255 2.53 10.49 -2.40
N LEU D 256 2.63 10.11 -1.13
CA LEU D 256 3.41 8.95 -0.74
C LEU D 256 2.84 7.64 -1.27
N GLU D 257 1.51 7.56 -1.39
CA GLU D 257 0.85 6.30 -1.71
C GLU D 257 0.41 6.19 -3.16
N LYS D 258 0.13 7.31 -3.80
CA LYS D 258 -0.42 7.29 -5.17
C LYS D 258 0.51 7.90 -6.21
N ILE D 259 1.30 8.88 -5.81
CA ILE D 259 2.18 9.57 -6.76
C ILE D 259 3.59 9.01 -6.73
N ARG D 260 4.20 9.01 -5.55
CA ARG D 260 5.57 8.55 -5.37
C ARG D 260 5.86 7.13 -5.91
N PRO D 261 4.98 6.16 -5.66
CA PRO D 261 5.29 4.84 -6.23
C PRO D 261 5.14 4.76 -7.74
N ARG D 262 4.48 5.76 -8.34
CA ARG D 262 4.35 5.81 -9.79
C ARG D 262 5.52 6.52 -10.45
N LEU D 263 6.30 7.24 -9.64
CA LEU D 263 7.49 7.92 -10.16
C LEU D 263 8.57 6.92 -10.53
N ASP D 264 9.17 7.12 -11.70
CA ASP D 264 10.23 6.23 -12.18
C ASP D 264 11.41 6.19 -11.21
N ALA D 270 25.64 6.04 -6.53
CA ALA D 270 25.50 5.65 -5.13
C ALA D 270 26.20 6.66 -4.21
N LEU D 271 26.57 6.20 -3.03
CA LEU D 271 27.20 7.06 -2.03
C LEU D 271 28.67 6.73 -1.84
N ARG D 272 29.50 7.77 -1.81
CA ARG D 272 30.94 7.61 -1.60
C ARG D 272 31.28 7.85 -0.14
N GLU D 273 32.51 7.51 0.25
CA GLU D 273 32.97 7.83 1.60
C GLU D 273 33.80 9.12 1.57
N CYS D 274 33.56 9.99 2.54
CA CYS D 274 34.29 11.24 2.63
C CYS D 274 35.77 10.97 2.86
N GLU D 275 36.62 11.73 2.18
CA GLU D 275 38.07 11.55 2.27
C GLU D 275 38.60 11.90 3.66
N ARG D 276 37.91 12.79 4.34
CA ARG D 276 38.34 13.23 5.66
C ARG D 276 37.76 12.38 6.79
N CYS D 277 36.43 12.27 6.83
CA CYS D 277 35.75 11.65 7.97
C CYS D 277 35.20 10.25 7.69
N GLY D 278 35.04 9.90 6.42
CA GLY D 278 34.59 8.58 6.03
C GLY D 278 33.09 8.41 5.88
N TYR D 279 32.33 9.42 6.32
CA TYR D 279 30.87 9.37 6.25
C TYR D 279 30.38 9.72 4.85
N PRO D 280 29.16 9.24 4.49
CA PRO D 280 28.71 9.32 3.10
C PRO D 280 28.62 10.73 2.53
N THR D 281 28.92 10.83 1.24
CA THR D 281 28.84 12.09 0.49
C THR D 281 28.81 11.79 -1.00
N THR D 282 28.50 12.79 -1.80
CA THR D 282 28.49 12.64 -3.25
C THR D 282 29.82 13.09 -3.85
N GLY D 283 30.54 13.94 -3.13
CA GLY D 283 31.80 14.47 -3.61
C GLY D 283 33.00 13.79 -2.97
N ALA D 284 34.13 14.48 -3.00
CA ALA D 284 35.35 13.97 -2.40
C ALA D 284 35.33 14.18 -0.89
N VAL D 285 34.93 15.38 -0.48
CA VAL D 285 34.80 15.71 0.93
C VAL D 285 33.37 16.15 1.21
N CYS D 286 32.79 15.63 2.29
CA CYS D 286 31.40 15.93 2.62
C CYS D 286 31.21 17.40 2.97
N ALA D 287 29.97 17.86 2.95
CA ALA D 287 29.66 19.26 3.21
C ALA D 287 30.03 19.68 4.63
N PHE D 288 29.84 18.77 5.57
CA PHE D 288 30.14 19.03 6.98
C PHE D 288 31.63 19.35 7.18
N CYS D 289 32.48 18.51 6.63
CA CYS D 289 33.92 18.69 6.75
C CYS D 289 34.40 19.92 6.00
N ARG D 290 33.80 20.20 4.85
CA ARG D 290 34.18 21.36 4.06
C ARG D 290 33.81 22.65 4.77
N MET D 291 32.68 22.63 5.48
CA MET D 291 32.24 23.80 6.23
C MET D 291 33.20 24.14 7.36
N TRP D 292 33.50 23.16 8.19
CA TRP D 292 34.40 23.37 9.32
C TRP D 292 35.81 23.68 8.86
N ASP D 293 36.18 23.15 7.70
CA ASP D 293 37.47 23.47 7.09
C ASP D 293 37.54 24.96 6.83
N ALA D 294 36.46 25.50 6.28
CA ALA D 294 36.36 26.92 5.99
C ALA D 294 36.34 27.75 7.28
N VAL D 295 35.56 27.30 8.25
CA VAL D 295 35.45 27.98 9.53
C VAL D 295 36.81 28.08 10.23
N TYR D 296 37.56 27.00 10.20
CA TYR D 296 38.87 26.94 10.85
C TYR D 296 39.89 27.86 10.19
N ARG D 297 39.84 27.96 8.87
CA ARG D 297 40.76 28.85 8.15
C ARG D 297 40.50 30.30 8.55
N ARG D 298 39.24 30.69 8.58
CA ARG D 298 38.87 32.08 8.86
C ARG D 298 39.01 32.40 10.35
N ALA D 299 38.77 31.42 11.20
CA ALA D 299 38.97 31.60 12.64
C ALA D 299 40.44 31.83 12.94
N LYS D 300 41.30 31.13 12.20
CA LYS D 300 42.75 31.26 12.36
C LYS D 300 43.23 32.66 12.00
N LYS D 301 42.73 33.19 10.89
CA LYS D 301 43.12 34.53 10.44
C LYS D 301 42.73 35.58 11.47
N ARG D 302 41.66 35.31 12.21
CA ARG D 302 41.15 36.26 13.20
C ARG D 302 41.63 35.90 14.60
N LYS D 303 42.64 35.04 14.68
CA LYS D 303 43.29 34.66 15.94
C LYS D 303 42.31 34.04 16.94
N LEU D 304 41.24 33.45 16.43
CA LEU D 304 40.26 32.76 17.27
C LEU D 304 40.68 31.32 17.49
N LEU D 305 41.66 30.88 16.72
CA LEU D 305 42.16 29.51 16.82
C LEU D 305 43.68 29.48 16.64
N PRO D 306 44.35 28.54 17.32
CA PRO D 306 45.80 28.35 17.16
C PRO D 306 46.18 28.05 15.71
N GLU D 307 47.33 28.54 15.28
CA GLU D 307 47.72 28.43 13.88
C GLU D 307 48.07 26.99 13.50
N GLU D 308 48.57 26.21 14.46
CA GLU D 308 49.07 24.87 14.15
C GLU D 308 48.08 23.75 14.45
N VAL D 309 46.79 24.04 14.34
CA VAL D 309 45.78 22.99 14.48
C VAL D 309 45.10 22.73 13.16
N SER D 310 44.52 21.54 13.03
CA SER D 310 43.72 21.21 11.86
C SER D 310 42.43 20.53 12.30
N PHE D 311 41.37 20.76 11.54
CA PHE D 311 40.10 20.09 11.81
C PHE D 311 40.24 18.60 11.58
N ARG D 312 40.20 17.83 12.67
CA ARG D 312 40.34 16.39 12.60
C ARG D 312 39.07 15.70 13.09
N PRO D 313 38.07 15.58 12.20
CA PRO D 313 36.84 14.91 12.59
C PRO D 313 37.08 13.43 12.87
N ARG D 314 36.41 12.90 13.89
CA ARG D 314 36.50 11.48 14.20
C ARG D 314 36.09 10.67 12.98
N VAL D 315 36.98 9.79 12.54
CA VAL D 315 36.75 8.98 11.35
C VAL D 315 35.79 7.83 11.68
N LYS D 316 34.87 7.55 10.76
CA LYS D 316 33.95 6.42 10.88
C LYS D 316 34.73 5.13 11.16
N PRO D 317 34.33 4.41 12.23
CA PRO D 317 34.99 3.20 12.71
C PRO D 317 35.31 2.15 11.64
N LEU D 318 34.60 2.20 10.52
CA LEU D 318 34.79 1.24 9.41
C LEU D 318 34.45 -0.19 9.84
N ARG D 319 34.00 -0.34 11.08
CA ARG D 319 33.53 -1.61 11.61
C ARG D 319 32.00 -1.56 11.59
N ALA D 320 31.48 -0.55 10.88
CA ALA D 320 30.05 -0.36 10.74
C ALA D 320 29.65 -0.22 9.27
N ARG E 22 -14.35 -54.66 -11.17
CA ARG E 22 -14.29 -54.61 -9.70
C ARG E 22 -14.40 -53.18 -9.18
N VAL E 23 -13.53 -52.31 -9.69
CA VAL E 23 -13.52 -50.91 -9.26
C VAL E 23 -13.42 -49.95 -10.44
N VAL E 24 -14.51 -49.27 -10.75
CA VAL E 24 -14.50 -48.30 -11.85
C VAL E 24 -14.09 -46.91 -11.37
N LEU E 25 -12.94 -46.45 -11.86
CA LEU E 25 -12.45 -45.12 -11.51
C LEU E 25 -13.10 -44.06 -12.40
N ARG E 26 -13.61 -43.01 -11.76
CA ARG E 26 -14.22 -41.90 -12.47
C ARG E 26 -13.62 -40.61 -11.92
N LEU E 27 -12.39 -40.30 -12.34
CA LEU E 27 -11.58 -39.29 -11.67
C LEU E 27 -11.07 -38.14 -12.57
N PRO E 28 -11.98 -37.34 -13.16
CA PRO E 28 -13.43 -37.46 -13.22
C PRO E 28 -13.88 -38.27 -14.44
N GLU E 29 -12.91 -38.72 -15.22
CA GLU E 29 -13.17 -39.49 -16.42
C GLU E 29 -13.21 -40.98 -16.13
N ARG E 30 -14.12 -41.69 -16.80
CA ARG E 30 -14.37 -43.10 -16.47
C ARG E 30 -13.30 -44.04 -17.03
N LYS E 31 -12.59 -44.70 -16.11
CA LYS E 31 -11.62 -45.74 -16.43
C LYS E 31 -11.74 -46.87 -15.42
N GLU E 32 -12.07 -48.07 -15.87
CA GLU E 32 -12.29 -49.17 -14.93
C GLU E 32 -11.08 -50.11 -14.79
N VAL E 33 -10.71 -50.40 -13.54
CA VAL E 33 -9.58 -51.26 -13.22
C VAL E 33 -9.93 -52.20 -12.07
N GLU E 34 -9.64 -53.49 -12.24
CA GLU E 34 -10.01 -54.48 -11.23
C GLU E 34 -8.89 -54.76 -10.22
N VAL E 35 -9.26 -54.83 -8.95
CA VAL E 35 -8.33 -55.22 -7.89
C VAL E 35 -8.94 -56.32 -7.02
N LYS E 36 -8.39 -56.52 -5.83
CA LYS E 36 -8.83 -57.60 -4.96
C LYS E 36 -9.44 -57.11 -3.65
N GLY E 37 -10.65 -57.56 -3.36
CA GLY E 37 -11.37 -57.16 -2.17
C GLY E 37 -10.93 -57.87 -0.91
N ASN E 38 -11.91 -58.31 -0.13
CA ASN E 38 -11.66 -58.97 1.16
C ASN E 38 -10.74 -58.15 2.05
N ARG E 39 -10.97 -56.85 2.07
CA ARG E 39 -10.09 -55.90 2.74
C ARG E 39 -10.87 -54.61 3.02
N PRO E 40 -10.42 -53.83 4.01
CA PRO E 40 -11.06 -52.53 4.22
C PRO E 40 -10.89 -51.60 3.02
N LEU E 41 -11.87 -50.73 2.79
CA LEU E 41 -11.80 -49.76 1.70
C LEU E 41 -10.62 -48.83 1.88
N ARG E 42 -10.27 -48.58 3.14
CA ARG E 42 -9.14 -47.72 3.51
C ARG E 42 -7.84 -48.10 2.79
N GLU E 43 -7.59 -49.40 2.69
CA GLU E 43 -6.35 -49.89 2.10
C GLU E 43 -6.43 -49.96 0.58
N VAL E 44 -7.63 -50.20 0.07
CA VAL E 44 -7.86 -50.22 -1.37
C VAL E 44 -7.53 -48.87 -1.98
N LEU E 45 -7.99 -47.80 -1.34
CA LEU E 45 -7.70 -46.44 -1.77
C LEU E 45 -6.21 -46.13 -1.58
N GLU E 46 -5.61 -46.70 -0.55
CA GLU E 46 -4.18 -46.52 -0.31
C GLU E 46 -3.36 -47.21 -1.39
N GLU E 47 -3.85 -48.36 -1.85
CA GLU E 47 -3.21 -49.10 -2.93
C GLU E 47 -3.31 -48.31 -4.23
N LEU E 48 -4.51 -47.77 -4.49
CA LEU E 48 -4.75 -46.98 -5.69
C LEU E 48 -4.17 -45.57 -5.56
N GLY E 49 -3.68 -45.24 -4.36
CA GLY E 49 -3.07 -43.96 -4.11
C GLY E 49 -4.04 -42.80 -4.24
N LEU E 50 -5.26 -43.00 -3.77
CA LEU E 50 -6.29 -41.97 -3.87
C LEU E 50 -6.60 -41.34 -2.51
N ASN E 51 -6.34 -40.04 -2.41
CA ASN E 51 -6.64 -39.28 -1.20
C ASN E 51 -8.11 -39.42 -0.85
N PRO E 52 -8.40 -40.12 0.27
CA PRO E 52 -9.78 -40.42 0.69
C PRO E 52 -10.62 -39.18 0.95
N GLU E 53 -9.97 -38.03 1.17
CA GLU E 53 -10.67 -36.78 1.40
C GLU E 53 -10.98 -36.05 0.09
N THR E 54 -10.78 -36.74 -1.03
CA THR E 54 -11.03 -36.15 -2.33
C THR E 54 -11.90 -37.04 -3.22
N VAL E 55 -12.35 -38.16 -2.67
CA VAL E 55 -13.21 -39.07 -3.42
C VAL E 55 -14.38 -39.58 -2.60
N VAL E 56 -15.37 -40.13 -3.29
CA VAL E 56 -16.48 -40.81 -2.64
C VAL E 56 -16.67 -42.18 -3.27
N ALA E 57 -16.64 -43.23 -2.46
CA ALA E 57 -16.78 -44.59 -2.96
C ALA E 57 -18.21 -45.06 -2.85
N VAL E 58 -18.82 -45.40 -3.99
CA VAL E 58 -20.21 -45.80 -4.04
C VAL E 58 -20.38 -47.26 -4.45
N ARG E 59 -21.04 -48.04 -3.60
CA ARG E 59 -21.37 -49.41 -3.93
C ARG E 59 -22.88 -49.61 -3.98
N GLY E 60 -23.39 -49.99 -5.14
CA GLY E 60 -24.81 -50.20 -5.33
C GLY E 60 -25.59 -48.91 -5.20
N GLU E 61 -26.35 -48.78 -4.13
CA GLU E 61 -27.19 -47.61 -3.90
C GLU E 61 -26.83 -46.88 -2.61
N GLU E 62 -25.65 -47.18 -2.07
CA GLU E 62 -25.18 -46.55 -0.84
C GLU E 62 -23.72 -46.14 -0.91
N LEU E 63 -23.31 -45.23 -0.03
CA LEU E 63 -21.93 -44.78 0.01
C LEU E 63 -21.15 -45.59 1.06
N LEU E 64 -19.83 -45.54 0.98
CA LEU E 64 -18.99 -46.30 1.90
C LEU E 64 -18.02 -45.43 2.69
N THR E 65 -17.75 -45.81 3.93
CA THR E 65 -16.72 -45.15 4.73
C THR E 65 -15.42 -45.95 4.65
N LEU E 66 -14.36 -45.42 5.24
CA LEU E 66 -13.05 -46.03 5.12
C LEU E 66 -12.90 -47.32 5.93
N GLU E 67 -13.69 -47.43 7.00
CA GLU E 67 -13.65 -48.61 7.85
C GLU E 67 -14.53 -49.73 7.27
N ASP E 68 -15.28 -49.40 6.22
CA ASP E 68 -16.15 -50.38 5.57
C ASP E 68 -15.35 -51.38 4.75
N GLU E 69 -15.48 -52.65 5.11
CA GLU E 69 -14.78 -53.71 4.39
C GLU E 69 -15.49 -54.01 3.07
N VAL E 70 -14.71 -54.14 2.01
CA VAL E 70 -15.26 -54.47 0.70
C VAL E 70 -14.91 -55.91 0.30
N ARG E 71 -15.94 -56.68 -0.01
CA ARG E 71 -15.75 -58.08 -0.41
C ARG E 71 -15.59 -58.19 -1.93
N GLU E 72 -15.20 -59.37 -2.39
CA GLU E 72 -14.99 -59.59 -3.81
C GLU E 72 -16.31 -59.58 -4.58
N GLU E 73 -16.21 -59.36 -5.89
CA GLU E 73 -17.36 -59.24 -6.79
C GLU E 73 -18.19 -57.99 -6.49
N ASP E 74 -17.67 -57.13 -5.63
CA ASP E 74 -18.30 -55.84 -5.38
C ASP E 74 -17.88 -54.85 -6.45
N THR E 75 -18.85 -54.19 -7.08
CA THR E 75 -18.54 -53.15 -8.05
C THR E 75 -18.38 -51.81 -7.32
N LEU E 76 -17.17 -51.27 -7.37
CA LEU E 76 -16.89 -50.01 -6.68
C LEU E 76 -16.75 -48.85 -7.66
N GLU E 77 -17.57 -47.83 -7.47
CA GLU E 77 -17.49 -46.62 -8.28
C GLU E 77 -16.86 -45.50 -7.46
N VAL E 78 -15.62 -45.15 -7.82
CA VAL E 78 -14.90 -44.09 -7.11
C VAL E 78 -15.05 -42.75 -7.80
N LEU E 79 -15.89 -41.89 -7.24
CA LEU E 79 -16.18 -40.59 -7.84
C LEU E 79 -15.24 -39.51 -7.35
N SER E 80 -14.69 -38.74 -8.27
CA SER E 80 -13.84 -37.60 -7.93
C SER E 80 -14.67 -36.48 -7.33
N ALA E 81 -14.32 -36.06 -6.12
CA ALA E 81 -15.04 -34.98 -5.45
C ALA E 81 -14.50 -33.62 -5.90
N ILE E 82 -13.25 -33.59 -6.34
CA ILE E 82 -12.60 -32.36 -6.77
C ILE E 82 -13.24 -31.79 -8.02
N SER E 83 -14.02 -30.72 -7.84
CA SER E 83 -14.70 -30.06 -8.95
C SER E 83 -15.29 -28.72 -8.50
N HIS F 20 -8.76 60.80 6.12
CA HIS F 20 -7.34 61.03 5.85
C HIS F 20 -6.96 60.54 4.46
N MET F 21 -7.59 59.45 4.02
CA MET F 21 -7.33 58.89 2.71
C MET F 21 -8.46 57.95 2.30
N ARG F 22 -9.01 58.17 1.11
CA ARG F 22 -10.16 57.42 0.65
C ARG F 22 -9.75 56.14 -0.10
N VAL F 23 -10.25 55.01 0.38
CA VAL F 23 -9.99 53.73 -0.26
C VAL F 23 -11.29 53.03 -0.61
N VAL F 24 -11.55 52.89 -1.90
CA VAL F 24 -12.71 52.16 -2.37
C VAL F 24 -12.32 50.72 -2.69
N LEU F 25 -12.91 49.78 -1.98
CA LEU F 25 -12.65 48.36 -2.19
C LEU F 25 -13.68 47.76 -3.13
N ARG F 26 -13.22 46.95 -4.09
CA ARG F 26 -14.11 46.26 -5.00
C ARG F 26 -13.57 44.85 -5.26
N LEU F 27 -13.84 43.95 -4.33
CA LEU F 27 -13.26 42.60 -4.39
C LEU F 27 -14.23 41.45 -4.12
N PRO F 28 -15.25 41.28 -4.98
CA PRO F 28 -15.68 42.17 -6.07
C PRO F 28 -16.72 43.19 -5.59
N GLU F 29 -17.36 42.90 -4.47
CA GLU F 29 -18.36 43.81 -3.89
C GLU F 29 -17.71 45.07 -3.32
N ARG F 30 -18.48 46.16 -3.30
CA ARG F 30 -17.95 47.48 -2.96
C ARG F 30 -18.08 47.82 -1.47
N LYS F 31 -17.13 48.62 -0.99
CA LYS F 31 -17.20 49.20 0.36
C LYS F 31 -16.23 50.38 0.48
N GLU F 32 -16.67 51.45 1.15
CA GLU F 32 -15.82 52.62 1.36
C GLU F 32 -15.19 52.60 2.75
N VAL F 33 -13.87 52.77 2.80
CA VAL F 33 -13.17 52.85 4.08
C VAL F 33 -12.19 54.02 4.11
N GLU F 34 -11.96 54.56 5.31
CA GLU F 34 -10.96 55.59 5.50
C GLU F 34 -9.79 55.00 6.26
N VAL F 35 -8.58 55.38 5.86
CA VAL F 35 -7.38 54.77 6.43
C VAL F 35 -6.18 55.70 6.27
N LYS F 36 -5.35 55.79 7.30
CA LYS F 36 -4.19 56.68 7.31
C LYS F 36 -3.26 56.42 6.13
N GLY F 37 -2.54 57.46 5.72
CA GLY F 37 -1.68 57.39 4.55
C GLY F 37 -0.31 58.01 4.79
N ASN F 38 0.22 58.68 3.78
CA ASN F 38 1.58 59.20 3.79
C ASN F 38 2.57 58.07 4.05
N ARG F 39 2.36 56.95 3.38
CA ARG F 39 3.16 55.75 3.57
C ARG F 39 3.10 54.89 2.31
N PRO F 40 4.08 53.97 2.14
CA PRO F 40 4.07 53.06 0.98
C PRO F 40 2.78 52.25 0.85
N LEU F 41 2.45 51.84 -0.38
CA LEU F 41 1.24 51.07 -0.65
C LEU F 41 1.26 49.72 0.06
N ARG F 42 2.45 49.20 0.30
CA ARG F 42 2.61 47.93 0.99
C ARG F 42 1.93 47.96 2.36
N GLU F 43 2.15 49.05 3.09
CA GLU F 43 1.65 49.17 4.46
C GLU F 43 0.13 49.27 4.54
N VAL F 44 -0.48 50.07 3.67
CA VAL F 44 -1.92 50.24 3.69
C VAL F 44 -2.62 48.94 3.27
N LEU F 45 -1.98 48.19 2.38
CA LEU F 45 -2.49 46.88 1.99
C LEU F 45 -2.34 45.88 3.13
N GLU F 46 -1.24 45.98 3.86
CA GLU F 46 -0.99 45.12 5.01
C GLU F 46 -2.04 45.33 6.09
N GLU F 47 -2.35 46.60 6.37
CA GLU F 47 -3.35 46.95 7.36
C GLU F 47 -4.72 46.41 6.98
N LEU F 48 -5.06 46.53 5.70
CA LEU F 48 -6.36 46.09 5.19
C LEU F 48 -6.43 44.58 5.05
N GLY F 49 -5.31 43.91 5.27
CA GLY F 49 -5.24 42.46 5.13
C GLY F 49 -5.46 42.03 3.70
N LEU F 50 -4.83 42.75 2.78
CA LEU F 50 -4.96 42.46 1.35
C LEU F 50 -3.63 42.04 0.76
N ASN F 51 -3.60 40.85 0.16
CA ASN F 51 -2.43 40.36 -0.55
C ASN F 51 -2.16 41.24 -1.77
N PRO F 52 -0.98 41.89 -1.81
CA PRO F 52 -0.60 42.78 -2.91
C PRO F 52 -0.62 42.07 -4.26
N GLU F 53 -0.29 40.78 -4.25
CA GLU F 53 -0.23 39.99 -5.48
C GLU F 53 -1.62 39.57 -5.95
N THR F 54 -2.61 39.84 -5.11
CA THR F 54 -3.98 39.38 -5.36
C THR F 54 -4.86 40.52 -5.87
N VAL F 55 -4.35 41.74 -5.80
CA VAL F 55 -5.10 42.92 -6.23
C VAL F 55 -4.32 43.84 -7.16
N VAL F 56 -5.02 44.84 -7.71
CA VAL F 56 -4.39 45.92 -8.44
C VAL F 56 -4.92 47.26 -7.91
N ALA F 57 -4.02 48.14 -7.50
CA ALA F 57 -4.41 49.42 -6.94
C ALA F 57 -4.40 50.53 -7.98
N VAL F 58 -5.51 51.26 -8.07
CA VAL F 58 -5.66 52.34 -9.03
C VAL F 58 -5.80 53.70 -8.35
N ARG F 59 -4.94 54.64 -8.73
CA ARG F 59 -5.06 56.01 -8.26
C ARG F 59 -5.13 56.96 -9.45
N GLY F 60 -6.30 57.57 -9.65
CA GLY F 60 -6.53 58.39 -10.82
C GLY F 60 -6.69 57.49 -12.03
N GLU F 61 -5.83 57.66 -13.02
CA GLU F 61 -5.85 56.80 -14.19
C GLU F 61 -4.53 56.03 -14.31
N GLU F 62 -3.92 55.73 -13.17
CA GLU F 62 -2.65 55.00 -13.14
C GLU F 62 -2.70 53.84 -12.15
N LEU F 63 -1.85 52.84 -12.39
CA LEU F 63 -1.72 51.71 -11.48
C LEU F 63 -0.53 51.92 -10.55
N LEU F 64 -0.71 51.60 -9.28
CA LEU F 64 0.35 51.80 -8.29
C LEU F 64 1.17 50.53 -8.08
N THR F 65 2.49 50.69 -8.02
CA THR F 65 3.37 49.60 -7.64
C THR F 65 3.51 49.59 -6.12
N LEU F 66 3.99 48.48 -5.58
CA LEU F 66 3.89 48.22 -4.14
C LEU F 66 4.60 49.26 -3.26
N GLU F 67 5.66 49.87 -3.77
CA GLU F 67 6.43 50.83 -2.97
C GLU F 67 6.10 52.28 -3.30
N ASP F 68 5.04 52.50 -4.08
CA ASP F 68 4.58 53.86 -4.38
C ASP F 68 4.07 54.54 -3.12
N GLU F 69 4.58 55.75 -2.85
CA GLU F 69 4.10 56.52 -1.72
C GLU F 69 2.66 56.96 -1.96
N VAL F 70 1.77 56.59 -1.05
CA VAL F 70 0.38 56.98 -1.17
C VAL F 70 0.06 58.14 -0.24
N ARG F 71 -0.17 59.31 -0.83
CA ARG F 71 -0.27 60.55 -0.07
C ARG F 71 -1.60 60.72 0.66
N GLU F 72 -1.60 61.69 1.57
CA GLU F 72 -2.79 62.09 2.30
C GLU F 72 -3.86 62.59 1.34
N GLU F 73 -5.11 62.16 1.57
CA GLU F 73 -6.26 62.55 0.76
C GLU F 73 -6.20 62.02 -0.67
N ASP F 74 -5.36 61.00 -0.89
CA ASP F 74 -5.38 60.26 -2.15
C ASP F 74 -6.64 59.41 -2.21
N THR F 75 -7.10 59.13 -3.42
CA THR F 75 -8.23 58.23 -3.60
C THR F 75 -7.77 56.99 -4.35
N LEU F 76 -7.98 55.83 -3.74
CA LEU F 76 -7.50 54.57 -4.29
C LEU F 76 -8.63 53.63 -4.66
N GLU F 77 -8.45 52.92 -5.76
CA GLU F 77 -9.37 51.85 -6.13
C GLU F 77 -8.65 50.51 -6.07
N VAL F 78 -9.08 49.65 -5.15
CA VAL F 78 -8.47 48.33 -5.00
C VAL F 78 -9.33 47.28 -5.68
N LEU F 79 -8.88 46.83 -6.84
CA LEU F 79 -9.60 45.84 -7.63
C LEU F 79 -9.03 44.45 -7.41
N SER F 80 -9.89 43.49 -7.10
CA SER F 80 -9.46 42.10 -6.99
C SER F 80 -9.20 41.55 -8.39
N ALA F 81 -8.11 40.80 -8.52
CA ALA F 81 -7.75 40.21 -9.80
C ALA F 81 -8.17 38.74 -9.87
N ILE F 82 -8.70 38.23 -8.77
CA ILE F 82 -8.94 36.80 -8.62
C ILE F 82 -10.21 36.33 -9.32
N SER F 83 -10.10 35.18 -9.99
CA SER F 83 -11.17 34.52 -10.74
C SER F 83 -11.47 35.24 -12.04
N LEU G 14 12.57 -59.86 -13.76
CA LEU G 14 13.62 -60.28 -12.86
C LEU G 14 14.76 -59.26 -12.86
N VAL G 15 14.84 -58.48 -11.78
CA VAL G 15 15.75 -57.34 -11.72
C VAL G 15 17.23 -57.70 -11.50
N PRO G 16 17.53 -58.79 -10.77
CA PRO G 16 18.92 -59.25 -10.81
C PRO G 16 19.40 -59.57 -12.23
N ARG G 17 18.51 -60.07 -13.08
CA ARG G 17 18.84 -60.32 -14.48
C ARG G 17 18.51 -59.12 -15.36
N GLY G 18 17.56 -58.31 -14.91
CA GLY G 18 17.24 -57.06 -15.59
C GLY G 18 18.38 -56.09 -15.41
N SER G 19 18.84 -55.95 -14.18
CA SER G 19 19.98 -55.11 -13.83
C SER G 19 19.86 -53.69 -14.34
N HIS G 20 18.79 -53.01 -13.95
CA HIS G 20 18.59 -51.61 -14.29
C HIS G 20 19.55 -50.75 -13.45
N MET G 21 19.47 -49.44 -13.61
CA MET G 21 20.43 -48.56 -12.93
C MET G 21 20.19 -48.51 -11.42
N ARG G 22 21.27 -48.43 -10.66
CA ARG G 22 21.22 -48.49 -9.21
C ARG G 22 20.95 -47.12 -8.61
N VAL G 23 19.92 -47.04 -7.77
CA VAL G 23 19.56 -45.80 -7.10
C VAL G 23 19.55 -45.98 -5.59
N VAL G 24 20.34 -45.18 -4.89
CA VAL G 24 20.35 -45.22 -3.43
C VAL G 24 19.51 -44.09 -2.86
N LEU G 25 18.36 -44.45 -2.28
CA LEU G 25 17.53 -43.47 -1.58
C LEU G 25 18.06 -43.26 -0.17
N ARG G 26 18.53 -42.05 0.11
CA ARG G 26 18.84 -41.67 1.48
C ARG G 26 17.90 -40.55 1.89
N LEU G 27 16.71 -40.92 2.32
CA LEU G 27 15.65 -39.94 2.58
C LEU G 27 15.05 -39.96 3.99
N PRO G 28 15.88 -39.88 5.05
CA PRO G 28 17.34 -39.91 5.13
C PRO G 28 17.85 -41.34 5.28
N GLU G 29 16.95 -42.26 5.60
CA GLU G 29 17.32 -43.67 5.76
C GLU G 29 17.67 -44.29 4.41
N ARG G 30 18.62 -45.21 4.42
CA ARG G 30 19.14 -45.80 3.19
C ARG G 30 18.19 -46.81 2.57
N LYS G 31 18.17 -46.86 1.25
CA LYS G 31 17.41 -47.86 0.51
C LYS G 31 17.88 -47.94 -0.94
N GLU G 32 18.15 -49.16 -1.40
CA GLU G 32 18.54 -49.38 -2.79
C GLU G 32 17.36 -49.85 -3.63
N VAL G 33 17.14 -49.17 -4.75
CA VAL G 33 16.17 -49.64 -5.74
C VAL G 33 16.80 -49.65 -7.12
N GLU G 34 16.10 -50.27 -8.06
CA GLU G 34 16.58 -50.32 -9.44
C GLU G 34 15.48 -49.87 -10.39
N VAL G 35 15.75 -48.79 -11.12
CA VAL G 35 14.81 -48.28 -12.12
C VAL G 35 15.51 -48.17 -13.47
N LYS G 36 14.73 -48.22 -14.55
CA LYS G 36 15.30 -48.14 -15.88
C LYS G 36 15.98 -46.80 -16.14
N GLY G 37 17.17 -46.85 -16.71
CA GLY G 37 17.89 -45.65 -17.09
C GLY G 37 17.61 -45.30 -18.55
N ASN G 38 18.62 -44.75 -19.22
CA ASN G 38 18.49 -44.34 -20.62
C ASN G 38 17.31 -43.38 -20.83
N ARG G 39 17.17 -42.45 -19.90
CA ARG G 39 16.11 -41.45 -19.94
C ARG G 39 16.52 -40.27 -19.06
N PRO G 40 15.89 -39.10 -19.24
CA PRO G 40 16.22 -37.96 -18.38
C PRO G 40 15.93 -38.24 -16.90
N LEU G 41 16.74 -37.66 -16.02
CA LEU G 41 16.56 -37.82 -14.58
C LEU G 41 15.14 -37.48 -14.16
N ARG G 42 14.57 -36.47 -14.81
CA ARG G 42 13.20 -36.03 -14.58
C ARG G 42 12.20 -37.19 -14.56
N GLU G 43 12.37 -38.12 -15.50
CA GLU G 43 11.47 -39.26 -15.61
C GLU G 43 11.62 -40.23 -14.44
N VAL G 44 12.86 -40.56 -14.11
CA VAL G 44 13.10 -41.57 -13.08
C VAL G 44 12.71 -41.02 -11.70
N LEU G 45 12.83 -39.72 -11.52
CA LEU G 45 12.40 -39.08 -10.27
C LEU G 45 10.88 -39.10 -10.19
N GLU G 46 10.25 -38.89 -11.34
CA GLU G 46 8.79 -38.93 -11.44
C GLU G 46 8.28 -40.34 -11.14
N GLU G 47 8.99 -41.34 -11.66
CA GLU G 47 8.62 -42.74 -11.46
C GLU G 47 8.75 -43.15 -9.99
N LEU G 48 9.72 -42.56 -9.30
CA LEU G 48 9.98 -42.90 -7.91
C LEU G 48 9.11 -42.09 -6.95
N GLY G 49 8.27 -41.21 -7.50
CA GLY G 49 7.39 -40.38 -6.69
C GLY G 49 8.16 -39.41 -5.82
N LEU G 50 9.23 -38.84 -6.38
CA LEU G 50 10.06 -37.89 -5.64
C LEU G 50 9.94 -36.49 -6.22
N ASN G 51 9.76 -35.51 -5.33
CA ASN G 51 9.68 -34.11 -5.70
C ASN G 51 11.08 -33.54 -5.91
N PRO G 52 11.40 -33.15 -7.15
CA PRO G 52 12.73 -32.64 -7.52
C PRO G 52 13.18 -31.43 -6.68
N GLU G 53 12.23 -30.72 -6.08
CA GLU G 53 12.56 -29.56 -5.26
C GLU G 53 12.99 -29.93 -3.84
N THR G 54 12.87 -31.21 -3.50
CA THR G 54 13.19 -31.66 -2.15
C THR G 54 14.34 -32.67 -2.13
N VAL G 55 15.00 -32.87 -3.27
CA VAL G 55 16.12 -33.80 -3.33
C VAL G 55 17.29 -33.24 -4.13
N VAL G 56 18.47 -33.81 -3.90
CA VAL G 56 19.62 -33.56 -4.76
C VAL G 56 20.16 -34.89 -5.28
N ALA G 57 20.17 -35.05 -6.59
CA ALA G 57 20.67 -36.27 -7.19
C ALA G 57 22.16 -36.17 -7.47
N VAL G 58 22.92 -37.12 -6.96
CA VAL G 58 24.37 -37.13 -7.12
C VAL G 58 24.84 -38.35 -7.91
N ARG G 59 25.70 -38.10 -8.89
CA ARG G 59 26.34 -39.19 -9.64
C ARG G 59 27.86 -39.00 -9.62
N GLY G 60 28.56 -39.92 -8.98
CA GLY G 60 29.99 -39.79 -8.80
C GLY G 60 30.31 -38.62 -7.90
N GLU G 61 30.80 -37.53 -8.50
CA GLU G 61 31.06 -36.31 -7.77
C GLU G 61 30.38 -35.13 -8.46
N GLU G 62 29.25 -35.41 -9.08
CA GLU G 62 28.49 -34.41 -9.81
C GLU G 62 27.04 -34.34 -9.35
N LEU G 63 26.54 -33.13 -9.14
CA LEU G 63 25.11 -32.94 -8.98
C LEU G 63 24.49 -33.04 -10.36
N LEU G 64 23.33 -33.68 -10.45
CA LEU G 64 22.63 -33.77 -11.73
C LEU G 64 21.44 -32.81 -11.78
N THR G 65 21.09 -32.39 -12.98
CA THR G 65 19.90 -31.57 -13.18
C THR G 65 18.81 -32.43 -13.81
N LEU G 66 17.57 -31.92 -13.83
CA LEU G 66 16.43 -32.70 -14.29
C LEU G 66 16.55 -33.13 -15.75
N GLU G 67 17.27 -32.35 -16.55
CA GLU G 67 17.40 -32.62 -17.97
C GLU G 67 18.52 -33.63 -18.26
N ASP G 68 19.43 -33.79 -17.30
CA ASP G 68 20.58 -34.66 -17.48
C ASP G 68 20.17 -36.11 -17.72
N GLU G 69 20.88 -36.76 -18.64
CA GLU G 69 20.59 -38.13 -19.03
C GLU G 69 21.26 -39.13 -18.11
N VAL G 70 20.49 -40.08 -17.56
CA VAL G 70 21.05 -41.12 -16.72
C VAL G 70 20.99 -42.48 -17.42
N ARG G 71 22.13 -43.16 -17.44
CA ARG G 71 22.27 -44.42 -18.18
C ARG G 71 21.99 -45.63 -17.28
N GLU G 72 22.07 -46.82 -17.88
CA GLU G 72 21.73 -48.06 -17.19
C GLU G 72 22.83 -48.50 -16.21
N GLU G 73 24.02 -47.94 -16.38
CA GLU G 73 25.17 -48.37 -15.59
C GLU G 73 25.53 -47.39 -14.48
N ASP G 74 24.91 -46.22 -14.49
CA ASP G 74 25.20 -45.20 -13.48
C ASP G 74 24.70 -45.62 -12.11
N THR G 75 25.25 -45.00 -11.08
CA THR G 75 24.76 -45.19 -9.72
C THR G 75 24.42 -43.84 -9.12
N LEU G 76 23.14 -43.62 -8.86
CA LEU G 76 22.66 -42.33 -8.37
C LEU G 76 22.46 -42.34 -6.86
N GLU G 77 22.96 -41.31 -6.20
CA GLU G 77 22.64 -41.09 -4.80
C GLU G 77 21.70 -39.89 -4.70
N VAL G 78 20.46 -40.15 -4.32
CA VAL G 78 19.49 -39.08 -4.19
C VAL G 78 19.30 -38.74 -2.71
N LEU G 79 19.76 -37.55 -2.35
CA LEU G 79 19.75 -37.11 -0.96
C LEU G 79 18.55 -36.20 -0.69
N SER G 80 17.83 -36.48 0.40
CA SER G 80 16.75 -35.60 0.83
C SER G 80 17.34 -34.32 1.40
N ALA G 81 16.83 -33.18 0.92
CA ALA G 81 17.30 -31.88 1.41
C ALA G 81 16.52 -31.44 2.63
N ILE G 82 15.43 -32.15 2.90
CA ILE G 82 14.51 -31.79 3.97
C ILE G 82 15.02 -32.22 5.34
N VAL H 24 -3.67 35.49 29.50
CA VAL H 24 -2.45 34.88 28.98
C VAL H 24 -2.59 34.55 27.50
N LEU H 25 -1.57 34.88 26.72
CA LEU H 25 -1.61 34.67 25.27
C LEU H 25 -0.19 34.55 24.71
N ARG H 26 0.33 33.32 24.66
CA ARG H 26 1.68 33.10 24.17
C ARG H 26 1.72 32.38 22.82
N LEU H 27 2.27 33.05 21.81
CA LEU H 27 2.46 32.39 20.52
C LEU H 27 3.84 32.65 19.90
N PRO H 28 4.92 32.28 20.61
CA PRO H 28 5.05 31.84 22.00
C PRO H 28 5.55 32.96 22.89
N GLU H 29 5.16 34.19 22.57
CA GLU H 29 5.78 35.39 23.13
C GLU H 29 5.21 35.85 24.49
N ARG H 30 4.05 35.33 24.86
CA ARG H 30 3.38 35.63 26.13
C ARG H 30 2.94 37.09 26.23
N LYS H 31 2.80 37.75 25.09
CA LYS H 31 2.31 39.12 25.05
C LYS H 31 0.82 39.15 25.40
N GLU H 32 0.51 39.60 26.61
CA GLU H 32 -0.86 39.68 27.11
C GLU H 32 -1.78 40.46 26.17
N VAL H 35 -10.23 39.01 28.88
CA VAL H 35 -11.36 38.15 28.57
C VAL H 35 -12.50 38.95 27.97
N LYS H 36 -12.94 38.57 26.77
CA LYS H 36 -14.03 39.27 26.09
C LYS H 36 -15.12 38.31 25.62
N GLY H 37 -16.34 38.54 26.10
CA GLY H 37 -17.51 37.84 25.62
C GLY H 37 -17.77 36.48 26.24
N ASN H 38 -19.04 36.25 26.58
CA ASN H 38 -19.50 34.95 27.05
C ASN H 38 -20.09 34.17 25.88
N ARG H 39 -19.23 33.44 25.17
CA ARG H 39 -19.61 32.83 23.91
C ARG H 39 -18.66 31.68 23.57
N PRO H 40 -18.97 30.89 22.52
CA PRO H 40 -18.04 29.82 22.11
C PRO H 40 -16.62 30.29 21.84
N LEU H 41 -15.65 29.42 22.07
CA LEU H 41 -14.25 29.74 21.86
C LEU H 41 -13.96 29.95 20.37
N ARG H 42 -14.82 29.36 19.54
CA ARG H 42 -14.73 29.49 18.09
C ARG H 42 -14.74 30.95 17.65
N GLU H 43 -15.54 31.76 18.32
CA GLU H 43 -15.70 33.16 17.96
C GLU H 43 -14.58 34.03 18.51
N VAL H 44 -14.06 33.68 19.68
CA VAL H 44 -13.01 34.51 20.29
C VAL H 44 -11.70 34.36 19.52
N LEU H 45 -11.52 33.22 18.86
CA LEU H 45 -10.34 33.00 18.02
C LEU H 45 -10.49 33.70 16.68
N GLU H 46 -11.72 33.77 16.19
CA GLU H 46 -12.01 34.39 14.91
C GLU H 46 -11.78 35.90 14.98
N GLU H 47 -12.25 36.50 16.06
CA GLU H 47 -12.01 37.91 16.32
C GLU H 47 -10.53 38.17 16.56
N LEU H 48 -9.86 37.20 17.19
CA LEU H 48 -8.44 37.29 17.47
C LEU H 48 -7.61 37.25 16.19
N GLY H 49 -8.14 36.55 15.18
CA GLY H 49 -7.42 36.34 13.94
C GLY H 49 -6.51 35.12 14.05
N LEU H 50 -6.91 34.15 14.87
CA LEU H 50 -6.09 32.95 15.08
C LEU H 50 -6.71 31.70 14.47
N ASN H 51 -5.94 31.04 13.60
CA ASN H 51 -6.34 29.77 13.03
C ASN H 51 -6.43 28.70 14.12
N PRO H 52 -7.63 28.11 14.30
CA PRO H 52 -7.88 27.11 15.35
C PRO H 52 -7.03 25.84 15.19
N GLU H 53 -6.51 25.60 13.99
CA GLU H 53 -5.67 24.43 13.76
C GLU H 53 -4.22 24.68 14.12
N THR H 54 -3.87 25.94 14.36
CA THR H 54 -2.50 26.32 14.65
C THR H 54 -2.29 26.57 16.13
N VAL H 55 -3.37 26.56 16.91
CA VAL H 55 -3.29 26.88 18.32
C VAL H 55 -3.95 25.82 19.20
N VAL H 56 -3.70 25.93 20.50
CA VAL H 56 -4.31 25.07 21.50
C VAL H 56 -4.71 25.91 22.72
N ALA H 57 -5.96 25.80 23.13
CA ALA H 57 -6.46 26.55 24.27
C ALA H 57 -6.64 25.66 25.49
N VAL H 58 -5.96 26.02 26.58
CA VAL H 58 -6.06 25.26 27.82
C VAL H 58 -6.69 26.10 28.94
N ARG H 59 -7.73 25.56 29.55
CA ARG H 59 -8.39 26.21 30.68
C ARG H 59 -8.22 25.37 31.95
N GLY H 60 -7.65 25.99 32.98
CA GLY H 60 -7.35 25.27 34.20
C GLY H 60 -6.33 24.17 33.94
N GLU H 61 -6.71 22.94 34.22
CA GLU H 61 -5.84 21.79 33.98
C GLU H 61 -6.32 20.98 32.78
N GLU H 62 -7.39 21.45 32.14
CA GLU H 62 -7.97 20.73 31.01
C GLU H 62 -7.86 21.50 29.71
N LEU H 63 -8.22 20.84 28.61
CA LEU H 63 -8.12 21.42 27.28
C LEU H 63 -9.50 21.74 26.72
N LEU H 64 -9.57 22.75 25.86
CA LEU H 64 -10.84 23.20 25.33
C LEU H 64 -10.99 22.98 23.84
N THR H 65 -12.18 22.56 23.42
CA THR H 65 -12.51 22.45 22.02
C THR H 65 -13.27 23.71 21.57
N LEU H 66 -13.41 23.88 20.26
CA LEU H 66 -14.12 25.03 19.71
C LEU H 66 -15.58 25.06 20.18
N GLU H 67 -16.14 23.88 20.40
CA GLU H 67 -17.53 23.74 20.83
C GLU H 67 -17.76 24.34 22.21
N ASP H 68 -16.77 24.23 23.07
CA ASP H 68 -16.88 24.66 24.47
C ASP H 68 -17.17 26.15 24.60
N GLU H 69 -18.03 26.49 25.56
CA GLU H 69 -18.37 27.87 25.83
C GLU H 69 -17.27 28.55 26.64
N VAL H 70 -17.04 29.83 26.39
CA VAL H 70 -16.05 30.60 27.15
C VAL H 70 -16.74 31.66 27.99
N ARG H 71 -16.81 31.40 29.29
CA ARG H 71 -17.37 32.37 30.23
C ARG H 71 -16.37 33.51 30.46
N GLU H 72 -16.89 34.72 30.64
CA GLU H 72 -16.06 35.90 30.82
C GLU H 72 -15.30 35.86 32.13
N GLU H 73 -15.86 35.15 33.11
CA GLU H 73 -15.23 34.98 34.41
C GLU H 73 -13.92 34.22 34.32
N GLU H 77 -4.95 29.85 28.65
CA GLU H 77 -3.89 30.40 27.81
C GLU H 77 -3.88 29.76 26.42
N VAL H 78 -3.59 30.57 25.41
CA VAL H 78 -3.52 30.10 24.03
C VAL H 78 -2.07 29.76 23.66
N LEU H 79 -1.86 28.52 23.24
CA LEU H 79 -0.52 28.01 22.98
C LEU H 79 -0.26 27.80 21.48
N SER H 80 0.86 28.33 20.99
CA SER H 80 1.25 28.09 19.61
C SER H 80 1.72 26.65 19.45
N ALA H 81 1.30 26.00 18.37
CA ALA H 81 1.67 24.61 18.13
C ALA H 81 2.72 24.48 17.04
N ILE H 82 3.04 25.59 16.40
CA ILE H 82 3.97 25.56 15.27
C ILE H 82 5.43 25.66 15.70
N SER H 83 6.21 24.65 15.35
CA SER H 83 7.64 24.64 15.60
C SER H 83 8.40 25.17 14.38
ZN ZN I . -29.11 -41.77 11.76
ZN ZN J . -19.20 -1.70 -18.69
S SO4 K . -12.41 -3.08 -13.35
O1 SO4 K . -12.63 -1.98 -14.28
O2 SO4 K . -12.75 -2.63 -12.00
O3 SO4 K . -13.25 -4.20 -13.74
O4 SO4 K . -11.00 -3.49 -13.38
S SO4 L . -4.25 -6.66 -32.35
O1 SO4 L . -4.34 -5.32 -32.94
O2 SO4 L . -4.74 -6.62 -30.98
O3 SO4 L . -5.07 -7.58 -33.14
O4 SO4 L . -2.87 -7.12 -32.37
ZN ZN M . 8.80 52.46 -20.40
ZN ZN N . -23.70 13.39 -27.53
C1 EDO O . -12.78 35.73 -18.53
O1 EDO O . -13.37 34.59 -19.14
C2 EDO O . -12.97 35.67 -17.02
O2 EDO O . -12.18 36.68 -16.37
C1 EDO P . 5.93 34.00 -12.06
O1 EDO P . 5.24 33.37 -10.96
C2 EDO P . 4.94 34.60 -13.05
O2 EDO P . 4.16 35.64 -12.45
ZN ZN Q . 29.96 -20.84 -14.45
ZN ZN R . 15.97 -17.92 34.36
C1 EDO S . 13.67 -19.13 -3.71
O1 EDO S . 14.07 -20.50 -3.87
C2 EDO S . 12.37 -18.87 -4.46
O2 EDO S . 11.28 -19.58 -3.87
C1 EDO T . 1.78 -24.14 14.90
O1 EDO T . 1.87 -25.53 14.58
C2 EDO T . 3.14 -23.48 14.67
O2 EDO T . 3.44 -23.40 13.27
ZN ZN U . -13.11 8.71 27.03
ZN ZN V . 33.39 14.38 6.09
S SO4 W . 27.39 16.25 0.50
O1 SO4 W . 27.01 17.60 0.05
O2 SO4 W . 26.88 16.03 1.85
O3 SO4 W . 26.84 15.26 -0.41
O4 SO4 W . 28.85 16.14 0.51
C1 EDO X . 12.09 22.35 0.12
O1 EDO X . 11.12 22.21 1.16
C2 EDO X . 12.22 23.80 -0.28
O2 EDO X . 13.04 23.90 -1.45
C1 EDO Y . -15.22 -42.35 0.98
O1 EDO Y . -16.00 -43.22 0.14
C2 EDO Y . -13.87 -42.11 0.34
O2 EDO Y . -13.11 -41.20 1.15
#